data_1HPU
#
_entry.id   1HPU
#
_cell.length_a   89.400
_cell.length_b   89.960
_cell.length_c   96.260
_cell.angle_alpha   110.79
_cell.angle_beta   106.43
_cell.angle_gamma   107.76
#
_symmetry.space_group_name_H-M   'P 1'
#
loop_
_entity.id
_entity.type
_entity.pdbx_description
1 polymer "5'-NUCLEOTIDASE"
2 non-polymer 'MANGANESE (II) ION'
3 non-polymer 'PHOSPHOMETHYLPHOSPHONIC ACID ADENOSYL ESTER'
4 water water
#
_entity_poly.entity_id   1
_entity_poly.type   'polypeptide(L)'
_entity_poly.pdbx_seq_one_letter_code
;YEQDKTYKITVLHTNDHHGHFWRNEYGEYGLAAQKTLVDGIRKEVAAEGGSVLLLSGGDINTGVPESDLQDAEPDFRGMN
LVGYDAMAIGNHEFDNPLTVLRQQEKWAKFPLLSANIYQKSTGERLFKPWALFKRQDLKIAVIGLTTDDTAKIGNPEYFT
DIEFRKPADEAKLVIQELQQTEKPDIIIAATHMGHYDNGEHGSNAPGDVEMARALPAGSLAMIVGGHSQDPVCMAAENKK
QVDYVPGTPCKPDQQNGIWIVQAHEWGKYVGRADFEFRNGEMKMVNYQLIPVNLKKKVTWEDGKSERVLYTPEIAENQQM
ISLLSPFQNKGKAQLEVKIGETNGRLEGDRDKVRFVQTNMGRLILAAQMDRTGADFAVMSGGGIRDSIEAGDISYKNVLK
VQPFGNVVVYADMTGKEVIDYLTAVAQMKPDSGAYPQFANVSFVAKDGKLNDLKIKGEPVDPAKTYRMATLNFNATGGDG
YPRLDNKPGYVNTGFIDAEVLKAYIQKSSPLDVSVYEPKGEVSWQ
;
_entity_poly.pdbx_strand_id   A,B,C,D
#
loop_
_chem_comp.id
_chem_comp.type
_chem_comp.name
_chem_comp.formula
A12 non-polymer 'PHOSPHOMETHYLPHOSPHONIC ACID ADENOSYL ESTER' 'C11 H17 N5 O9 P2'
MN non-polymer 'MANGANESE (II) ION' 'Mn 2'
#
# COMPACT_ATOMS: atom_id res chain seq x y z
N TYR A 1 9.12 34.09 49.39
CA TYR A 1 9.00 34.55 47.97
C TYR A 1 9.59 35.94 47.84
N GLU A 2 9.98 36.32 46.62
CA GLU A 2 10.54 37.65 46.42
C GLU A 2 9.41 38.65 46.65
N GLN A 3 9.69 39.65 47.49
CA GLN A 3 8.73 40.68 47.84
C GLN A 3 8.38 41.54 46.63
N ASP A 4 7.08 41.72 46.42
CA ASP A 4 6.55 42.53 45.32
C ASP A 4 6.78 41.97 43.91
N LYS A 5 7.33 40.78 43.82
CA LYS A 5 7.53 40.13 42.54
C LYS A 5 6.24 39.42 42.13
N THR A 6 5.85 39.58 40.86
CA THR A 6 4.65 38.92 40.36
C THR A 6 5.10 37.64 39.66
N TYR A 7 4.55 36.51 40.09
CA TYR A 7 4.88 35.23 39.46
C TYR A 7 3.71 34.81 38.58
N LYS A 8 4.02 34.18 37.45
CA LYS A 8 2.98 33.71 36.54
C LYS A 8 2.93 32.18 36.68
N ILE A 9 1.74 31.67 36.98
CA ILE A 9 1.54 30.24 37.17
C ILE A 9 0.31 29.84 36.40
N THR A 10 0.46 28.85 35.52
CA THR A 10 -0.66 28.35 34.73
C THR A 10 -0.94 26.92 35.19
N VAL A 11 -2.19 26.67 35.54
CA VAL A 11 -2.58 25.33 35.98
C VAL A 11 -3.48 24.76 34.90
N LEU A 12 -3.05 23.65 34.32
CA LEU A 12 -3.81 22.95 33.29
C LEU A 12 -4.49 21.77 33.98
N HIS A 13 -5.67 21.37 33.52
CA HIS A 13 -6.32 20.24 34.16
C HIS A 13 -7.30 19.53 33.25
N THR A 14 -7.50 18.25 33.52
CA THR A 14 -8.45 17.42 32.82
C THR A 14 -9.00 16.49 33.89
N ASN A 15 -10.00 15.72 33.52
CA ASN A 15 -10.56 14.77 34.48
C ASN A 15 -11.45 13.79 33.76
N ASP A 16 -11.74 12.68 34.44
CA ASP A 16 -12.68 11.70 33.89
C ASP A 16 -12.35 11.24 32.47
N HIS A 17 -11.07 10.94 32.29
CA HIS A 17 -10.48 10.45 31.04
C HIS A 17 -11.20 9.17 30.57
N HIS A 18 -11.45 8.27 31.50
CA HIS A 18 -12.20 7.05 31.18
C HIS A 18 -11.77 6.25 29.94
N GLY A 19 -10.48 5.91 29.88
CA GLY A 19 -9.95 5.09 28.80
C GLY A 19 -9.83 5.72 27.41
N HIS A 20 -10.11 7.01 27.28
CA HIS A 20 -10.04 7.65 25.96
C HIS A 20 -8.65 8.09 25.51
N PHE A 21 -7.69 7.16 25.51
CA PHE A 21 -6.33 7.51 25.10
C PHE A 21 -6.24 7.80 23.60
N TRP A 22 -7.18 7.24 22.84
CA TRP A 22 -7.19 7.42 21.39
C TRP A 22 -8.26 8.41 20.97
N ARG A 23 -8.06 9.03 19.80
CA ARG A 23 -9.04 9.97 19.28
C ARG A 23 -10.31 9.17 18.98
N ASN A 24 -11.46 9.83 18.91
CA ASN A 24 -12.69 9.10 18.60
C ASN A 24 -12.87 8.98 17.07
N GLU A 25 -14.00 8.41 16.65
CA GLU A 25 -14.30 8.17 15.25
C GLU A 25 -14.38 9.43 14.38
N TYR A 26 -14.59 10.58 15.01
CA TYR A 26 -14.68 11.83 14.29
C TYR A 26 -13.42 12.69 14.44
N GLY A 27 -12.34 12.06 14.88
CA GLY A 27 -11.08 12.77 15.06
C GLY A 27 -11.02 13.70 16.25
N GLU A 28 -11.93 13.51 17.21
CA GLU A 28 -11.95 14.36 18.39
C GLU A 28 -11.07 13.79 19.50
N TYR A 29 -10.55 14.70 20.32
CA TYR A 29 -9.69 14.42 21.46
C TYR A 29 -8.57 13.38 21.30
N GLY A 30 -8.31 12.61 22.35
CA GLY A 30 -7.21 11.65 22.32
C GLY A 30 -5.98 12.28 22.96
N LEU A 31 -5.05 11.48 23.46
CA LEU A 31 -3.89 12.05 24.12
C LEU A 31 -2.81 12.56 23.18
N ALA A 32 -2.83 12.15 21.91
CA ALA A 32 -1.82 12.62 20.97
C ALA A 32 -1.99 14.11 20.75
N ALA A 33 -3.24 14.53 20.53
CA ALA A 33 -3.52 15.95 20.33
C ALA A 33 -3.33 16.67 21.67
N GLN A 34 -3.68 16.00 22.76
CA GLN A 34 -3.51 16.63 24.07
C GLN A 34 -2.04 16.96 24.32
N LYS A 35 -1.17 16.03 23.96
CA LYS A 35 0.25 16.21 24.12
C LYS A 35 0.72 17.46 23.33
N THR A 36 0.29 17.57 22.08
CA THR A 36 0.69 18.73 21.25
C THR A 36 0.20 20.03 21.88
N LEU A 37 -1.05 20.03 22.33
CA LEU A 37 -1.65 21.19 22.95
C LEU A 37 -0.88 21.61 24.19
N VAL A 38 -0.62 20.68 25.09
CA VAL A 38 0.11 20.97 26.31
C VAL A 38 1.57 21.39 26.05
N ASP A 39 2.24 20.70 25.12
CA ASP A 39 3.62 21.07 24.82
C ASP A 39 3.64 22.54 24.45
N GLY A 40 2.70 22.94 23.60
CA GLY A 40 2.61 24.31 23.16
C GLY A 40 2.39 25.31 24.30
N ILE A 41 1.59 24.95 25.30
CA ILE A 41 1.34 25.87 26.39
C ILE A 41 2.59 26.02 27.21
N ARG A 42 3.29 24.92 27.41
CA ARG A 42 4.53 24.95 28.18
C ARG A 42 5.57 25.85 27.50
N LYS A 43 5.63 25.84 26.18
CA LYS A 43 6.60 26.68 25.48
C LYS A 43 6.22 28.15 25.68
N GLU A 44 4.94 28.45 25.49
CA GLU A 44 4.45 29.80 25.66
C GLU A 44 4.66 30.32 27.09
N VAL A 45 4.37 29.48 28.09
CA VAL A 45 4.52 29.91 29.47
C VAL A 45 5.99 30.08 29.86
N ALA A 46 6.85 29.20 29.36
CA ALA A 46 8.26 29.31 29.66
C ALA A 46 8.81 30.62 29.07
N ALA A 47 8.31 30.97 27.89
CA ALA A 47 8.75 32.19 27.21
C ALA A 47 8.27 33.46 27.90
N GLU A 48 7.16 33.37 28.63
CA GLU A 48 6.63 34.54 29.33
C GLU A 48 7.17 34.51 30.77
N GLY A 49 8.08 33.56 31.01
CA GLY A 49 8.72 33.41 32.30
C GLY A 49 7.93 32.76 33.43
N GLY A 50 6.84 32.07 33.11
CA GLY A 50 6.06 31.45 34.17
C GLY A 50 6.29 29.97 34.44
N SER A 51 5.36 29.38 35.18
CA SER A 51 5.44 27.97 35.51
C SER A 51 4.12 27.31 35.09
N VAL A 52 4.17 26.00 34.93
CA VAL A 52 3.00 25.22 34.56
C VAL A 52 2.86 24.05 35.50
N LEU A 53 1.63 23.70 35.86
CA LEU A 53 1.32 22.56 36.72
C LEU A 53 0.15 21.93 35.98
N LEU A 54 0.20 20.60 35.75
CA LEU A 54 -0.88 19.92 35.04
C LEU A 54 -1.46 18.85 35.97
N LEU A 55 -2.77 18.97 36.24
CA LEU A 55 -3.40 18.02 37.16
C LEU A 55 -4.59 17.30 36.59
N SER A 56 -4.83 16.10 37.12
CA SER A 56 -5.97 15.31 36.71
C SER A 56 -6.94 15.12 37.89
N GLY A 57 -8.24 15.18 37.59
CA GLY A 57 -9.29 14.97 38.59
C GLY A 57 -9.64 13.49 38.73
N GLY A 58 -8.88 12.63 38.09
CA GLY A 58 -9.13 11.20 38.24
C GLY A 58 -10.15 10.50 37.35
N ASP A 59 -10.34 9.21 37.62
CA ASP A 59 -11.24 8.37 36.83
C ASP A 59 -10.62 8.23 35.43
N ILE A 60 -9.41 7.70 35.41
CA ILE A 60 -8.67 7.44 34.17
C ILE A 60 -9.19 6.10 33.66
N ASN A 61 -9.52 5.21 34.61
CA ASN A 61 -10.03 3.88 34.28
C ASN A 61 -11.45 3.74 33.79
N THR A 62 -11.63 2.78 32.90
CA THR A 62 -12.93 2.38 32.41
C THR A 62 -13.77 3.22 31.47
N GLY A 63 -14.07 2.68 30.29
CA GLY A 63 -14.89 3.46 29.36
C GLY A 63 -14.57 3.18 27.89
N VAL A 64 -13.45 2.52 27.63
CA VAL A 64 -13.09 2.18 26.24
C VAL A 64 -12.48 0.79 26.28
N PRO A 65 -13.08 -0.16 25.56
CA PRO A 65 -12.56 -1.54 25.55
C PRO A 65 -11.05 -1.71 25.42
N GLU A 66 -10.44 -1.08 24.41
CA GLU A 66 -9.01 -1.22 24.22
C GLU A 66 -8.23 -0.83 25.47
N SER A 67 -8.74 0.18 26.19
CA SER A 67 -8.10 0.62 27.42
C SER A 67 -8.45 -0.37 28.53
N ASP A 68 -9.75 -0.62 28.70
CA ASP A 68 -10.24 -1.52 29.76
C ASP A 68 -9.46 -2.85 29.75
N LEU A 69 -9.42 -3.53 28.60
CA LEU A 69 -8.72 -4.81 28.48
C LEU A 69 -7.24 -4.74 28.87
N GLN A 70 -6.64 -3.55 28.82
CA GLN A 70 -5.23 -3.47 29.18
C GLN A 70 -4.97 -2.72 30.49
N ASP A 71 -5.99 -2.70 31.35
CA ASP A 71 -5.90 -2.04 32.66
C ASP A 71 -5.36 -0.61 32.54
N ALA A 72 -5.81 0.05 31.49
CA ALA A 72 -5.46 1.42 31.21
C ALA A 72 -3.95 1.71 31.15
N GLU A 73 -3.15 0.72 30.75
CA GLU A 73 -1.72 0.98 30.62
C GLU A 73 -1.49 2.09 29.58
N PRO A 74 -2.17 2.03 28.42
CA PRO A 74 -1.93 3.10 27.44
C PRO A 74 -2.22 4.50 28.01
N ASP A 75 -3.27 4.59 28.81
CA ASP A 75 -3.64 5.88 29.37
C ASP A 75 -2.64 6.44 30.36
N PHE A 76 -2.13 5.60 31.26
CA PHE A 76 -1.15 6.10 32.23
C PHE A 76 0.16 6.42 31.51
N ARG A 77 0.61 5.53 30.64
CA ARG A 77 1.84 5.83 29.91
C ARG A 77 1.64 7.09 29.09
N GLY A 78 0.47 7.25 28.49
CA GLY A 78 0.22 8.45 27.70
C GLY A 78 0.27 9.69 28.57
N MET A 79 -0.29 9.59 29.79
CA MET A 79 -0.27 10.74 30.67
C MET A 79 1.16 11.07 31.07
N ASN A 80 2.04 10.07 31.12
CA ASN A 80 3.42 10.37 31.47
C ASN A 80 3.99 11.26 30.37
N LEU A 81 3.64 10.95 29.13
CA LEU A 81 4.18 11.71 27.99
C LEU A 81 3.61 13.12 27.90
N VAL A 82 2.33 13.30 28.26
CA VAL A 82 1.75 14.64 28.24
C VAL A 82 2.46 15.42 29.35
N GLY A 83 2.83 14.71 30.41
CA GLY A 83 3.53 15.34 31.52
C GLY A 83 2.72 15.72 32.75
N TYR A 84 1.75 14.89 33.15
CA TYR A 84 0.95 15.23 34.32
C TYR A 84 1.84 15.29 35.54
N ASP A 85 1.54 16.22 36.42
CA ASP A 85 2.28 16.40 37.66
C ASP A 85 1.65 15.64 38.82
N ALA A 86 0.33 15.43 38.77
CA ALA A 86 -0.37 14.71 39.84
C ALA A 86 -1.80 14.39 39.41
N MET A 87 -2.41 13.44 40.11
CA MET A 87 -3.78 13.05 39.83
C MET A 87 -4.50 12.65 41.12
N ALA A 88 -5.77 13.03 41.24
CA ALA A 88 -6.59 12.64 42.38
C ALA A 88 -7.14 11.27 42.02
N ILE A 89 -7.23 10.37 43.00
CA ILE A 89 -7.76 9.04 42.74
C ILE A 89 -9.29 9.17 42.60
N GLY A 90 -9.83 8.58 41.53
CA GLY A 90 -11.27 8.64 41.30
C GLY A 90 -11.85 7.31 41.75
N ASN A 91 -13.18 7.18 41.77
CA ASN A 91 -13.77 5.93 42.22
C ASN A 91 -13.49 4.80 41.27
N HIS A 92 -13.41 5.11 39.97
CA HIS A 92 -13.16 4.07 39.00
C HIS A 92 -11.78 3.46 39.04
N GLU A 93 -10.86 4.03 39.82
CA GLU A 93 -9.52 3.42 39.95
C GLU A 93 -9.67 2.20 40.88
N PHE A 94 -10.88 1.96 41.36
CA PHE A 94 -11.15 0.81 42.22
C PHE A 94 -12.05 -0.16 41.48
N ASP A 95 -12.09 -0.05 40.16
CA ASP A 95 -12.91 -0.97 39.36
C ASP A 95 -12.16 -2.31 39.26
N ASN A 96 -10.87 -2.25 39.56
CA ASN A 96 -10.00 -3.43 39.53
C ASN A 96 -9.41 -3.66 40.90
N PRO A 97 -8.81 -4.85 41.13
CA PRO A 97 -8.20 -5.16 42.42
C PRO A 97 -7.14 -4.14 42.72
N LEU A 98 -6.82 -3.98 44.00
CA LEU A 98 -5.83 -3.02 44.40
C LEU A 98 -4.49 -3.28 43.71
N THR A 99 -4.15 -4.54 43.47
CA THR A 99 -2.88 -4.84 42.83
C THR A 99 -2.81 -4.13 41.46
N VAL A 100 -3.93 -4.08 40.75
CA VAL A 100 -3.94 -3.39 39.48
C VAL A 100 -3.67 -1.90 39.70
N LEU A 101 -4.35 -1.29 40.67
CA LEU A 101 -4.15 0.12 40.93
C LEU A 101 -2.70 0.39 41.34
N ARG A 102 -2.09 -0.54 42.10
CA ARG A 102 -0.70 -0.37 42.52
C ARG A 102 0.17 -0.45 41.26
N GLN A 103 -0.21 -1.32 40.32
CA GLN A 103 0.56 -1.44 39.08
C GLN A 103 0.46 -0.13 38.31
N GLN A 104 -0.71 0.51 38.38
CA GLN A 104 -0.89 1.77 37.68
C GLN A 104 0.00 2.85 38.33
N GLU A 105 0.23 2.77 39.64
CA GLU A 105 1.12 3.74 40.28
C GLU A 105 2.55 3.51 39.80
N LYS A 106 2.88 2.26 39.54
CA LYS A 106 4.22 1.92 39.02
C LYS A 106 4.37 2.58 37.65
N TRP A 107 3.38 2.36 36.78
CA TRP A 107 3.40 2.94 35.44
C TRP A 107 3.48 4.45 35.50
N ALA A 108 2.59 5.04 36.30
CA ALA A 108 2.54 6.49 36.42
C ALA A 108 3.79 7.10 37.04
N LYS A 109 4.40 8.03 36.31
CA LYS A 109 5.58 8.71 36.82
C LYS A 109 5.14 9.89 37.69
N PHE A 110 3.82 10.09 37.81
CA PHE A 110 3.27 11.16 38.64
C PHE A 110 2.51 10.50 39.79
N PRO A 111 2.45 11.15 40.96
CA PRO A 111 1.72 10.53 42.08
C PRO A 111 0.20 10.47 41.95
N LEU A 112 -0.40 9.36 42.40
CA LEU A 112 -1.85 9.22 42.38
C LEU A 112 -2.17 9.57 43.84
N LEU A 113 -2.87 10.68 44.03
CA LEU A 113 -3.12 11.18 45.37
C LEU A 113 -4.49 11.06 45.97
N SER A 114 -4.53 10.82 47.28
CA SER A 114 -5.80 10.81 47.99
C SER A 114 -5.55 10.75 49.49
N ALA A 115 -5.93 11.82 50.15
CA ALA A 115 -5.72 11.94 51.57
C ALA A 115 -6.79 11.27 52.43
N ASN A 116 -7.96 10.99 51.87
CA ASN A 116 -9.03 10.44 52.70
C ASN A 116 -9.33 8.94 52.62
N ILE A 117 -8.48 8.17 51.95
CA ILE A 117 -8.71 6.74 51.83
C ILE A 117 -7.82 6.05 52.86
N TYR A 118 -8.43 5.24 53.72
CA TYR A 118 -7.69 4.55 54.77
C TYR A 118 -7.91 3.05 54.82
N GLN A 119 -6.93 2.35 55.36
CA GLN A 119 -7.06 0.91 55.51
C GLN A 119 -7.68 0.80 56.90
N LYS A 120 -8.85 0.18 56.99
CA LYS A 120 -9.54 0.08 58.27
C LYS A 120 -8.75 -0.60 59.38
N SER A 121 -8.16 -1.75 59.06
CA SER A 121 -7.39 -2.53 60.04
C SER A 121 -6.09 -1.89 60.56
N THR A 122 -5.71 -0.75 60.01
CA THR A 122 -4.49 -0.10 60.45
C THR A 122 -4.68 1.38 60.75
N GLY A 123 -5.79 1.94 60.26
CA GLY A 123 -6.06 3.35 60.45
C GLY A 123 -5.05 4.20 59.70
N GLU A 124 -4.47 3.63 58.66
CA GLU A 124 -3.47 4.36 57.87
C GLU A 124 -3.91 4.60 56.43
N ARG A 125 -3.42 5.69 55.86
CA ARG A 125 -3.73 6.05 54.47
C ARG A 125 -3.15 5.03 53.51
N LEU A 126 -3.86 4.73 52.42
CA LEU A 126 -3.37 3.79 51.41
C LEU A 126 -2.58 4.54 50.32
N PHE A 127 -2.70 5.85 50.30
CA PHE A 127 -2.01 6.68 49.31
C PHE A 127 -1.42 7.92 49.93
N LYS A 128 -0.63 8.63 49.13
CA LYS A 128 -0.06 9.87 49.60
C LYS A 128 -1.19 10.90 49.60
N PRO A 129 -1.28 11.71 50.66
CA PRO A 129 -2.33 12.74 50.79
C PRO A 129 -2.09 13.97 49.93
N TRP A 130 -0.83 14.30 49.70
CA TRP A 130 -0.50 15.47 48.90
C TRP A 130 0.88 15.30 48.25
N ALA A 131 1.24 16.27 47.42
CA ALA A 131 2.54 16.29 46.76
C ALA A 131 2.98 17.74 46.72
N LEU A 132 4.27 17.96 46.93
CA LEU A 132 4.79 19.32 46.91
C LEU A 132 5.57 19.55 45.62
N PHE A 133 5.44 20.75 45.06
CA PHE A 133 6.13 21.11 43.84
C PHE A 133 6.85 22.42 44.01
N LYS A 134 7.96 22.57 43.33
CA LYS A 134 8.72 23.80 43.40
C LYS A 134 8.65 24.42 42.01
N ARG A 135 8.26 25.68 41.96
CA ARG A 135 8.20 26.42 40.70
C ARG A 135 8.84 27.75 41.06
N GLN A 136 9.87 28.13 40.32
CA GLN A 136 10.61 29.33 40.63
C GLN A 136 10.98 29.09 42.08
N ASP A 137 10.72 30.04 42.98
CA ASP A 137 11.08 29.77 44.37
C ASP A 137 9.86 29.57 45.26
N LEU A 138 8.71 29.30 44.64
CA LEU A 138 7.46 29.07 45.36
C LEU A 138 7.28 27.59 45.65
N LYS A 139 6.59 27.31 46.76
CA LYS A 139 6.31 25.93 47.17
C LYS A 139 4.80 25.76 46.95
N ILE A 140 4.42 24.75 46.17
CA ILE A 140 3.00 24.52 45.89
C ILE A 140 2.61 23.13 46.33
N ALA A 141 1.59 23.06 47.17
CA ALA A 141 1.11 21.77 47.64
C ALA A 141 -0.18 21.40 46.90
N VAL A 142 -0.27 20.15 46.46
CA VAL A 142 -1.47 19.66 45.81
C VAL A 142 -1.98 18.50 46.64
N ILE A 143 -3.20 18.64 47.13
CA ILE A 143 -3.85 17.62 47.96
C ILE A 143 -4.79 16.85 47.06
N GLY A 144 -4.93 15.55 47.33
CA GLY A 144 -5.84 14.70 46.57
C GLY A 144 -6.98 14.23 47.46
N LEU A 145 -8.20 14.23 46.93
CA LEU A 145 -9.38 13.78 47.68
C LEU A 145 -10.27 12.97 46.75
N THR A 146 -10.85 11.90 47.28
CA THR A 146 -11.73 11.00 46.53
C THR A 146 -13.12 10.95 47.14
N THR A 147 -14.17 11.03 46.31
CA THR A 147 -15.52 11.01 46.84
C THR A 147 -15.75 9.82 47.76
N ASP A 148 -16.42 10.06 48.88
CA ASP A 148 -16.70 8.97 49.81
C ASP A 148 -17.95 8.20 49.39
N ASP A 149 -18.40 8.44 48.17
CA ASP A 149 -19.51 7.69 47.62
C ASP A 149 -18.86 6.43 47.01
N THR A 150 -17.53 6.45 46.89
CA THR A 150 -16.84 5.33 46.25
C THR A 150 -17.25 3.93 46.69
N ALA A 151 -17.27 3.67 48.00
CA ALA A 151 -17.65 2.34 48.47
C ALA A 151 -19.16 2.14 48.35
N LYS A 152 -19.89 3.24 48.22
CA LYS A 152 -21.34 3.20 48.10
C LYS A 152 -21.85 2.84 46.71
N ILE A 153 -21.02 3.08 45.69
CA ILE A 153 -21.38 2.83 44.28
C ILE A 153 -20.40 1.93 43.55
N GLY A 154 -19.39 1.44 44.27
CA GLY A 154 -18.41 0.55 43.67
C GLY A 154 -18.64 -0.88 44.11
N ASN A 155 -17.77 -1.79 43.68
CA ASN A 155 -17.92 -3.19 44.03
C ASN A 155 -17.47 -3.44 45.46
N PRO A 156 -18.41 -3.79 46.35
CA PRO A 156 -18.17 -4.07 47.77
C PRO A 156 -16.99 -4.98 48.11
N GLU A 157 -16.72 -5.97 47.27
CA GLU A 157 -15.62 -6.91 47.53
C GLU A 157 -14.27 -6.21 47.73
N TYR A 158 -14.06 -5.12 47.04
CA TYR A 158 -12.79 -4.40 47.15
C TYR A 158 -12.67 -3.50 48.37
N PHE A 159 -13.78 -3.23 49.05
CA PHE A 159 -13.72 -2.31 50.17
C PHE A 159 -13.89 -2.93 51.55
N THR A 160 -13.81 -4.25 51.64
CA THR A 160 -13.96 -4.90 52.93
C THR A 160 -13.03 -4.33 54.00
N ASP A 161 -11.83 -3.88 53.63
CA ASP A 161 -10.92 -3.28 54.61
C ASP A 161 -10.41 -1.90 54.20
N ILE A 162 -11.23 -1.17 53.44
CA ILE A 162 -10.88 0.17 53.00
C ILE A 162 -12.02 1.11 53.37
N GLU A 163 -11.69 2.29 53.85
CA GLU A 163 -12.74 3.22 54.19
C GLU A 163 -12.46 4.60 53.58
N PHE A 164 -13.53 5.23 53.10
CA PHE A 164 -13.41 6.56 52.52
C PHE A 164 -13.94 7.54 53.53
N ARG A 165 -13.05 8.27 54.16
CA ARG A 165 -13.46 9.25 55.16
C ARG A 165 -13.98 10.47 54.45
N LYS A 166 -14.81 11.25 55.14
CA LYS A 166 -15.40 12.43 54.52
C LYS A 166 -14.30 13.32 53.99
N PRO A 167 -14.33 13.62 52.68
CA PRO A 167 -13.31 14.47 52.07
C PRO A 167 -13.15 15.87 52.65
N ALA A 168 -14.26 16.59 52.83
CA ALA A 168 -14.18 17.94 53.37
C ALA A 168 -13.47 17.98 54.73
N ASP A 169 -13.77 17.00 55.59
CA ASP A 169 -13.13 16.95 56.92
C ASP A 169 -11.66 16.64 56.77
N GLU A 170 -11.33 15.74 55.86
CA GLU A 170 -9.94 15.35 55.64
C GLU A 170 -9.18 16.57 55.15
N ALA A 171 -9.80 17.31 54.23
CA ALA A 171 -9.17 18.52 53.69
C ALA A 171 -8.87 19.54 54.81
N LYS A 172 -9.81 19.72 55.75
CA LYS A 172 -9.57 20.67 56.85
C LYS A 172 -8.30 20.26 57.58
N LEU A 173 -8.21 18.98 57.91
CA LEU A 173 -7.04 18.44 58.63
C LEU A 173 -5.75 18.63 57.84
N VAL A 174 -5.75 18.20 56.57
CA VAL A 174 -4.57 18.32 55.72
C VAL A 174 -4.08 19.76 55.51
N ILE A 175 -5.00 20.69 55.22
CA ILE A 175 -4.63 22.09 55.03
C ILE A 175 -3.97 22.64 56.31
N GLN A 176 -4.50 22.27 57.45
CA GLN A 176 -3.98 22.73 58.72
C GLN A 176 -2.57 22.19 58.89
N GLU A 177 -2.43 20.89 58.66
CA GLU A 177 -1.15 20.20 58.79
C GLU A 177 -0.10 20.78 57.85
N LEU A 178 -0.51 21.14 56.63
CA LEU A 178 0.43 21.71 55.68
C LEU A 178 0.86 23.11 56.09
N GLN A 179 -0.09 23.93 56.52
CA GLN A 179 0.22 25.29 56.92
C GLN A 179 1.11 25.35 58.16
N GLN A 180 1.08 24.31 58.98
CA GLN A 180 1.89 24.30 60.19
C GLN A 180 3.23 23.59 60.03
N THR A 181 3.28 22.54 59.22
CA THR A 181 4.53 21.81 59.02
C THR A 181 5.31 22.17 57.75
N GLU A 182 4.61 22.37 56.64
CA GLU A 182 5.25 22.66 55.35
C GLU A 182 5.26 24.12 54.86
N LYS A 183 4.26 24.90 55.26
CA LYS A 183 4.15 26.31 54.87
C LYS A 183 4.17 26.61 53.36
N PRO A 184 3.41 25.85 52.56
CA PRO A 184 3.43 26.11 51.12
C PRO A 184 2.87 27.49 50.82
N ASP A 185 3.30 28.06 49.70
CA ASP A 185 2.85 29.38 49.28
C ASP A 185 1.46 29.31 48.65
N ILE A 186 1.17 28.16 48.05
CA ILE A 186 -0.10 27.94 47.36
C ILE A 186 -0.56 26.51 47.61
N ILE A 187 -1.86 26.34 47.87
CA ILE A 187 -2.40 25.01 48.08
C ILE A 187 -3.55 24.82 47.11
N ILE A 188 -3.52 23.70 46.40
CA ILE A 188 -4.55 23.37 45.42
C ILE A 188 -5.05 21.98 45.74
N ALA A 189 -6.34 21.74 45.50
CA ALA A 189 -6.83 20.41 45.73
C ALA A 189 -7.30 19.80 44.40
N ALA A 190 -6.84 18.59 44.11
CA ALA A 190 -7.27 17.85 42.94
C ALA A 190 -8.25 16.90 43.61
N THR A 191 -9.48 16.88 43.14
CA THR A 191 -10.53 16.08 43.77
C THR A 191 -11.42 15.34 42.82
N HIS A 192 -11.93 14.20 43.27
CA HIS A 192 -12.87 13.45 42.47
C HIS A 192 -14.12 13.42 43.33
N MET A 193 -14.81 14.56 43.37
CA MET A 193 -15.98 14.75 44.25
C MET A 193 -17.24 15.23 43.58
N GLY A 194 -17.11 16.01 42.50
CA GLY A 194 -18.30 16.48 41.80
C GLY A 194 -18.70 17.93 42.07
N HIS A 195 -19.17 18.61 41.03
CA HIS A 195 -19.62 19.97 41.19
C HIS A 195 -21.13 20.00 41.08
N TYR A 196 -21.78 20.48 42.14
CA TYR A 196 -23.23 20.55 42.18
C TYR A 196 -23.64 22.01 42.40
N ASP A 197 -24.50 22.55 41.54
CA ASP A 197 -24.92 23.95 41.67
C ASP A 197 -25.33 24.28 43.11
N ASN A 198 -24.74 25.34 43.66
CA ASN A 198 -25.08 25.79 45.00
C ASN A 198 -24.93 24.72 46.07
N GLY A 199 -24.08 23.74 45.81
CA GLY A 199 -23.88 22.69 46.79
C GLY A 199 -25.08 21.78 46.93
N GLU A 200 -25.98 21.79 45.95
CA GLU A 200 -27.17 20.94 45.99
C GLU A 200 -26.85 19.55 45.45
N HIS A 201 -26.10 18.80 46.25
CA HIS A 201 -25.66 17.46 45.89
C HIS A 201 -26.74 16.38 45.97
N GLY A 202 -27.85 16.70 46.62
CA GLY A 202 -28.94 15.74 46.74
C GLY A 202 -28.51 14.45 47.41
N SER A 203 -28.83 13.33 46.79
CA SER A 203 -28.47 12.01 47.32
C SER A 203 -26.99 11.68 47.16
N ASN A 204 -26.29 12.45 46.33
CA ASN A 204 -24.87 12.21 46.12
C ASN A 204 -24.08 12.74 47.30
N ALA A 205 -22.91 12.13 47.54
CA ALA A 205 -22.06 12.59 48.62
C ALA A 205 -21.71 14.04 48.34
N PRO A 206 -21.56 14.85 49.39
CA PRO A 206 -21.23 16.27 49.22
C PRO A 206 -19.96 16.40 48.36
N GLY A 207 -19.94 17.43 47.52
CA GLY A 207 -18.81 17.62 46.63
C GLY A 207 -18.00 18.87 46.85
N ASP A 208 -17.43 19.39 45.77
CA ASP A 208 -16.59 20.56 45.83
C ASP A 208 -17.18 21.85 46.42
N VAL A 209 -18.39 22.20 46.02
CA VAL A 209 -18.99 23.43 46.50
C VAL A 209 -19.22 23.40 48.01
N GLU A 210 -19.76 22.31 48.53
CA GLU A 210 -19.99 22.24 49.95
C GLU A 210 -18.64 22.24 50.68
N MET A 211 -17.63 21.59 50.12
CA MET A 211 -16.32 21.59 50.78
C MET A 211 -15.71 22.98 50.84
N ALA A 212 -15.69 23.67 49.70
CA ALA A 212 -15.12 25.02 49.66
C ALA A 212 -15.77 25.95 50.69
N ARG A 213 -17.07 25.81 50.85
CA ARG A 213 -17.79 26.67 51.80
C ARG A 213 -17.49 26.32 53.25
N ALA A 214 -17.08 25.08 53.48
CA ALA A 214 -16.78 24.59 54.82
C ALA A 214 -15.31 24.82 55.22
N LEU A 215 -14.45 25.07 54.23
CA LEU A 215 -13.04 25.34 54.51
C LEU A 215 -12.79 26.81 54.85
N PRO A 216 -11.58 27.12 55.34
CA PRO A 216 -11.28 28.52 55.68
C PRO A 216 -11.29 29.32 54.38
N ALA A 217 -11.76 30.56 54.44
CA ALA A 217 -11.83 31.38 53.25
C ALA A 217 -10.50 31.43 52.52
N GLY A 218 -10.56 31.15 51.21
CA GLY A 218 -9.37 31.17 50.38
C GLY A 218 -8.25 30.26 50.85
N SER A 219 -8.56 29.24 51.64
CA SER A 219 -7.51 28.34 52.11
C SER A 219 -6.92 27.51 50.96
N LEU A 220 -7.63 27.42 49.84
CA LEU A 220 -7.16 26.74 48.62
C LEU A 220 -7.25 27.77 47.51
N ALA A 221 -6.26 27.82 46.63
CA ALA A 221 -6.36 28.79 45.56
C ALA A 221 -7.43 28.26 44.62
N MET A 222 -7.43 26.95 44.43
CA MET A 222 -8.38 26.34 43.51
C MET A 222 -8.64 24.87 43.81
N ILE A 223 -9.81 24.40 43.39
CA ILE A 223 -10.15 22.99 43.48
C ILE A 223 -10.29 22.52 42.01
N VAL A 224 -9.43 21.59 41.60
CA VAL A 224 -9.50 21.03 40.24
C VAL A 224 -10.29 19.77 40.42
N GLY A 225 -11.51 19.74 39.91
CA GLY A 225 -12.38 18.60 40.12
C GLY A 225 -12.67 17.59 39.04
N GLY A 226 -13.72 16.81 39.29
CA GLY A 226 -14.12 15.76 38.40
C GLY A 226 -15.33 15.05 38.94
N HIS A 227 -15.51 13.80 38.49
CA HIS A 227 -16.62 12.93 38.89
C HIS A 227 -18.02 13.28 38.34
N SER A 228 -18.50 14.51 38.51
CA SER A 228 -19.82 14.85 38.00
C SER A 228 -19.79 14.97 36.49
N GLN A 229 -18.58 15.09 35.94
CA GLN A 229 -18.32 15.23 34.52
C GLN A 229 -19.05 16.40 33.90
N ASP A 230 -18.62 17.59 34.30
CA ASP A 230 -19.22 18.81 33.80
C ASP A 230 -18.19 19.81 33.45
N PRO A 231 -18.49 20.65 32.46
CA PRO A 231 -17.50 21.67 32.19
C PRO A 231 -18.07 22.68 33.23
N VAL A 232 -17.28 23.06 34.24
CA VAL A 232 -17.79 24.01 35.22
C VAL A 232 -17.63 25.42 34.71
N CYS A 233 -18.68 25.88 34.05
CA CYS A 233 -18.76 27.20 33.45
C CYS A 233 -20.06 27.81 33.97
N MET A 234 -19.95 28.88 34.75
CA MET A 234 -21.13 29.48 35.36
C MET A 234 -21.93 30.43 34.48
N ALA A 235 -23.25 30.23 34.48
CA ALA A 235 -24.17 31.07 33.71
C ALA A 235 -24.66 32.20 34.61
N ALA A 236 -24.74 31.91 35.90
CA ALA A 236 -25.19 32.90 36.87
C ALA A 236 -24.63 32.45 38.21
N GLU A 237 -24.81 33.26 39.24
CA GLU A 237 -24.30 32.85 40.53
C GLU A 237 -24.92 31.50 40.88
N ASN A 238 -24.07 30.55 41.24
CA ASN A 238 -24.50 29.22 41.61
C ASN A 238 -25.27 28.43 40.58
N LYS A 239 -25.11 28.75 39.30
CA LYS A 239 -25.81 27.98 38.27
C LYS A 239 -24.89 27.68 37.09
N LYS A 240 -24.52 26.41 36.90
CA LYS A 240 -23.69 26.03 35.75
C LYS A 240 -24.51 26.22 34.47
N GLN A 241 -23.82 26.55 33.39
CA GLN A 241 -24.47 26.67 32.10
C GLN A 241 -24.95 25.29 31.77
N VAL A 242 -26.11 25.23 31.13
CA VAL A 242 -26.65 23.99 30.65
C VAL A 242 -26.21 24.02 29.17
N ASP A 243 -25.83 22.87 28.63
CA ASP A 243 -25.37 22.78 27.24
C ASP A 243 -24.27 23.79 26.88
N TYR A 244 -23.20 23.78 27.65
CA TYR A 244 -22.05 24.64 27.40
C TYR A 244 -21.56 24.35 25.97
N VAL A 245 -21.14 25.37 25.26
CA VAL A 245 -20.66 25.24 23.87
C VAL A 245 -19.15 25.39 23.75
N PRO A 246 -18.45 24.39 23.18
CA PRO A 246 -16.99 24.47 23.03
C PRO A 246 -16.57 25.79 22.40
N GLY A 247 -15.44 26.32 22.85
CA GLY A 247 -14.94 27.58 22.31
C GLY A 247 -15.59 28.86 22.82
N THR A 248 -16.52 28.78 23.78
CA THR A 248 -17.16 29.99 24.30
C THR A 248 -16.51 30.23 25.68
N PRO A 249 -16.76 31.42 26.28
CA PRO A 249 -16.16 31.72 27.58
C PRO A 249 -16.61 30.76 28.66
N CYS A 250 -15.74 30.51 29.62
CA CYS A 250 -16.07 29.63 30.71
C CYS A 250 -15.66 30.34 32.01
N LYS A 251 -16.66 30.70 32.81
CA LYS A 251 -16.36 31.33 34.08
C LYS A 251 -16.42 30.23 35.16
N PRO A 252 -15.28 29.89 35.75
CA PRO A 252 -15.34 28.84 36.78
C PRO A 252 -16.11 29.33 38.00
N ASP A 253 -16.51 28.40 38.85
CA ASP A 253 -17.26 28.76 40.04
C ASP A 253 -16.27 29.28 41.07
N GLN A 254 -16.73 30.09 42.00
CA GLN A 254 -15.85 30.59 43.05
C GLN A 254 -16.73 30.59 44.28
N GLN A 255 -16.30 29.89 45.31
CA GLN A 255 -17.07 29.76 46.53
C GLN A 255 -16.18 29.99 47.74
N ASN A 256 -16.59 30.93 48.60
CA ASN A 256 -15.81 31.20 49.80
C ASN A 256 -14.34 31.48 49.43
N GLY A 257 -14.15 32.28 48.38
CA GLY A 257 -12.81 32.65 47.93
C GLY A 257 -11.98 31.57 47.28
N ILE A 258 -12.59 30.44 46.95
CA ILE A 258 -11.89 29.32 46.33
C ILE A 258 -12.49 29.01 44.95
N TRP A 259 -11.66 29.08 43.91
CA TRP A 259 -12.12 28.76 42.57
C TRP A 259 -12.39 27.26 42.41
N ILE A 260 -13.46 26.90 41.70
CA ILE A 260 -13.71 25.50 41.45
C ILE A 260 -13.81 25.29 39.94
N VAL A 261 -13.03 24.34 39.43
CA VAL A 261 -13.04 24.09 37.98
C VAL A 261 -13.22 22.61 37.65
N GLN A 262 -13.64 22.33 36.42
CA GLN A 262 -13.77 20.95 35.95
C GLN A 262 -13.79 21.00 34.43
N ALA A 263 -13.17 20.02 33.77
CA ALA A 263 -13.08 20.01 32.29
C ALA A 263 -13.91 18.95 31.59
N HIS A 264 -15.12 18.74 32.10
CA HIS A 264 -16.06 17.79 31.56
C HIS A 264 -15.60 16.33 31.60
N GLU A 265 -15.02 15.79 30.52
CA GLU A 265 -14.65 14.38 30.53
C GLU A 265 -13.89 13.95 29.26
N TRP A 266 -13.30 12.76 29.32
CA TRP A 266 -12.67 12.12 28.15
C TRP A 266 -11.63 12.90 27.35
N GLY A 267 -10.93 13.82 28.00
CA GLY A 267 -9.95 14.61 27.27
C GLY A 267 -10.60 15.57 26.28
N LYS A 268 -11.90 15.83 26.41
CA LYS A 268 -12.57 16.75 25.49
C LYS A 268 -11.99 18.16 25.59
N TYR A 269 -11.48 18.52 26.77
CA TYR A 269 -10.91 19.84 26.97
C TYR A 269 -9.70 19.74 27.88
N VAL A 270 -8.84 20.74 27.78
CA VAL A 270 -7.73 20.91 28.70
C VAL A 270 -8.10 22.26 29.29
N GLY A 271 -8.38 22.29 30.59
CA GLY A 271 -8.72 23.55 31.23
C GLY A 271 -7.45 24.32 31.49
N ARG A 272 -7.52 25.64 31.37
CA ARG A 272 -6.34 26.47 31.59
C ARG A 272 -6.58 27.62 32.53
N ALA A 273 -6.00 27.55 33.72
CA ALA A 273 -6.16 28.64 34.69
C ALA A 273 -4.86 29.41 34.82
N ASP A 274 -4.89 30.66 34.38
CA ASP A 274 -3.70 31.51 34.45
C ASP A 274 -3.80 32.34 35.72
N PHE A 275 -2.85 32.12 36.61
CA PHE A 275 -2.80 32.82 37.88
C PHE A 275 -1.57 33.74 37.90
N GLU A 276 -1.59 34.67 38.85
CA GLU A 276 -0.46 35.55 39.09
C GLU A 276 -0.43 35.62 40.61
N PHE A 277 0.76 35.37 41.17
CA PHE A 277 0.97 35.36 42.62
C PHE A 277 1.86 36.54 43.00
N ARG A 278 1.48 37.22 44.07
CA ARG A 278 2.24 38.38 44.53
C ARG A 278 1.97 38.62 46.01
N ASN A 279 3.04 38.57 46.81
CA ASN A 279 2.94 38.79 48.25
C ASN A 279 1.84 37.99 48.93
N GLY A 280 1.78 36.70 48.61
CA GLY A 280 0.77 35.81 49.18
C GLY A 280 -0.60 35.84 48.52
N GLU A 281 -0.81 36.76 47.58
CA GLU A 281 -2.11 36.88 46.89
C GLU A 281 -2.15 36.13 45.54
N MET A 282 -3.09 35.19 45.43
CA MET A 282 -3.29 34.40 44.20
C MET A 282 -4.46 34.96 43.41
N LYS A 283 -4.18 35.59 42.28
CA LYS A 283 -5.25 36.14 41.45
C LYS A 283 -5.38 35.29 40.19
N MET A 284 -6.59 34.80 39.93
CA MET A 284 -6.76 34.05 38.70
C MET A 284 -6.97 35.18 37.72
N VAL A 285 -6.12 35.29 36.71
CA VAL A 285 -6.23 36.38 35.76
C VAL A 285 -6.93 36.03 34.45
N ASN A 286 -7.03 34.74 34.15
CA ASN A 286 -7.73 34.27 32.95
C ASN A 286 -8.09 32.83 33.14
N TYR A 287 -9.18 32.39 32.52
CA TYR A 287 -9.56 31.00 32.58
C TYR A 287 -10.26 30.62 31.28
N GLN A 288 -10.03 29.40 30.80
CA GLN A 288 -10.71 28.92 29.61
C GLN A 288 -10.65 27.40 29.55
N LEU A 289 -11.60 26.82 28.82
CA LEU A 289 -11.56 25.37 28.58
C LEU A 289 -11.13 25.33 27.10
N ILE A 290 -10.03 24.65 26.83
CA ILE A 290 -9.48 24.54 25.46
C ILE A 290 -9.99 23.26 24.79
N PRO A 291 -10.85 23.38 23.79
CA PRO A 291 -11.34 22.16 23.14
C PRO A 291 -10.20 21.40 22.49
N VAL A 292 -10.24 20.06 22.56
CA VAL A 292 -9.20 19.25 21.93
C VAL A 292 -9.84 18.66 20.70
N ASN A 293 -9.75 19.41 19.61
CA ASN A 293 -10.30 19.01 18.33
C ASN A 293 -11.77 18.62 18.37
N LEU A 294 -12.55 19.31 19.18
CA LEU A 294 -13.98 19.02 19.21
C LEU A 294 -14.61 19.58 17.94
N LYS A 295 -15.69 18.96 17.51
CA LYS A 295 -16.40 19.38 16.30
C LYS A 295 -17.89 19.56 16.45
N LYS A 296 -18.44 20.39 15.58
CA LYS A 296 -19.86 20.68 15.55
C LYS A 296 -20.35 20.23 14.19
N LYS A 297 -21.65 20.11 14.03
CA LYS A 297 -22.20 19.68 12.75
C LYS A 297 -22.77 20.89 12.07
N VAL A 298 -22.64 20.92 10.74
CA VAL A 298 -23.21 22.01 9.97
C VAL A 298 -24.00 21.29 8.88
N THR A 299 -25.06 21.93 8.39
CA THR A 299 -25.85 21.28 7.34
C THR A 299 -26.02 22.09 6.07
N TRP A 300 -25.74 21.44 4.94
CA TRP A 300 -25.86 22.07 3.64
C TRP A 300 -27.25 21.82 3.07
N GLU A 301 -27.75 22.79 2.31
CA GLU A 301 -29.06 22.68 1.68
C GLU A 301 -29.05 21.38 0.87
N ASP A 302 -27.89 21.08 0.30
CA ASP A 302 -27.68 19.86 -0.49
C ASP A 302 -28.23 18.63 0.26
N GLY A 303 -28.48 18.80 1.55
CA GLY A 303 -28.97 17.71 2.38
C GLY A 303 -27.77 17.12 3.12
N LYS A 304 -26.57 17.50 2.68
CA LYS A 304 -25.34 17.02 3.28
C LYS A 304 -25.04 17.74 4.59
N SER A 305 -24.49 16.98 5.51
CA SER A 305 -24.12 17.48 6.83
C SER A 305 -22.69 17.01 7.05
N GLU A 306 -21.85 17.86 7.64
CA GLU A 306 -20.48 17.47 7.90
C GLU A 306 -20.02 18.07 9.23
N ARG A 307 -18.95 17.51 9.77
CA ARG A 307 -18.41 17.98 11.03
C ARG A 307 -17.28 18.97 10.84
N VAL A 308 -17.39 20.10 11.54
CA VAL A 308 -16.41 21.18 11.47
C VAL A 308 -15.81 21.47 12.84
N LEU A 309 -14.50 21.73 12.87
CA LEU A 309 -13.84 22.02 14.12
C LEU A 309 -14.31 23.36 14.72
N TYR A 310 -14.36 23.42 16.05
CA TYR A 310 -14.71 24.68 16.71
C TYR A 310 -13.52 25.63 16.66
N THR A 311 -12.33 25.06 16.74
CA THR A 311 -11.07 25.83 16.80
C THR A 311 -10.02 25.18 15.90
N PRO A 312 -8.92 25.89 15.59
CA PRO A 312 -7.87 25.33 14.73
C PRO A 312 -7.46 23.92 15.12
N GLU A 313 -7.34 23.06 14.13
CA GLU A 313 -6.96 21.68 14.39
C GLU A 313 -5.66 21.58 15.18
N ILE A 314 -5.63 20.66 16.14
CA ILE A 314 -4.43 20.45 16.93
C ILE A 314 -3.83 19.16 16.37
N ALA A 315 -2.59 19.22 15.90
CA ALA A 315 -1.93 18.04 15.32
C ALA A 315 -1.67 16.95 16.33
N GLU A 316 -1.77 15.68 15.91
CA GLU A 316 -1.48 14.61 16.82
C GLU A 316 0.02 14.39 16.95
N ASN A 317 0.51 14.43 18.19
CA ASN A 317 1.92 14.22 18.46
C ASN A 317 2.32 12.82 17.99
N GLN A 318 3.32 12.76 17.11
CA GLN A 318 3.77 11.49 16.55
C GLN A 318 4.40 10.57 17.57
N GLN A 319 5.15 11.13 18.51
CA GLN A 319 5.77 10.33 19.53
C GLN A 319 4.66 9.61 20.34
N MET A 320 3.55 10.32 20.58
CA MET A 320 2.44 9.73 21.33
C MET A 320 1.75 8.64 20.49
N ILE A 321 1.53 8.94 19.22
CA ILE A 321 0.91 7.96 18.34
C ILE A 321 1.71 6.66 18.30
N SER A 322 3.03 6.77 18.32
CA SER A 322 3.86 5.56 18.29
C SER A 322 3.72 4.79 19.58
N LEU A 323 3.68 5.51 20.70
CA LEU A 323 3.53 4.89 22.01
C LEU A 323 2.19 4.18 22.18
N LEU A 324 1.13 4.79 21.66
CA LEU A 324 -0.22 4.25 21.82
C LEU A 324 -0.74 3.25 20.78
N SER A 325 -0.29 3.37 19.53
CA SER A 325 -0.76 2.48 18.49
C SER A 325 -0.70 1.01 18.85
N PRO A 326 0.40 0.55 19.48
CA PRO A 326 0.43 -0.88 19.82
C PRO A 326 -0.75 -1.30 20.72
N PHE A 327 -1.12 -0.42 21.66
CA PHE A 327 -2.23 -0.73 22.57
C PHE A 327 -3.57 -0.67 21.85
N GLN A 328 -3.72 0.36 21.02
CA GLN A 328 -4.92 0.60 20.24
C GLN A 328 -5.28 -0.58 19.35
N ASN A 329 -4.26 -1.19 18.76
CA ASN A 329 -4.48 -2.32 17.85
C ASN A 329 -4.37 -3.73 18.44
N LYS A 330 -4.02 -3.85 19.73
CA LYS A 330 -3.91 -5.18 20.33
C LYS A 330 -5.24 -5.94 20.29
N GLY A 331 -5.26 -7.07 19.59
CA GLY A 331 -6.46 -7.88 19.46
C GLY A 331 -7.58 -7.20 18.69
N LYS A 332 -7.23 -6.23 17.86
CA LYS A 332 -8.22 -5.49 17.08
C LYS A 332 -9.22 -6.34 16.29
N ALA A 333 -8.70 -7.34 15.58
CA ALA A 333 -9.53 -8.21 14.75
C ALA A 333 -10.61 -8.92 15.55
N GLN A 334 -10.22 -9.52 16.67
CA GLN A 334 -11.15 -10.24 17.53
C GLN A 334 -12.24 -9.36 18.11
N LEU A 335 -11.85 -8.20 18.61
CA LEU A 335 -12.80 -7.25 19.19
C LEU A 335 -13.85 -6.85 18.16
N GLU A 336 -13.43 -6.70 16.90
CA GLU A 336 -14.34 -6.26 15.84
C GLU A 336 -15.16 -7.31 15.10
N VAL A 337 -14.85 -8.59 15.29
CA VAL A 337 -15.59 -9.63 14.58
C VAL A 337 -17.08 -9.69 14.98
N LYS A 338 -17.91 -10.11 14.04
CA LYS A 338 -19.36 -10.20 14.25
C LYS A 338 -19.71 -11.34 15.21
N ILE A 339 -20.59 -11.08 16.18
CA ILE A 339 -20.99 -12.13 17.11
C ILE A 339 -22.50 -12.33 16.97
N GLY A 340 -23.11 -11.50 16.15
CA GLY A 340 -24.54 -11.61 15.92
C GLY A 340 -25.10 -10.33 15.36
N GLU A 341 -26.41 -10.20 15.39
CA GLU A 341 -27.02 -9.00 14.86
C GLU A 341 -28.36 -8.73 15.50
N THR A 342 -28.79 -7.47 15.42
CA THR A 342 -30.06 -7.10 15.98
C THR A 342 -30.90 -6.30 14.99
N ASN A 343 -32.17 -6.68 14.89
CA ASN A 343 -33.08 -6.01 13.97
C ASN A 343 -33.57 -4.67 14.54
N GLY A 344 -33.05 -4.29 15.70
CA GLY A 344 -33.46 -3.04 16.30
C GLY A 344 -32.42 -2.47 17.23
N ARG A 345 -32.60 -1.23 17.66
CA ARG A 345 -31.64 -0.61 18.56
C ARG A 345 -31.91 -1.09 19.99
N LEU A 346 -30.84 -1.38 20.72
CA LEU A 346 -30.95 -1.83 22.10
C LEU A 346 -30.56 -0.61 22.91
N GLU A 347 -31.54 -0.05 23.59
CA GLU A 347 -31.41 1.16 24.40
C GLU A 347 -30.59 1.04 25.67
N GLY A 348 -29.44 1.68 25.69
CA GLY A 348 -28.57 1.67 26.85
C GLY A 348 -28.20 3.08 27.28
N ASP A 349 -28.77 4.10 26.66
CA ASP A 349 -28.45 5.48 27.01
C ASP A 349 -28.76 5.77 28.47
N ARG A 350 -27.85 6.48 29.13
CA ARG A 350 -28.02 6.84 30.53
C ARG A 350 -29.37 7.46 30.86
N ASP A 351 -29.86 8.37 30.01
CA ASP A 351 -31.14 9.02 30.27
C ASP A 351 -32.34 8.08 30.05
N LYS A 352 -32.04 6.81 29.82
CA LYS A 352 -33.08 5.81 29.64
C LYS A 352 -32.92 4.72 30.71
N VAL A 353 -31.80 4.02 30.69
CA VAL A 353 -31.57 2.93 31.64
C VAL A 353 -31.59 3.25 33.13
N ARG A 354 -31.49 4.52 33.50
CA ARG A 354 -31.54 4.91 34.90
C ARG A 354 -32.89 5.56 35.21
N PHE A 355 -33.81 5.51 34.25
CA PHE A 355 -35.12 6.14 34.39
C PHE A 355 -36.31 5.20 34.15
N VAL A 356 -36.19 4.35 33.12
CA VAL A 356 -37.24 3.40 32.75
C VAL A 356 -36.64 2.05 32.29
N GLN A 357 -37.50 1.04 32.15
CA GLN A 357 -37.06 -0.29 31.74
C GLN A 357 -36.68 -0.24 30.27
N THR A 358 -35.58 -0.87 29.89
CA THR A 358 -35.22 -0.87 28.47
C THR A 358 -34.90 -2.26 27.97
N ASN A 359 -35.01 -2.44 26.67
CA ASN A 359 -34.72 -3.71 26.04
C ASN A 359 -33.28 -4.15 26.27
N MET A 360 -32.37 -3.23 26.57
CA MET A 360 -30.99 -3.66 26.82
C MET A 360 -30.96 -4.35 28.19
N GLY A 361 -31.73 -3.80 29.12
CA GLY A 361 -31.83 -4.40 30.45
C GLY A 361 -32.40 -5.80 30.25
N ARG A 362 -33.49 -5.90 29.47
CA ARG A 362 -34.12 -7.18 29.23
C ARG A 362 -33.22 -8.20 28.57
N LEU A 363 -32.35 -7.71 27.69
CA LEU A 363 -31.43 -8.59 26.98
C LEU A 363 -30.31 -9.10 27.86
N ILE A 364 -29.67 -8.19 28.59
CA ILE A 364 -28.57 -8.59 29.47
C ILE A 364 -29.06 -9.61 30.51
N LEU A 365 -30.21 -9.31 31.10
CA LEU A 365 -30.79 -10.15 32.14
C LEU A 365 -31.23 -11.49 31.56
N ALA A 366 -31.64 -11.48 30.28
CA ALA A 366 -32.03 -12.75 29.67
C ALA A 366 -30.82 -13.63 29.56
N ALA A 367 -29.68 -13.06 29.21
CA ALA A 367 -28.47 -13.85 29.08
C ALA A 367 -28.08 -14.44 30.44
N GLN A 368 -28.19 -13.63 31.47
CA GLN A 368 -27.84 -14.05 32.81
C GLN A 368 -28.78 -15.16 33.30
N MET A 369 -30.07 -15.03 33.06
CA MET A 369 -31.05 -16.06 33.48
C MET A 369 -30.81 -17.35 32.74
N ASP A 370 -30.51 -17.23 31.45
CA ASP A 370 -30.25 -18.38 30.60
C ASP A 370 -29.06 -19.15 31.10
N ARG A 371 -27.99 -18.45 31.45
CA ARG A 371 -26.80 -19.13 31.91
C ARG A 371 -26.94 -19.77 33.29
N THR A 372 -27.79 -19.20 34.13
CA THR A 372 -27.95 -19.69 35.50
C THR A 372 -29.22 -20.48 35.76
N GLY A 373 -30.08 -20.59 34.75
CA GLY A 373 -31.34 -21.28 34.91
C GLY A 373 -32.25 -20.53 35.86
N ALA A 374 -32.09 -19.21 35.95
CA ALA A 374 -32.90 -18.41 36.86
C ALA A 374 -34.34 -18.15 36.44
N ASP A 375 -35.18 -17.83 37.40
CA ASP A 375 -36.59 -17.54 37.15
C ASP A 375 -36.81 -16.06 36.87
N PHE A 376 -36.03 -15.20 37.50
CA PHE A 376 -36.11 -13.76 37.28
C PHE A 376 -34.75 -13.10 37.52
N ALA A 377 -34.66 -11.80 37.33
CA ALA A 377 -33.36 -11.15 37.51
C ALA A 377 -33.48 -9.65 37.64
N VAL A 378 -32.42 -9.01 38.12
CA VAL A 378 -32.38 -7.56 38.28
C VAL A 378 -30.92 -7.12 38.25
N MET A 379 -30.69 -5.87 37.84
CA MET A 379 -29.34 -5.31 37.84
C MET A 379 -29.55 -3.81 37.89
N SER A 380 -28.51 -3.06 38.25
CA SER A 380 -28.56 -1.60 38.31
C SER A 380 -28.49 -0.98 36.90
N GLY A 381 -29.30 0.04 36.64
CA GLY A 381 -29.25 0.72 35.36
C GLY A 381 -27.87 1.31 35.14
N GLY A 382 -27.23 1.65 36.24
CA GLY A 382 -25.89 2.21 36.17
C GLY A 382 -24.87 1.22 35.62
N GLY A 383 -25.24 -0.06 35.60
CA GLY A 383 -24.35 -1.09 35.09
C GLY A 383 -24.36 -1.20 33.56
N ILE A 384 -25.31 -0.50 32.92
CA ILE A 384 -25.44 -0.47 31.47
C ILE A 384 -24.84 0.86 31.02
N ARG A 385 -23.71 0.78 30.31
CA ARG A 385 -23.00 1.97 29.90
C ARG A 385 -22.97 2.35 28.41
N ASP A 386 -23.77 1.66 27.59
CA ASP A 386 -23.84 1.99 26.16
C ASP A 386 -24.99 1.26 25.49
N SER A 387 -25.27 1.63 24.24
CA SER A 387 -26.32 1.00 23.46
C SER A 387 -25.73 0.17 22.33
N ILE A 388 -26.58 -0.56 21.64
CA ILE A 388 -26.14 -1.36 20.52
C ILE A 388 -27.10 -1.02 19.38
N GLU A 389 -26.57 -0.35 18.37
CA GLU A 389 -27.35 0.08 17.21
C GLU A 389 -27.87 -1.08 16.40
N ALA A 390 -29.01 -0.87 15.72
CA ALA A 390 -29.57 -1.91 14.87
C ALA A 390 -28.45 -2.30 13.92
N GLY A 391 -28.40 -3.57 13.53
CA GLY A 391 -27.34 -4.00 12.65
C GLY A 391 -26.51 -5.11 13.28
N ASP A 392 -25.28 -5.22 12.84
CA ASP A 392 -24.34 -6.23 13.34
C ASP A 392 -23.84 -5.87 14.75
N ILE A 393 -23.38 -6.89 15.48
CA ILE A 393 -22.87 -6.70 16.84
C ILE A 393 -21.50 -7.35 16.96
N SER A 394 -20.54 -6.63 17.53
CA SER A 394 -19.19 -7.15 17.74
C SER A 394 -18.96 -7.31 19.25
N TYR A 395 -17.90 -8.00 19.66
CA TYR A 395 -17.63 -8.17 21.07
C TYR A 395 -17.31 -6.78 21.63
N LYS A 396 -16.69 -5.93 20.81
CA LYS A 396 -16.36 -4.58 21.22
C LYS A 396 -17.62 -3.85 21.71
N ASN A 397 -18.74 -4.04 21.00
CA ASN A 397 -20.01 -3.42 21.37
C ASN A 397 -20.42 -3.87 22.79
N VAL A 398 -20.30 -5.17 23.02
CA VAL A 398 -20.66 -5.74 24.33
C VAL A 398 -19.77 -5.17 25.44
N LEU A 399 -18.46 -5.10 25.19
CA LEU A 399 -17.55 -4.55 26.19
C LEU A 399 -17.82 -3.08 26.50
N LYS A 400 -18.52 -2.38 25.61
CA LYS A 400 -18.85 -0.97 25.87
C LYS A 400 -20.07 -0.91 26.78
N VAL A 401 -21.02 -1.80 26.54
CA VAL A 401 -22.26 -1.87 27.33
C VAL A 401 -21.98 -2.33 28.76
N GLN A 402 -21.08 -3.30 28.91
CA GLN A 402 -20.71 -3.82 30.22
C GLN A 402 -19.19 -3.91 30.35
N PRO A 403 -18.58 -2.82 30.84
CA PRO A 403 -17.14 -2.68 31.03
C PRO A 403 -16.52 -2.97 32.40
N PHE A 404 -17.36 -3.23 33.41
CA PHE A 404 -16.81 -3.41 34.75
C PHE A 404 -16.24 -4.76 35.11
N GLY A 405 -16.43 -5.75 34.25
CA GLY A 405 -15.89 -7.04 34.59
C GLY A 405 -16.65 -7.64 35.78
N ASN A 406 -17.92 -7.30 35.95
CA ASN A 406 -18.70 -7.89 37.05
C ASN A 406 -18.90 -9.38 36.69
N VAL A 407 -19.23 -10.19 37.70
CA VAL A 407 -19.41 -11.61 37.48
C VAL A 407 -20.88 -11.97 37.74
N VAL A 408 -21.41 -12.90 36.96
CA VAL A 408 -22.80 -13.31 37.07
C VAL A 408 -22.93 -14.24 38.29
N VAL A 409 -23.97 -14.02 39.08
CA VAL A 409 -24.20 -14.81 40.28
C VAL A 409 -25.67 -15.14 40.35
N TYR A 410 -26.06 -16.04 41.26
CA TYR A 410 -27.48 -16.30 41.41
C TYR A 410 -27.77 -16.66 42.87
N ALA A 411 -29.04 -16.56 43.24
CA ALA A 411 -29.46 -16.87 44.61
C ALA A 411 -30.81 -17.58 44.62
N ASP A 412 -30.89 -18.70 45.31
CA ASP A 412 -32.16 -19.41 45.42
C ASP A 412 -32.78 -18.87 46.71
N MET A 413 -34.01 -18.38 46.63
CA MET A 413 -34.67 -17.80 47.79
C MET A 413 -36.15 -18.18 47.83
N THR A 414 -36.76 -17.99 48.99
CA THR A 414 -38.16 -18.30 49.20
C THR A 414 -39.01 -17.17 48.61
N GLY A 415 -40.29 -17.45 48.41
CA GLY A 415 -41.18 -16.42 47.89
C GLY A 415 -41.21 -15.24 48.82
N LYS A 416 -41.28 -15.48 50.14
CA LYS A 416 -41.29 -14.36 51.10
C LYS A 416 -40.08 -13.47 50.87
N GLU A 417 -38.93 -14.08 50.62
CA GLU A 417 -37.71 -13.30 50.38
C GLU A 417 -37.78 -12.56 49.04
N VAL A 418 -38.35 -13.21 48.04
CA VAL A 418 -38.49 -12.60 46.72
C VAL A 418 -39.32 -11.32 46.87
N ILE A 419 -40.42 -11.42 47.60
CA ILE A 419 -41.29 -10.28 47.82
C ILE A 419 -40.60 -9.13 48.55
N ASP A 420 -39.85 -9.46 49.59
CA ASP A 420 -39.15 -8.42 50.37
C ASP A 420 -38.01 -7.82 49.51
N TYR A 421 -37.23 -8.69 48.88
CA TYR A 421 -36.11 -8.24 48.05
C TYR A 421 -36.59 -7.29 46.95
N LEU A 422 -37.57 -7.73 46.17
CA LEU A 422 -38.11 -6.91 45.07
C LEU A 422 -38.82 -5.65 45.57
N THR A 423 -39.37 -5.70 46.77
CA THR A 423 -40.04 -4.54 47.32
C THR A 423 -38.97 -3.50 47.64
N ALA A 424 -37.88 -3.94 48.22
CA ALA A 424 -36.79 -3.02 48.54
C ALA A 424 -36.17 -2.42 47.26
N VAL A 425 -35.90 -3.27 46.28
CA VAL A 425 -35.28 -2.81 45.03
C VAL A 425 -36.18 -1.85 44.27
N ALA A 426 -37.49 -2.10 44.32
CA ALA A 426 -38.45 -1.25 43.62
C ALA A 426 -38.44 0.16 44.22
N GLN A 427 -37.75 0.32 45.33
CA GLN A 427 -37.66 1.63 46.00
C GLN A 427 -36.54 2.52 45.44
N MET A 428 -35.64 1.95 44.65
CA MET A 428 -34.56 2.74 44.09
C MET A 428 -35.20 3.70 43.08
N LYS A 429 -34.83 4.96 43.18
CA LYS A 429 -35.44 5.99 42.33
C LYS A 429 -34.81 6.20 40.97
N PRO A 430 -35.60 6.75 40.03
CA PRO A 430 -35.09 7.03 38.68
C PRO A 430 -34.01 8.09 38.87
N ASP A 431 -33.23 8.36 37.83
CA ASP A 431 -32.18 9.37 37.91
C ASP A 431 -31.11 8.95 38.91
N SER A 432 -30.78 7.66 38.91
CA SER A 432 -29.76 7.14 39.81
C SER A 432 -29.16 5.87 39.23
N GLY A 433 -27.88 5.65 39.47
CA GLY A 433 -27.26 4.44 38.96
C GLY A 433 -27.93 3.21 39.53
N ALA A 434 -28.56 3.38 40.70
CA ALA A 434 -29.24 2.27 41.37
C ALA A 434 -30.63 1.89 40.84
N TYR A 435 -31.23 2.71 39.97
CA TYR A 435 -32.54 2.39 39.39
C TYR A 435 -32.48 0.97 38.81
N PRO A 436 -33.45 0.10 39.19
CA PRO A 436 -33.43 -1.27 38.69
C PRO A 436 -34.07 -1.60 37.36
N GLN A 437 -33.39 -2.49 36.66
CA GLN A 437 -33.85 -3.06 35.39
C GLN A 437 -34.28 -4.45 35.86
N PHE A 438 -35.51 -4.85 35.54
CA PHE A 438 -36.03 -6.15 35.96
C PHE A 438 -36.25 -7.01 34.73
N ALA A 439 -36.36 -8.32 34.94
CA ALA A 439 -36.67 -9.29 33.89
C ALA A 439 -37.51 -10.40 34.55
N ASN A 440 -38.63 -10.72 33.91
CA ASN A 440 -39.57 -11.74 34.36
C ASN A 440 -40.26 -11.35 35.66
N VAL A 441 -40.33 -10.05 35.90
CA VAL A 441 -40.96 -9.52 37.08
C VAL A 441 -42.05 -8.55 36.67
N SER A 442 -43.20 -8.61 37.33
CA SER A 442 -44.25 -7.67 37.02
C SER A 442 -44.92 -7.27 38.32
N PHE A 443 -45.33 -6.01 38.40
CA PHE A 443 -46.00 -5.50 39.59
C PHE A 443 -46.39 -4.04 39.34
N VAL A 444 -47.15 -3.51 40.29
CA VAL A 444 -47.57 -2.12 40.26
C VAL A 444 -47.20 -1.65 41.66
N ALA A 445 -46.27 -0.70 41.76
CA ALA A 445 -45.81 -0.20 43.05
C ALA A 445 -46.41 1.14 43.48
N LYS A 446 -47.04 1.13 44.65
CA LYS A 446 -47.65 2.32 45.25
C LYS A 446 -47.29 2.30 46.74
N ASP A 447 -47.09 3.48 47.32
CA ASP A 447 -46.78 3.59 48.74
C ASP A 447 -45.75 2.61 49.32
N GLY A 448 -44.65 2.39 48.59
CA GLY A 448 -43.62 1.50 49.07
C GLY A 448 -44.06 0.05 49.22
N LYS A 449 -44.99 -0.38 48.37
CA LYS A 449 -45.48 -1.74 48.40
C LYS A 449 -45.74 -2.20 46.96
N LEU A 450 -45.58 -3.50 46.73
CA LEU A 450 -45.80 -4.09 45.41
C LEU A 450 -47.15 -4.80 45.30
N ASN A 451 -47.98 -4.32 44.38
CA ASN A 451 -49.29 -4.90 44.14
C ASN A 451 -49.19 -5.79 42.91
N ASP A 452 -49.92 -6.90 42.92
CA ASP A 452 -49.94 -7.79 41.77
C ASP A 452 -48.61 -8.45 41.42
N LEU A 453 -47.71 -8.57 42.37
CA LEU A 453 -46.42 -9.17 42.10
C LEU A 453 -46.48 -10.56 41.45
N LYS A 454 -45.79 -10.70 40.32
CA LYS A 454 -45.73 -11.97 39.60
C LYS A 454 -44.33 -12.22 39.07
N ILE A 455 -43.95 -13.49 39.09
CA ILE A 455 -42.67 -13.91 38.53
C ILE A 455 -43.12 -14.79 37.39
N LYS A 456 -42.78 -14.40 36.17
CA LYS A 456 -43.16 -15.15 34.98
C LYS A 456 -44.67 -15.30 34.82
N GLY A 457 -45.42 -14.25 35.16
CA GLY A 457 -46.86 -14.28 35.01
C GLY A 457 -47.64 -14.97 36.11
N GLU A 458 -46.91 -15.62 37.03
CA GLU A 458 -47.55 -16.33 38.14
C GLU A 458 -47.33 -15.63 39.47
N PRO A 459 -48.38 -15.58 40.31
CA PRO A 459 -48.27 -14.93 41.63
C PRO A 459 -47.14 -15.59 42.42
N VAL A 460 -46.46 -14.82 43.26
CA VAL A 460 -45.37 -15.36 44.05
C VAL A 460 -45.93 -16.22 45.16
N ASP A 461 -45.42 -17.43 45.29
CA ASP A 461 -45.87 -18.30 46.35
C ASP A 461 -44.82 -18.22 47.45
N PRO A 462 -45.18 -17.66 48.62
CA PRO A 462 -44.24 -17.52 49.75
C PRO A 462 -43.44 -18.78 50.09
N ALA A 463 -44.03 -19.95 49.91
CA ALA A 463 -43.35 -21.19 50.26
C ALA A 463 -42.43 -21.74 49.18
N LYS A 464 -42.74 -21.46 47.92
CA LYS A 464 -41.90 -21.96 46.82
C LYS A 464 -40.54 -21.27 46.78
N THR A 465 -39.56 -21.93 46.17
CA THR A 465 -38.25 -21.35 46.06
C THR A 465 -38.03 -20.86 44.62
N TYR A 466 -37.46 -19.66 44.48
CA TYR A 466 -37.20 -19.09 43.15
C TYR A 466 -35.71 -18.83 43.01
N ARG A 467 -35.23 -18.74 41.77
CA ARG A 467 -33.83 -18.47 41.56
C ARG A 467 -33.73 -17.15 40.81
N MET A 468 -32.92 -16.23 41.33
CA MET A 468 -32.75 -14.98 40.61
C MET A 468 -31.30 -14.78 40.26
N ALA A 469 -31.07 -14.13 39.13
CA ALA A 469 -29.72 -13.87 38.68
C ALA A 469 -29.49 -12.37 38.75
N THR A 470 -28.23 -12.00 38.96
CA THR A 470 -27.80 -10.61 39.01
C THR A 470 -26.26 -10.64 38.96
N LEU A 471 -25.63 -9.50 39.22
CA LEU A 471 -24.17 -9.42 39.21
C LEU A 471 -23.65 -9.44 40.64
N ASN A 472 -22.42 -9.88 40.82
CA ASN A 472 -21.83 -9.90 42.16
C ASN A 472 -21.89 -8.49 42.73
N PHE A 473 -21.77 -7.49 41.87
CA PHE A 473 -21.85 -6.11 42.29
C PHE A 473 -23.13 -5.84 43.10
N ASN A 474 -24.29 -6.15 42.54
CA ASN A 474 -25.54 -5.92 43.26
C ASN A 474 -25.72 -6.92 44.41
N ALA A 475 -25.39 -8.19 44.16
CA ALA A 475 -25.56 -9.22 45.18
C ALA A 475 -24.80 -8.94 46.49
N THR A 476 -23.63 -8.32 46.38
CA THR A 476 -22.84 -8.03 47.57
C THR A 476 -23.24 -6.72 48.25
N GLY A 477 -24.34 -6.13 47.81
CA GLY A 477 -24.81 -4.90 48.40
C GLY A 477 -24.50 -3.62 47.62
N GLY A 478 -23.98 -3.78 46.41
CA GLY A 478 -23.68 -2.60 45.63
C GLY A 478 -24.92 -1.77 45.34
N ASP A 479 -24.74 -0.46 45.22
CA ASP A 479 -25.84 0.48 44.97
C ASP A 479 -26.93 0.40 46.06
N GLY A 480 -26.56 -0.13 47.21
CA GLY A 480 -27.52 -0.24 48.29
C GLY A 480 -28.57 -1.33 48.09
N TYR A 481 -28.28 -2.32 47.24
CA TYR A 481 -29.22 -3.42 47.02
C TYR A 481 -29.16 -4.37 48.22
N PRO A 482 -30.27 -5.02 48.57
CA PRO A 482 -30.20 -5.95 49.72
C PRO A 482 -29.13 -6.99 49.49
N ARG A 483 -28.28 -7.22 50.48
CA ARG A 483 -27.25 -8.23 50.32
C ARG A 483 -27.87 -9.61 50.15
N LEU A 484 -27.28 -10.40 49.27
CA LEU A 484 -27.75 -11.75 49.02
C LEU A 484 -26.59 -12.67 49.27
N ASP A 485 -25.39 -12.11 49.26
CA ASP A 485 -24.21 -12.93 49.43
C ASP A 485 -24.11 -13.48 50.84
N ASN A 486 -24.84 -12.88 51.78
CA ASN A 486 -24.80 -13.36 53.16
C ASN A 486 -26.09 -14.11 53.50
N LYS A 487 -26.63 -14.81 52.50
CA LYS A 487 -27.84 -15.63 52.66
C LYS A 487 -27.53 -17.00 52.08
N PRO A 488 -28.26 -18.03 52.55
CA PRO A 488 -27.97 -19.35 51.99
C PRO A 488 -28.51 -19.42 50.55
N GLY A 489 -27.91 -20.28 49.74
CA GLY A 489 -28.39 -20.42 48.39
C GLY A 489 -27.73 -19.51 47.38
N TYR A 490 -26.76 -18.72 47.83
CA TYR A 490 -26.05 -17.81 46.92
C TYR A 490 -24.90 -18.52 46.23
N VAL A 491 -24.67 -18.22 44.95
CA VAL A 491 -23.57 -18.86 44.26
C VAL A 491 -22.94 -17.84 43.32
N ASN A 492 -21.62 -17.71 43.38
CA ASN A 492 -20.90 -16.80 42.48
C ASN A 492 -20.45 -17.71 41.35
N THR A 493 -20.96 -17.53 40.12
CA THR A 493 -20.58 -18.44 39.04
C THR A 493 -19.20 -18.16 38.46
N GLY A 494 -18.64 -16.98 38.72
CA GLY A 494 -17.32 -16.65 38.19
C GLY A 494 -17.38 -16.30 36.69
N PHE A 495 -18.56 -16.42 36.08
CA PHE A 495 -18.68 -16.08 34.64
C PHE A 495 -18.71 -14.56 34.46
N ILE A 496 -17.83 -14.05 33.60
CA ILE A 496 -17.77 -12.60 33.36
C ILE A 496 -19.01 -12.08 32.65
N ASP A 497 -19.59 -10.98 33.15
CA ASP A 497 -20.78 -10.41 32.55
C ASP A 497 -20.71 -10.34 31.02
N ALA A 498 -19.67 -9.70 30.51
CA ALA A 498 -19.48 -9.54 29.06
C ALA A 498 -19.40 -10.86 28.30
N GLU A 499 -18.71 -11.85 28.87
CA GLU A 499 -18.60 -13.16 28.21
C GLU A 499 -19.96 -13.88 28.17
N VAL A 500 -20.76 -13.69 29.20
CA VAL A 500 -22.07 -14.32 29.23
C VAL A 500 -22.99 -13.70 28.17
N LEU A 501 -22.99 -12.37 28.08
CA LEU A 501 -23.82 -11.68 27.09
C LEU A 501 -23.39 -12.06 25.68
N LYS A 502 -22.07 -12.10 25.46
CA LYS A 502 -21.53 -12.45 24.15
C LYS A 502 -22.00 -13.84 23.72
N ALA A 503 -21.82 -14.81 24.61
CA ALA A 503 -22.23 -16.19 24.31
C ALA A 503 -23.72 -16.29 24.04
N TYR A 504 -24.51 -15.52 24.80
CA TYR A 504 -25.96 -15.53 24.62
C TYR A 504 -26.34 -14.91 23.26
N ILE A 505 -25.74 -13.77 22.93
CA ILE A 505 -26.03 -13.10 21.66
C ILE A 505 -25.73 -14.05 20.51
N GLN A 506 -24.54 -14.65 20.54
CA GLN A 506 -24.10 -15.59 19.52
C GLN A 506 -25.09 -16.70 19.23
N LYS A 507 -25.61 -17.36 20.28
CA LYS A 507 -26.54 -18.44 20.03
C LYS A 507 -27.97 -17.97 19.79
N SER A 508 -28.27 -16.74 20.15
CA SER A 508 -29.64 -16.25 19.99
C SER A 508 -29.79 -15.39 18.75
N SER A 509 -28.66 -15.07 18.12
CA SER A 509 -28.68 -14.22 16.93
C SER A 509 -29.37 -14.97 15.78
N PRO A 510 -30.14 -14.26 14.93
CA PRO A 510 -30.44 -12.82 14.92
C PRO A 510 -31.38 -12.47 16.05
N LEU A 511 -31.17 -11.30 16.66
CA LEU A 511 -32.02 -10.87 17.75
C LEU A 511 -33.21 -10.06 17.26
N ASP A 512 -34.39 -10.40 17.76
CA ASP A 512 -35.61 -9.70 17.41
C ASP A 512 -35.89 -8.83 18.63
N VAL A 513 -35.62 -7.54 18.53
CA VAL A 513 -35.82 -6.66 19.67
C VAL A 513 -37.24 -6.70 20.22
N SER A 514 -38.15 -7.27 19.44
CA SER A 514 -39.53 -7.36 19.86
C SER A 514 -39.65 -8.26 21.10
N VAL A 515 -38.79 -9.27 21.17
CA VAL A 515 -38.82 -10.21 22.28
C VAL A 515 -38.30 -9.60 23.59
N TYR A 516 -37.54 -8.51 23.49
CA TYR A 516 -36.98 -7.86 24.68
C TYR A 516 -37.62 -6.53 25.00
N GLU A 517 -38.67 -6.17 24.29
CA GLU A 517 -39.32 -4.90 24.54
C GLU A 517 -40.14 -4.86 25.82
N PRO A 518 -39.82 -3.92 26.71
CA PRO A 518 -40.55 -3.77 27.97
C PRO A 518 -41.99 -3.34 27.64
N LYS A 519 -42.97 -4.03 28.21
CA LYS A 519 -44.38 -3.72 27.96
C LYS A 519 -45.08 -3.18 29.20
N GLY A 520 -44.29 -2.61 30.11
CA GLY A 520 -44.87 -2.07 31.34
C GLY A 520 -45.18 -3.11 32.39
N GLU A 521 -44.52 -4.26 32.35
CA GLU A 521 -44.76 -5.31 33.34
C GLU A 521 -44.59 -4.76 34.75
N VAL A 522 -43.64 -3.83 34.91
CA VAL A 522 -43.40 -3.20 36.19
C VAL A 522 -43.80 -1.72 36.08
N SER A 523 -44.53 -1.23 37.08
CA SER A 523 -45.01 0.16 37.12
C SER A 523 -44.85 0.77 38.49
N TRP A 524 -44.98 2.09 38.55
CA TRP A 524 -44.88 2.84 39.81
C TRP A 524 -45.95 3.91 39.81
N GLN A 525 -46.44 4.24 41.00
CA GLN A 525 -47.47 5.26 41.13
C GLN A 525 -47.33 6.05 42.42
N TYR B 1 28.17 13.28 29.41
CA TYR B 1 27.31 12.29 28.70
C TYR B 1 27.07 11.05 29.53
N GLU B 2 26.11 10.25 29.10
CA GLU B 2 25.80 9.02 29.82
C GLU B 2 26.72 7.90 29.35
N GLN B 3 27.39 7.27 30.29
CA GLN B 3 28.29 6.18 29.99
C GLN B 3 27.55 5.12 29.20
N ASP B 4 28.19 4.65 28.15
CA ASP B 4 27.67 3.61 27.26
C ASP B 4 26.39 3.90 26.50
N LYS B 5 25.96 5.16 26.44
CA LYS B 5 24.76 5.46 25.69
C LYS B 5 25.22 5.82 24.28
N THR B 6 24.50 5.33 23.27
CA THR B 6 24.82 5.65 21.87
C THR B 6 23.90 6.79 21.44
N TYR B 7 24.50 7.95 21.18
CA TYR B 7 23.73 9.12 20.75
C TYR B 7 23.76 9.25 19.24
N LYS B 8 22.62 9.58 18.63
CA LYS B 8 22.57 9.77 17.18
C LYS B 8 22.57 11.28 16.91
N ILE B 9 23.50 11.70 16.07
CA ILE B 9 23.68 13.11 15.74
C ILE B 9 23.84 13.25 14.24
N THR B 10 22.97 14.03 13.61
CA THR B 10 23.05 14.26 12.18
C THR B 10 23.47 15.70 11.94
N VAL B 11 24.52 15.89 11.13
CA VAL B 11 24.98 17.25 10.83
C VAL B 11 24.68 17.53 9.36
N LEU B 12 23.86 18.55 9.11
CA LEU B 12 23.52 18.95 7.76
C LEU B 12 24.38 20.16 7.38
N HIS B 13 24.72 20.30 6.11
CA HIS B 13 25.55 21.44 5.74
C HIS B 13 25.42 21.84 4.28
N THR B 14 25.66 23.13 4.03
CA THR B 14 25.65 23.73 2.70
C THR B 14 26.76 24.79 2.73
N ASN B 15 27.05 25.41 1.60
CA ASN B 15 28.10 26.41 1.56
C ASN B 15 28.04 27.09 0.23
N ASP B 16 28.64 28.29 0.14
CA ASP B 16 28.70 29.02 -1.11
C ASP B 16 27.37 29.19 -1.82
N HIS B 17 26.38 29.54 -1.00
CA HIS B 17 25.02 29.81 -1.43
C HIS B 17 24.98 30.91 -2.49
N HIS B 18 25.79 31.96 -2.32
CA HIS B 18 25.90 33.04 -3.30
C HIS B 18 24.62 33.62 -3.90
N GLY B 19 23.71 34.04 -3.02
CA GLY B 19 22.47 34.66 -3.43
C GLY B 19 21.39 33.83 -4.09
N HIS B 20 21.52 32.50 -4.09
CA HIS B 20 20.51 31.64 -4.76
C HIS B 20 19.32 31.27 -3.87
N PHE B 21 18.70 32.29 -3.29
CA PHE B 21 17.53 32.04 -2.46
C PHE B 21 16.34 31.45 -3.25
N TRP B 22 16.26 31.78 -4.53
CA TRP B 22 15.18 31.34 -5.41
C TRP B 22 15.60 30.13 -6.29
N ARG B 23 14.63 29.30 -6.70
CA ARG B 23 14.96 28.16 -7.56
C ARG B 23 15.39 28.77 -8.91
N ASN B 24 16.15 28.00 -9.71
CA ASN B 24 16.63 28.51 -11.00
C ASN B 24 15.59 28.28 -12.11
N GLU B 25 15.92 28.69 -13.33
CA GLU B 25 15.00 28.59 -14.47
C GLU B 25 14.49 27.17 -14.74
N TYR B 26 15.19 26.18 -14.20
CA TYR B 26 14.80 24.78 -14.41
C TYR B 26 14.14 24.15 -13.18
N GLY B 27 13.79 24.98 -12.19
CA GLY B 27 13.13 24.48 -11.01
C GLY B 27 14.05 23.76 -10.04
N GLU B 28 15.34 24.01 -10.18
CA GLU B 28 16.35 23.39 -9.32
C GLU B 28 16.64 24.27 -8.09
N TYR B 29 17.04 23.61 -7.01
CA TYR B 29 17.36 24.27 -5.76
C TYR B 29 16.47 25.37 -5.23
N GLY B 30 17.07 26.40 -4.61
CA GLY B 30 16.27 27.44 -4.00
C GLY B 30 16.04 27.07 -2.53
N LEU B 31 15.86 28.07 -1.66
CA LEU B 31 15.64 27.82 -0.22
C LEU B 31 14.26 27.27 0.16
N ALA B 32 13.25 27.45 -0.70
CA ALA B 32 11.92 26.92 -0.38
C ALA B 32 11.96 25.39 -0.39
N ALA B 33 12.67 24.78 -1.35
CA ALA B 33 12.81 23.32 -1.39
C ALA B 33 13.74 22.92 -0.27
N GLN B 34 14.77 23.74 -0.05
CA GLN B 34 15.70 23.42 1.02
C GLN B 34 14.96 23.31 2.38
N LYS B 35 14.06 24.26 2.63
CA LYS B 35 13.26 24.27 3.87
C LYS B 35 12.48 22.96 4.01
N THR B 36 11.77 22.55 2.96
CA THR B 36 11.00 21.31 3.03
C THR B 36 11.91 20.12 3.36
N LEU B 37 13.03 20.04 2.64
CA LEU B 37 13.99 18.94 2.84
C LEU B 37 14.51 18.87 4.28
N VAL B 38 15.00 19.99 4.80
CA VAL B 38 15.51 20.03 6.16
C VAL B 38 14.39 19.75 7.19
N ASP B 39 13.20 20.31 6.99
CA ASP B 39 12.09 20.07 7.93
C ASP B 39 11.84 18.55 7.98
N GLY B 40 11.89 17.89 6.83
CA GLY B 40 11.65 16.45 6.80
C GLY B 40 12.72 15.66 7.52
N ILE B 41 13.97 16.10 7.40
CA ILE B 41 15.06 15.40 8.07
C ILE B 41 14.96 15.61 9.57
N ARG B 42 14.59 16.83 9.99
CA ARG B 42 14.43 17.10 11.41
C ARG B 42 13.36 16.18 11.99
N LYS B 43 12.25 16.05 11.29
CA LYS B 43 11.17 15.18 11.76
C LYS B 43 11.65 13.74 11.86
N GLU B 44 12.32 13.28 10.80
CA GLU B 44 12.84 11.91 10.76
C GLU B 44 13.83 11.66 11.89
N VAL B 45 14.80 12.55 12.08
CA VAL B 45 15.79 12.36 13.13
C VAL B 45 15.16 12.42 14.53
N ALA B 46 14.16 13.27 14.71
CA ALA B 46 13.49 13.36 16.00
C ALA B 46 12.82 12.03 16.33
N ALA B 47 12.21 11.40 15.31
CA ALA B 47 11.54 10.12 15.48
C ALA B 47 12.50 9.01 15.89
N GLU B 48 13.73 9.10 15.39
CA GLU B 48 14.75 8.10 15.70
C GLU B 48 15.48 8.43 16.99
N GLY B 49 15.08 9.50 17.66
CA GLY B 49 15.71 9.89 18.91
C GLY B 49 17.03 10.64 18.81
N GLY B 50 17.38 11.14 17.63
CA GLY B 50 18.63 11.84 17.48
C GLY B 50 18.52 13.34 17.50
N SER B 51 19.64 14.01 17.20
CA SER B 51 19.69 15.45 17.17
C SER B 51 20.20 15.89 15.79
N VAL B 52 19.88 17.13 15.41
CA VAL B 52 20.32 17.70 14.14
C VAL B 52 21.07 19.02 14.35
N LEU B 53 22.11 19.26 13.55
CA LEU B 53 22.86 20.50 13.61
C LEU B 53 22.98 20.90 12.12
N LEU B 54 22.62 22.15 11.76
CA LEU B 54 22.72 22.59 10.36
C LEU B 54 23.72 23.73 10.27
N LEU B 55 24.77 23.53 9.46
CA LEU B 55 25.85 24.51 9.36
C LEU B 55 26.11 24.96 7.94
N SER B 56 26.59 26.19 7.80
CA SER B 56 26.94 26.76 6.50
C SER B 56 28.44 27.09 6.43
N GLY B 57 29.03 26.80 5.27
CA GLY B 57 30.42 27.13 5.02
C GLY B 57 30.67 28.56 4.57
N GLY B 58 29.64 29.40 4.55
CA GLY B 58 29.89 30.79 4.17
C GLY B 58 29.73 31.15 2.71
N ASP B 59 30.01 32.42 2.37
CA ASP B 59 29.84 32.98 1.03
C ASP B 59 28.36 32.94 0.64
N ILE B 60 27.56 33.60 1.49
CA ILE B 60 26.13 33.73 1.26
C ILE B 60 25.93 34.87 0.28
N ASN B 61 26.74 35.91 0.43
CA ASN B 61 26.67 37.10 -0.43
C ASN B 61 27.22 36.92 -1.83
N THR B 62 26.57 37.63 -2.75
CA THR B 62 27.00 37.79 -4.13
C THR B 62 26.87 36.66 -5.11
N GLY B 63 26.14 36.92 -6.20
CA GLY B 63 25.97 35.88 -7.19
C GLY B 63 24.67 35.87 -7.97
N VAL B 64 23.65 36.59 -7.48
CA VAL B 64 22.35 36.67 -8.17
C VAL B 64 21.93 38.13 -7.99
N PRO B 65 21.69 38.86 -9.10
CA PRO B 65 21.31 40.27 -8.97
C PRO B 65 20.19 40.59 -7.98
N GLU B 66 19.13 39.79 -7.93
CA GLU B 66 18.02 40.08 -7.02
C GLU B 66 18.47 40.02 -5.57
N SER B 67 19.44 39.18 -5.31
CA SER B 67 19.97 39.06 -3.96
C SER B 67 20.95 40.20 -3.71
N ASP B 68 21.89 40.35 -4.62
CA ASP B 68 22.93 41.38 -4.47
C ASP B 68 22.31 42.76 -4.24
N LEU B 69 21.31 43.09 -5.05
CA LEU B 69 20.62 44.38 -4.98
C LEU B 69 20.01 44.65 -3.59
N GLN B 70 19.73 43.58 -2.86
CA GLN B 70 19.13 43.72 -1.52
C GLN B 70 20.05 43.22 -0.40
N ASP B 71 21.36 43.21 -0.70
CA ASP B 71 22.38 42.80 0.27
C ASP B 71 22.11 41.46 0.93
N ALA B 72 21.62 40.54 0.11
CA ALA B 72 21.33 39.18 0.53
C ALA B 72 20.33 39.06 1.68
N GLU B 73 19.47 40.08 1.87
CA GLU B 73 18.46 40.00 2.92
C GLU B 73 17.57 38.77 2.74
N PRO B 74 17.09 38.50 1.51
CA PRO B 74 16.24 37.31 1.36
C PRO B 74 16.98 36.03 1.76
N ASP B 75 18.26 35.96 1.40
CA ASP B 75 19.05 34.76 1.73
C ASP B 75 19.22 34.58 3.22
N PHE B 76 19.59 35.63 3.94
CA PHE B 76 19.73 35.45 5.37
C PHE B 76 18.40 35.14 6.04
N ARG B 77 17.33 35.84 5.69
CA ARG B 77 16.06 35.55 6.36
C ARG B 77 15.57 34.16 5.94
N GLY B 78 15.90 33.75 4.72
CA GLY B 78 15.51 32.41 4.28
C GLY B 78 16.27 31.39 5.13
N MET B 79 17.55 31.66 5.38
CA MET B 79 18.34 30.74 6.21
C MET B 79 17.77 30.64 7.62
N ASN B 80 17.25 31.75 8.14
CA ASN B 80 16.63 31.73 9.46
C ASN B 80 15.46 30.73 9.47
N LEU B 81 14.66 30.76 8.42
CA LEU B 81 13.49 29.91 8.31
C LEU B 81 13.88 28.44 8.09
N VAL B 82 14.95 28.18 7.34
CA VAL B 82 15.39 26.80 7.16
C VAL B 82 15.90 26.36 8.53
N GLY B 83 16.41 27.32 9.29
CA GLY B 83 16.89 27.02 10.64
C GLY B 83 18.37 26.74 10.82
N TYR B 84 19.22 27.50 10.14
CA TYR B 84 20.66 27.28 10.32
C TYR B 84 21.06 27.51 11.77
N ASP B 85 22.00 26.71 12.24
CA ASP B 85 22.52 26.82 13.60
C ASP B 85 23.74 27.72 13.69
N ALA B 86 24.56 27.76 12.62
CA ALA B 86 25.75 28.60 12.61
C ALA B 86 26.29 28.62 11.21
N MET B 87 27.09 29.66 10.93
CA MET B 87 27.73 29.85 9.62
C MET B 87 29.16 30.39 9.78
N ALA B 88 30.09 29.88 8.95
CA ALA B 88 31.44 30.41 8.94
C ALA B 88 31.38 31.63 8.03
N ILE B 89 32.10 32.69 8.40
CA ILE B 89 32.13 33.88 7.55
C ILE B 89 33.00 33.62 6.33
N GLY B 90 32.48 33.92 5.15
CA GLY B 90 33.26 33.72 3.94
C GLY B 90 33.87 35.03 3.44
N ASN B 91 34.72 34.95 2.42
CA ASN B 91 35.34 36.17 1.92
C ASN B 91 34.33 37.07 1.25
N HIS B 92 33.29 36.52 0.66
CA HIS B 92 32.33 37.39 0.03
C HIS B 92 31.44 38.13 1.03
N GLU B 93 31.53 37.78 2.29
CA GLU B 93 30.79 38.54 3.30
C GLU B 93 31.51 39.90 3.46
N PHE B 94 32.65 40.05 2.80
CA PHE B 94 33.35 41.33 2.83
C PHE B 94 33.26 42.09 1.51
N ASP B 95 32.29 41.71 0.66
CA ASP B 95 32.12 42.39 -0.61
C ASP B 95 31.47 43.73 -0.33
N ASN B 96 30.72 43.80 0.76
CA ASN B 96 30.06 45.03 1.14
C ASN B 96 30.80 45.64 2.31
N PRO B 97 30.51 46.91 2.65
CA PRO B 97 31.15 47.59 3.78
C PRO B 97 30.84 46.79 5.03
N LEU B 98 31.68 46.92 6.04
CA LEU B 98 31.48 46.19 7.27
C LEU B 98 30.13 46.48 7.93
N THR B 99 29.58 47.67 7.72
CA THR B 99 28.26 48.00 8.28
C THR B 99 27.19 47.04 7.72
N VAL B 100 27.34 46.65 6.46
CA VAL B 100 26.37 45.73 5.85
C VAL B 100 26.45 44.36 6.54
N LEU B 101 27.68 43.89 6.76
CA LEU B 101 27.90 42.60 7.40
C LEU B 101 27.33 42.62 8.81
N ARG B 102 27.55 43.72 9.55
CA ARG B 102 26.97 43.81 10.89
C ARG B 102 25.46 43.73 10.77
N GLN B 103 24.90 44.37 9.74
CA GLN B 103 23.45 44.34 9.53
C GLN B 103 23.00 42.89 9.26
N GLN B 104 23.83 42.13 8.54
CA GLN B 104 23.49 40.74 8.23
C GLN B 104 23.54 39.92 9.52
N GLU B 105 24.46 40.25 10.41
CA GLU B 105 24.54 39.55 11.68
C GLU B 105 23.26 39.84 12.47
N LYS B 106 22.72 41.05 12.35
CA LYS B 106 21.46 41.34 13.08
C LYS B 106 20.30 40.54 12.51
N TRP B 107 20.24 40.42 11.18
CA TRP B 107 19.17 39.67 10.52
C TRP B 107 19.23 38.20 10.89
N ALA B 108 20.44 37.65 10.82
CA ALA B 108 20.70 36.24 11.13
C ALA B 108 20.39 35.85 12.58
N LYS B 109 19.55 34.83 12.78
CA LYS B 109 19.19 34.39 14.13
C LYS B 109 20.23 33.39 14.61
N PHE B 110 21.17 33.09 13.72
CA PHE B 110 22.28 32.17 14.01
C PHE B 110 23.58 32.98 13.93
N PRO B 111 24.59 32.58 14.70
CA PRO B 111 25.86 33.32 14.68
C PRO B 111 26.71 33.17 13.43
N LEU B 112 27.31 34.28 13.00
CA LEU B 112 28.25 34.27 11.88
C LEU B 112 29.57 34.20 12.64
N LEU B 113 30.31 33.11 12.44
CA LEU B 113 31.55 32.87 13.17
C LEU B 113 32.83 32.99 12.42
N SER B 114 33.86 33.42 13.13
CA SER B 114 35.20 33.46 12.57
C SER B 114 36.17 33.83 13.68
N ALA B 115 37.02 32.88 14.01
CA ALA B 115 37.99 33.02 15.07
C ALA B 115 39.27 33.71 14.66
N ASN B 116 39.52 33.81 13.36
CA ASN B 116 40.80 34.37 12.93
C ASN B 116 40.87 35.78 12.32
N ILE B 117 39.77 36.53 12.38
CA ILE B 117 39.70 37.88 11.86
C ILE B 117 39.90 38.84 13.04
N TYR B 118 40.97 39.62 12.99
CA TYR B 118 41.28 40.56 14.07
C TYR B 118 41.32 42.02 13.65
N GLN B 119 41.02 42.92 14.59
CA GLN B 119 41.08 44.35 14.33
C GLN B 119 42.55 44.68 14.61
N LYS B 120 43.27 45.16 13.61
CA LYS B 120 44.69 45.45 13.78
C LYS B 120 45.01 46.40 14.94
N SER B 121 44.26 47.50 15.00
CA SER B 121 44.48 48.52 16.02
C SER B 121 44.19 48.11 17.47
N THR B 122 43.46 47.03 17.69
CA THR B 122 43.16 46.60 19.06
C THR B 122 43.65 45.20 19.36
N GLY B 123 43.86 44.39 18.31
CA GLY B 123 44.32 43.04 18.51
C GLY B 123 43.20 42.13 19.00
N GLU B 124 41.96 42.60 18.85
CA GLU B 124 40.81 41.81 19.26
C GLU B 124 40.04 41.21 18.09
N ARG B 125 39.35 40.10 18.33
CA ARG B 125 38.54 39.46 17.30
C ARG B 125 37.35 40.33 16.91
N LEU B 126 37.01 40.33 15.62
CA LEU B 126 35.86 41.11 15.14
C LEU B 126 34.55 40.32 15.23
N PHE B 127 34.64 38.99 15.33
CA PHE B 127 33.45 38.14 15.40
C PHE B 127 33.58 37.06 16.46
N LYS B 128 32.48 36.36 16.73
CA LYS B 128 32.51 35.29 17.70
C LYS B 128 33.35 34.19 17.07
N PRO B 129 34.25 33.58 17.86
CA PRO B 129 35.13 32.51 17.35
C PRO B 129 34.45 31.16 17.24
N TRP B 130 33.50 30.93 18.15
CA TRP B 130 32.77 29.66 18.19
C TRP B 130 31.38 29.85 18.76
N ALA B 131 30.59 28.77 18.71
CA ALA B 131 29.24 28.76 19.25
C ALA B 131 29.04 27.38 19.87
N LEU B 132 28.35 27.35 21.00
CA LEU B 132 28.09 26.12 21.72
C LEU B 132 26.64 25.68 21.52
N PHE B 133 26.42 24.37 21.42
CA PHE B 133 25.10 23.83 21.23
C PHE B 133 24.86 22.67 22.18
N LYS B 134 23.64 22.57 22.66
CA LYS B 134 23.24 21.47 23.53
C LYS B 134 22.30 20.61 22.71
N ARG B 135 22.62 19.33 22.65
CA ARG B 135 21.79 18.37 21.92
C ARG B 135 21.76 17.20 22.91
N GLN B 136 20.56 16.94 23.44
CA GLN B 136 20.39 15.89 24.45
C GLN B 136 21.27 16.42 25.60
N ASP B 137 22.20 15.62 26.11
CA ASP B 137 23.06 16.15 27.19
C ASP B 137 24.51 16.25 26.73
N LEU B 138 24.68 16.43 25.42
CA LEU B 138 26.01 16.56 24.83
C LEU B 138 26.24 18.03 24.51
N LYS B 139 27.48 18.48 24.66
CA LYS B 139 27.84 19.85 24.33
C LYS B 139 28.68 19.80 23.06
N ILE B 140 28.19 20.45 22.00
CA ILE B 140 28.90 20.46 20.73
C ILE B 140 29.36 21.88 20.44
N ALA B 141 30.63 22.05 20.08
CA ALA B 141 31.15 23.37 19.77
C ALA B 141 31.41 23.49 18.27
N VAL B 142 31.10 24.65 17.71
CA VAL B 142 31.35 24.87 16.31
C VAL B 142 32.26 26.09 16.20
N ILE B 143 33.46 25.87 15.67
CA ILE B 143 34.45 26.93 15.50
C ILE B 143 34.30 27.42 14.06
N GLY B 144 34.52 28.72 13.84
CA GLY B 144 34.44 29.26 12.50
C GLY B 144 35.80 29.77 12.08
N LEU B 145 36.15 29.59 10.81
CA LEU B 145 37.44 30.06 10.28
C LEU B 145 37.22 30.56 8.87
N THR B 146 37.93 31.64 8.53
CA THR B 146 37.83 32.29 7.24
C THR B 146 39.21 32.28 6.56
N THR B 147 39.24 31.96 5.27
CA THR B 147 40.51 31.92 4.53
C THR B 147 41.26 33.23 4.68
N ASP B 148 42.55 33.15 4.96
CA ASP B 148 43.33 34.39 5.09
C ASP B 148 43.68 34.99 3.72
N ASP B 149 43.13 34.39 2.66
CA ASP B 149 43.34 34.90 1.31
C ASP B 149 42.40 36.08 1.08
N THR B 150 41.43 36.23 1.97
CA THR B 150 40.42 37.29 1.87
C THR B 150 41.02 38.67 1.70
N ALA B 151 42.13 38.94 2.39
CA ALA B 151 42.77 40.24 2.32
C ALA B 151 43.28 40.60 0.93
N LYS B 152 43.48 39.60 0.09
CA LYS B 152 43.96 39.85 -1.27
C LYS B 152 42.85 39.80 -2.34
N ILE B 153 41.98 38.81 -2.27
CA ILE B 153 40.93 38.66 -3.26
C ILE B 153 39.73 39.53 -2.97
N GLY B 154 39.72 40.14 -1.79
CA GLY B 154 38.65 41.04 -1.44
C GLY B 154 39.18 42.46 -1.61
N ASN B 155 38.28 43.44 -1.56
CA ASN B 155 38.65 44.84 -1.72
C ASN B 155 39.51 45.39 -0.58
N PRO B 156 40.81 45.65 -0.84
CA PRO B 156 41.77 46.17 0.15
C PRO B 156 41.36 47.41 0.94
N GLU B 157 40.54 48.29 0.36
CA GLU B 157 40.17 49.47 1.11
C GLU B 157 39.32 49.16 2.33
N TYR B 158 38.79 47.93 2.38
CA TYR B 158 37.98 47.50 3.51
C TYR B 158 38.82 46.89 4.62
N PHE B 159 40.06 46.51 4.31
CA PHE B 159 40.88 45.86 5.31
C PHE B 159 42.02 46.68 5.93
N THR B 160 41.95 48.00 5.83
CA THR B 160 43.02 48.83 6.40
C THR B 160 43.29 48.53 7.88
N ASP B 161 42.25 48.17 8.65
CA ASP B 161 42.44 47.86 10.07
C ASP B 161 41.93 46.46 10.47
N ILE B 162 41.96 45.56 9.50
CA ILE B 162 41.53 44.18 9.71
C ILE B 162 42.63 43.26 9.23
N GLU B 163 42.86 42.20 9.98
CA GLU B 163 43.90 41.26 9.62
C GLU B 163 43.32 39.86 9.72
N PHE B 164 43.64 39.01 8.74
CA PHE B 164 43.16 37.64 8.75
C PHE B 164 44.34 36.78 9.13
N ARG B 165 44.36 36.30 10.38
CA ARG B 165 45.47 35.49 10.83
C ARG B 165 45.35 34.09 10.26
N LYS B 166 46.44 33.33 10.33
CA LYS B 166 46.43 31.97 9.79
C LYS B 166 45.39 31.11 10.48
N PRO B 167 44.37 30.68 9.71
CA PRO B 167 43.28 29.85 10.22
C PRO B 167 43.78 28.62 10.95
N ALA B 168 44.65 27.86 10.29
CA ALA B 168 45.16 26.64 10.92
C ALA B 168 45.75 26.92 12.30
N ASP B 169 46.52 27.99 12.42
CA ASP B 169 47.11 28.29 13.73
C ASP B 169 46.02 28.75 14.68
N GLU B 170 45.07 29.54 14.21
CA GLU B 170 44.01 30.01 15.10
C GLU B 170 43.24 28.81 15.64
N ALA B 171 43.04 27.81 14.78
CA ALA B 171 42.29 26.61 15.18
C ALA B 171 42.98 25.88 16.32
N LYS B 172 44.30 25.75 16.26
CA LYS B 172 45.00 25.06 17.35
C LYS B 172 44.67 25.77 18.67
N LEU B 173 44.82 27.09 18.69
CA LEU B 173 44.55 27.84 19.92
C LEU B 173 43.12 27.69 20.44
N VAL B 174 42.13 27.86 19.55
CA VAL B 174 40.73 27.77 19.94
C VAL B 174 40.35 26.38 20.45
N ILE B 175 40.86 25.33 19.81
CA ILE B 175 40.53 23.99 20.25
C ILE B 175 41.03 23.82 21.69
N GLN B 176 42.28 24.24 21.93
CA GLN B 176 42.87 24.15 23.26
C GLN B 176 42.06 24.97 24.26
N GLU B 177 41.71 26.19 23.89
CA GLU B 177 40.95 27.04 24.77
C GLU B 177 39.62 26.36 25.13
N LEU B 178 38.97 25.78 24.12
CA LEU B 178 37.69 25.12 24.32
C LEU B 178 37.77 23.94 25.26
N GLN B 179 38.82 23.15 25.12
CA GLN B 179 39.00 21.96 25.95
C GLN B 179 39.27 22.30 27.42
N GLN B 180 39.74 23.51 27.69
CA GLN B 180 40.06 23.91 29.05
C GLN B 180 38.90 24.63 29.72
N THR B 181 38.11 25.35 28.93
CA THR B 181 37.02 26.10 29.51
C THR B 181 35.64 25.46 29.37
N GLU B 182 35.24 25.16 28.13
CA GLU B 182 33.93 24.59 27.87
C GLU B 182 33.83 23.07 27.94
N LYS B 183 34.94 22.39 27.67
CA LYS B 183 34.98 20.93 27.70
C LYS B 183 33.88 20.34 26.82
N PRO B 184 33.84 20.71 25.53
CA PRO B 184 32.81 20.18 24.63
C PRO B 184 33.02 18.69 24.36
N ASP B 185 31.93 17.96 24.14
CA ASP B 185 32.02 16.53 23.86
C ASP B 185 32.50 16.33 22.42
N ILE B 186 32.07 17.26 21.57
CA ILE B 186 32.37 17.26 20.14
C ILE B 186 32.74 18.66 19.65
N ILE B 187 33.72 18.73 18.74
CA ILE B 187 34.13 20.00 18.15
C ILE B 187 34.14 19.85 16.65
N ILE B 188 33.44 20.75 15.98
CA ILE B 188 33.35 20.76 14.52
C ILE B 188 33.81 22.14 14.09
N ALA B 189 34.49 22.22 12.94
CA ALA B 189 34.89 23.52 12.45
C ALA B 189 34.12 23.79 11.16
N ALA B 190 33.46 24.94 11.07
CA ALA B 190 32.78 25.35 9.86
C ALA B 190 33.83 26.30 9.26
N THR B 191 34.26 26.04 8.04
CA THR B 191 35.32 26.87 7.48
C THR B 191 35.09 27.28 6.05
N HIS B 192 35.69 28.41 5.67
CA HIS B 192 35.61 28.90 4.33
C HIS B 192 37.06 28.99 3.92
N MET B 193 37.63 27.82 3.73
CA MET B 193 39.05 27.69 3.43
C MET B 193 39.39 26.97 2.14
N GLY B 194 38.53 26.04 1.76
CA GLY B 194 38.74 25.29 0.53
C GLY B 194 39.35 23.91 0.68
N HIS B 195 38.90 22.99 -0.16
CA HIS B 195 39.44 21.64 -0.15
C HIS B 195 40.32 21.45 -1.38
N TYR B 196 41.59 21.13 -1.14
CA TYR B 196 42.55 20.91 -2.21
C TYR B 196 43.11 19.49 -2.09
N ASP B 197 42.98 18.73 -3.18
CA ASP B 197 43.46 17.35 -3.20
C ASP B 197 44.85 17.26 -2.57
N ASN B 198 44.99 16.40 -1.57
CA ASN B 198 46.27 16.17 -0.91
C ASN B 198 46.91 17.41 -0.30
N GLY B 199 46.12 18.49 -0.17
CA GLY B 199 46.66 19.70 0.41
C GLY B 199 47.47 20.51 -0.59
N GLU B 200 47.28 20.23 -1.87
CA GLU B 200 48.01 20.92 -2.91
C GLU B 200 47.30 22.22 -3.27
N HIS B 201 47.31 23.14 -2.32
CA HIS B 201 46.66 24.44 -2.45
C HIS B 201 47.33 25.36 -3.46
N GLY B 202 48.60 25.07 -3.75
CA GLY B 202 49.33 25.87 -4.71
C GLY B 202 49.49 27.31 -4.25
N SER B 203 49.15 28.26 -5.12
CA SER B 203 49.24 29.67 -4.79
C SER B 203 48.08 30.09 -3.86
N ASN B 204 47.09 29.23 -3.69
CA ASN B 204 45.98 29.58 -2.81
C ASN B 204 46.42 29.41 -1.35
N ALA B 205 45.80 30.15 -0.44
CA ALA B 205 46.16 30.00 0.95
C ALA B 205 45.85 28.54 1.31
N PRO B 206 46.62 27.94 2.23
CA PRO B 206 46.37 26.55 2.63
C PRO B 206 44.91 26.44 3.12
N GLY B 207 44.29 25.29 2.88
CA GLY B 207 42.92 25.11 3.28
C GLY B 207 42.70 24.00 4.29
N ASP B 208 41.53 23.36 4.17
CA ASP B 208 41.14 22.29 5.07
C ASP B 208 42.08 21.11 5.21
N VAL B 209 42.56 20.55 4.10
CA VAL B 209 43.42 19.38 4.22
C VAL B 209 44.70 19.68 5.00
N GLU B 210 45.44 20.71 4.57
CA GLU B 210 46.66 21.04 5.27
C GLU B 210 46.36 21.38 6.75
N MET B 211 45.23 22.01 7.04
CA MET B 211 44.93 22.31 8.42
C MET B 211 44.63 21.05 9.23
N ALA B 212 43.83 20.15 8.66
CA ALA B 212 43.49 18.91 9.36
C ALA B 212 44.78 18.15 9.71
N ARG B 213 45.74 18.21 8.81
CA ARG B 213 47.00 17.51 9.01
C ARG B 213 47.86 18.11 10.12
N ALA B 214 47.77 19.43 10.29
CA ALA B 214 48.57 20.12 11.31
C ALA B 214 47.96 20.13 12.71
N LEU B 215 46.68 19.81 12.81
CA LEU B 215 46.04 19.77 14.12
C LEU B 215 46.24 18.40 14.73
N PRO B 216 45.98 18.28 16.04
CA PRO B 216 46.13 16.99 16.73
C PRO B 216 45.14 15.99 16.13
N ALA B 217 45.56 14.73 16.01
CA ALA B 217 44.69 13.71 15.44
C ALA B 217 43.34 13.70 16.13
N GLY B 218 42.28 13.67 15.32
CA GLY B 218 40.92 13.65 15.84
C GLY B 218 40.53 14.77 16.79
N SER B 219 41.26 15.89 16.78
CA SER B 219 40.92 17.00 17.66
C SER B 219 39.64 17.68 17.18
N LEU B 220 39.23 17.34 15.95
CA LEU B 220 37.98 17.84 15.35
C LEU B 220 37.23 16.64 14.82
N ALA B 221 35.92 16.59 15.02
CA ALA B 221 35.17 15.47 14.50
C ALA B 221 35.11 15.61 12.97
N MET B 222 34.91 16.84 12.50
CA MET B 222 34.77 17.08 11.08
C MET B 222 34.95 18.56 10.78
N ILE B 223 35.30 18.86 9.54
CA ILE B 223 35.47 20.22 9.05
C ILE B 223 34.39 20.36 7.98
N VAL B 224 33.44 21.26 8.23
CA VAL B 224 32.36 21.54 7.29
C VAL B 224 32.90 22.71 6.48
N GLY B 225 33.30 22.43 5.24
CA GLY B 225 33.93 23.45 4.43
C GLY B 225 33.21 24.19 3.33
N GLY B 226 34.00 24.90 2.52
CA GLY B 226 33.44 25.67 1.44
C GLY B 226 34.56 26.34 0.67
N HIS B 227 34.23 27.47 0.03
CA HIS B 227 35.15 28.31 -0.74
C HIS B 227 35.67 27.72 -2.08
N SER B 228 36.25 26.52 -2.07
CA SER B 228 36.72 25.95 -3.35
C SER B 228 35.51 25.57 -4.20
N GLN B 229 34.35 25.46 -3.56
CA GLN B 229 33.09 25.13 -4.23
C GLN B 229 33.13 23.79 -4.96
N ASP B 230 33.27 22.76 -4.14
CA ASP B 230 33.33 21.38 -4.60
C ASP B 230 32.48 20.45 -3.81
N PRO B 231 31.99 19.39 -4.46
CA PRO B 231 31.23 18.43 -3.68
C PRO B 231 32.48 17.62 -3.25
N VAL B 232 32.83 17.59 -1.97
CA VAL B 232 34.00 16.81 -1.61
C VAL B 232 33.60 15.34 -1.51
N CYS B 233 33.80 14.63 -2.62
CA CYS B 233 33.47 13.20 -2.74
C CYS B 233 34.74 12.64 -3.37
N MET B 234 35.40 11.76 -2.62
CA MET B 234 36.67 11.20 -3.08
C MET B 234 36.57 10.04 -4.05
N ALA B 235 37.29 10.16 -5.17
CA ALA B 235 37.35 9.10 -6.19
C ALA B 235 38.44 8.10 -5.76
N ALA B 236 39.41 8.59 -5.00
CA ALA B 236 40.51 7.76 -4.52
C ALA B 236 41.25 8.55 -3.46
N GLU B 237 42.07 7.87 -2.67
CA GLU B 237 42.79 8.56 -1.61
C GLU B 237 43.41 9.85 -2.17
N ASN B 238 43.05 10.97 -1.54
CA ASN B 238 43.52 12.29 -1.90
C ASN B 238 43.17 12.79 -3.31
N LYS B 239 42.11 12.24 -3.91
CA LYS B 239 41.66 12.67 -5.22
C LYS B 239 40.15 12.85 -5.25
N LYS B 240 39.65 14.09 -5.32
CA LYS B 240 38.21 14.29 -5.40
C LYS B 240 37.72 13.78 -6.75
N GLN B 241 36.47 13.33 -6.78
CA GLN B 241 35.86 12.89 -8.01
C GLN B 241 35.78 14.10 -8.91
N VAL B 242 35.94 13.87 -10.21
CA VAL B 242 35.81 14.92 -11.21
C VAL B 242 34.40 14.69 -11.78
N ASP B 243 33.67 15.76 -12.05
CA ASP B 243 32.30 15.64 -12.58
C ASP B 243 31.40 14.72 -11.74
N TYR B 244 31.36 14.98 -10.43
CA TYR B 244 30.52 14.21 -9.52
C TYR B 244 29.06 14.27 -10.02
N VAL B 245 28.35 13.14 -9.93
CA VAL B 245 26.96 13.05 -10.40
C VAL B 245 25.93 13.08 -9.25
N PRO B 246 24.96 14.02 -9.30
CA PRO B 246 23.97 14.05 -8.21
C PRO B 246 23.34 12.67 -7.99
N GLY B 247 23.00 12.35 -6.74
CA GLY B 247 22.36 11.09 -6.44
C GLY B 247 23.29 9.89 -6.30
N THR B 248 24.60 10.09 -6.52
CA THR B 248 25.56 8.98 -6.38
C THR B 248 26.33 9.08 -5.07
N PRO B 249 26.94 7.98 -4.65
CA PRO B 249 27.71 7.95 -3.40
C PRO B 249 28.73 9.07 -3.30
N CYS B 250 28.88 9.59 -2.10
CA CYS B 250 29.85 10.64 -1.88
C CYS B 250 30.66 10.22 -0.65
N LYS B 251 31.93 9.94 -0.83
CA LYS B 251 32.77 9.56 0.30
C LYS B 251 33.54 10.82 0.70
N PRO B 252 33.27 11.35 1.89
CA PRO B 252 33.96 12.56 2.35
C PRO B 252 35.45 12.29 2.51
N ASP B 253 36.26 13.34 2.48
CA ASP B 253 37.70 13.13 2.65
C ASP B 253 37.95 12.96 4.17
N GLN B 254 39.07 12.34 4.53
CA GLN B 254 39.40 12.14 5.94
C GLN B 254 40.91 12.22 6.09
N GLN B 255 41.34 13.20 6.87
CA GLN B 255 42.76 13.46 7.07
C GLN B 255 43.08 13.58 8.55
N ASN B 256 44.04 12.79 8.99
CA ASN B 256 44.48 12.81 10.37
C ASN B 256 43.31 12.59 11.32
N GLY B 257 42.46 11.64 10.94
CA GLY B 257 41.30 11.29 11.73
C GLY B 257 40.15 12.29 11.68
N ILE B 258 40.31 13.33 10.88
CA ILE B 258 39.29 14.39 10.77
C ILE B 258 38.54 14.33 9.43
N TRP B 259 37.22 14.22 9.47
CA TRP B 259 36.44 14.19 8.24
C TRP B 259 36.37 15.62 7.68
N ILE B 260 36.41 15.73 6.36
CA ILE B 260 36.31 17.03 5.69
C ILE B 260 35.19 16.91 4.64
N VAL B 261 34.18 17.76 4.75
CA VAL B 261 33.05 17.70 3.82
C VAL B 261 32.80 19.05 3.14
N GLN B 262 32.07 19.02 2.03
CA GLN B 262 31.70 20.26 1.34
C GLN B 262 30.58 19.91 0.37
N ALA B 263 29.61 20.79 0.22
CA ALA B 263 28.44 20.50 -0.60
C ALA B 263 28.31 21.32 -1.87
N HIS B 264 29.44 21.56 -2.51
CA HIS B 264 29.55 22.27 -3.76
C HIS B 264 29.13 23.74 -3.70
N GLU B 265 27.89 24.09 -4.04
CA GLU B 265 27.52 25.51 -4.07
C GLU B 265 26.04 25.73 -4.38
N TRP B 266 25.58 26.96 -4.15
CA TRP B 266 24.24 27.43 -4.51
C TRP B 266 23.02 26.69 -3.97
N GLY B 267 23.19 25.93 -2.90
CA GLY B 267 22.06 25.18 -2.36
C GLY B 267 21.74 24.00 -3.27
N LYS B 268 22.70 23.60 -4.09
CA LYS B 268 22.46 22.45 -4.99
C LYS B 268 22.31 21.19 -4.16
N TYR B 269 23.03 21.12 -3.04
CA TYR B 269 22.91 19.96 -2.17
C TYR B 269 22.82 20.36 -0.71
N VAL B 270 22.25 19.46 0.08
CA VAL B 270 22.29 19.59 1.52
C VAL B 270 23.13 18.38 1.92
N GLY B 271 24.33 18.61 2.43
CA GLY B 271 25.15 17.48 2.85
C GLY B 271 24.60 16.87 4.13
N ARG B 272 24.71 15.55 4.29
CA ARG B 272 24.21 14.91 5.51
C ARG B 272 25.19 13.89 6.05
N ALA B 273 25.77 14.21 7.20
CA ALA B 273 26.73 13.35 7.88
C ALA B 273 26.02 12.77 9.10
N ASP B 274 25.79 11.47 9.12
CA ASP B 274 25.11 10.81 10.24
C ASP B 274 26.17 10.20 11.16
N PHE B 275 26.21 10.67 12.40
CA PHE B 275 27.20 10.20 13.37
C PHE B 275 26.52 9.52 14.54
N GLU B 276 27.32 8.73 15.25
CA GLU B 276 26.86 8.10 16.47
C GLU B 276 28.00 8.41 17.43
N PHE B 277 27.63 8.83 18.63
CA PHE B 277 28.59 9.17 19.68
C PHE B 277 28.37 8.21 20.85
N ARG B 278 29.47 7.70 21.37
CA ARG B 278 29.44 6.77 22.50
C ARG B 278 30.76 6.85 23.26
N ASN B 279 30.69 7.13 24.55
CA ASN B 279 31.89 7.22 25.39
C ASN B 279 33.06 8.02 24.77
N GLY B 280 32.75 9.19 24.22
CA GLY B 280 33.78 10.02 23.61
C GLY B 280 34.17 9.68 22.19
N GLU B 281 33.65 8.58 21.66
CA GLU B 281 33.97 8.15 20.31
C GLU B 281 32.94 8.67 19.30
N MET B 282 33.43 9.15 18.16
CA MET B 282 32.60 9.68 17.07
C MET B 282 32.76 8.84 15.81
N LYS B 283 31.69 8.18 15.41
CA LYS B 283 31.71 7.35 14.20
C LYS B 283 30.76 7.90 13.17
N MET B 284 31.26 8.18 11.98
CA MET B 284 30.34 8.63 10.95
C MET B 284 29.83 7.31 10.45
N VAL B 285 28.53 7.09 10.56
CA VAL B 285 27.96 5.83 10.11
C VAL B 285 27.38 5.96 8.71
N ASN B 286 27.15 7.18 8.26
CA ASN B 286 26.58 7.42 6.92
C ASN B 286 26.88 8.85 6.47
N TYR B 287 27.08 9.04 5.17
CA TYR B 287 27.30 10.37 4.61
C TYR B 287 26.75 10.41 3.20
N GLN B 288 26.17 11.54 2.81
CA GLN B 288 25.65 11.69 1.46
C GLN B 288 25.44 13.17 1.14
N LEU B 289 25.29 13.48 -0.14
CA LEU B 289 24.95 14.81 -0.55
C LEU B 289 23.53 14.62 -1.06
N ILE B 290 22.59 15.35 -0.48
CA ILE B 290 21.19 15.26 -0.91
C ILE B 290 20.92 16.31 -1.96
N PRO B 291 20.60 15.89 -3.19
CA PRO B 291 20.30 16.86 -4.25
C PRO B 291 19.01 17.62 -3.92
N VAL B 292 19.01 18.93 -4.17
CA VAL B 292 17.79 19.72 -3.96
C VAL B 292 17.16 19.97 -5.34
N ASN B 293 16.33 19.02 -5.77
CA ASN B 293 15.66 19.10 -7.08
C ASN B 293 16.61 19.33 -8.27
N LEU B 294 17.79 18.72 -8.25
CA LEU B 294 18.71 18.85 -9.38
C LEU B 294 18.16 17.97 -10.51
N LYS B 295 18.42 18.36 -11.75
CA LYS B 295 17.91 17.64 -12.90
C LYS B 295 18.94 17.28 -13.96
N LYS B 296 18.68 16.17 -14.67
CA LYS B 296 19.56 15.74 -15.76
C LYS B 296 18.74 15.84 -17.04
N LYS B 297 19.42 15.86 -18.18
CA LYS B 297 18.72 15.92 -19.45
C LYS B 297 18.56 14.53 -20.03
N VAL B 298 17.42 14.27 -20.66
CA VAL B 298 17.21 13.00 -21.33
C VAL B 298 16.76 13.43 -22.73
N THR B 299 17.11 12.64 -23.74
CA THR B 299 16.73 12.95 -25.11
C THR B 299 16.04 11.76 -25.75
N TRP B 300 14.92 12.03 -26.41
CA TRP B 300 14.17 10.96 -27.07
C TRP B 300 14.68 10.79 -28.50
N GLU B 301 14.34 9.68 -29.14
CA GLU B 301 14.83 9.43 -30.49
C GLU B 301 14.36 10.40 -31.57
N ASP B 302 13.37 11.23 -31.26
CA ASP B 302 12.89 12.21 -32.24
C ASP B 302 13.55 13.54 -31.99
N GLY B 303 14.64 13.51 -31.21
CA GLY B 303 15.36 14.73 -30.90
C GLY B 303 14.87 15.59 -29.73
N LYS B 304 13.64 15.39 -29.25
CA LYS B 304 13.19 16.23 -28.15
C LYS B 304 13.96 15.90 -26.88
N SER B 305 14.17 16.91 -26.05
CA SER B 305 14.90 16.71 -24.81
C SER B 305 14.07 17.25 -23.68
N GLU B 306 14.30 16.73 -22.49
CA GLU B 306 13.58 17.20 -21.32
C GLU B 306 14.45 16.94 -20.10
N ARG B 307 14.21 17.70 -19.03
CA ARG B 307 14.98 17.54 -17.82
C ARG B 307 14.20 16.68 -16.83
N VAL B 308 14.88 15.69 -16.27
CA VAL B 308 14.28 14.77 -15.32
C VAL B 308 14.99 14.86 -13.99
N LEU B 309 14.24 14.83 -12.90
CA LEU B 309 14.82 14.88 -11.55
C LEU B 309 15.69 13.68 -11.25
N TYR B 310 16.77 13.89 -10.51
CA TYR B 310 17.61 12.77 -10.12
C TYR B 310 16.90 11.97 -9.04
N THR B 311 16.20 12.69 -8.16
CA THR B 311 15.51 12.11 -7.02
C THR B 311 14.08 12.67 -6.93
N PRO B 312 13.21 12.05 -6.10
CA PRO B 312 11.83 12.54 -5.99
C PRO B 312 11.74 14.04 -5.75
N GLU B 313 10.79 14.70 -6.40
CA GLU B 313 10.66 16.13 -6.25
C GLU B 313 10.41 16.57 -4.81
N ILE B 314 11.07 17.63 -4.39
CA ILE B 314 10.90 18.19 -3.04
C ILE B 314 10.00 19.40 -3.22
N ALA B 315 8.86 19.43 -2.54
CA ALA B 315 7.94 20.55 -2.66
C ALA B 315 8.53 21.83 -2.07
N GLU B 316 8.17 22.97 -2.63
CA GLU B 316 8.67 24.23 -2.08
C GLU B 316 7.78 24.65 -0.90
N ASN B 317 8.40 24.93 0.22
CA ASN B 317 7.67 25.34 1.43
C ASN B 317 6.95 26.68 1.12
N GLN B 318 5.64 26.73 1.33
CA GLN B 318 4.90 27.95 1.01
C GLN B 318 5.20 29.15 1.91
N GLN B 319 5.56 28.91 3.17
CA GLN B 319 5.90 30.03 4.04
C GLN B 319 7.18 30.68 3.44
N MET B 320 8.13 29.86 3.03
CA MET B 320 9.34 30.39 2.41
C MET B 320 9.01 31.18 1.12
N ILE B 321 8.15 30.64 0.26
CA ILE B 321 7.79 31.35 -0.97
C ILE B 321 7.17 32.71 -0.60
N SER B 322 6.33 32.73 0.42
CA SER B 322 5.74 34.00 0.85
C SER B 322 6.79 34.98 1.38
N LEU B 323 7.81 34.47 2.07
CA LEU B 323 8.89 35.32 2.59
C LEU B 323 9.76 35.88 1.47
N LEU B 324 10.14 35.01 0.53
CA LEU B 324 11.03 35.43 -0.54
C LEU B 324 10.41 36.14 -1.75
N SER B 325 9.15 35.88 -2.05
CA SER B 325 8.53 36.51 -3.23
C SER B 325 8.68 38.04 -3.35
N PRO B 326 8.46 38.80 -2.26
CA PRO B 326 8.61 40.26 -2.35
C PRO B 326 10.02 40.63 -2.83
N PHE B 327 11.03 39.94 -2.33
CA PHE B 327 12.40 40.24 -2.75
C PHE B 327 12.63 39.84 -4.22
N GLN B 328 12.10 38.68 -4.58
CA GLN B 328 12.26 38.17 -5.94
C GLN B 328 11.60 39.12 -6.94
N ASN B 329 10.45 39.66 -6.55
CA ASN B 329 9.71 40.55 -7.43
C ASN B 329 10.16 42.01 -7.40
N LYS B 330 10.79 42.43 -6.31
CA LYS B 330 11.24 43.80 -6.18
C LYS B 330 12.11 44.27 -7.34
N GLY B 331 11.62 45.30 -8.03
CA GLY B 331 12.34 45.87 -9.16
C GLY B 331 12.46 45.04 -10.43
N LYS B 332 11.89 43.83 -10.42
CA LYS B 332 11.95 42.92 -11.55
C LYS B 332 11.78 43.66 -12.86
N ALA B 333 10.80 44.56 -12.87
CA ALA B 333 10.49 45.34 -14.06
C ALA B 333 11.73 46.02 -14.59
N GLN B 334 12.28 46.91 -13.76
CA GLN B 334 13.46 47.65 -14.16
C GLN B 334 14.70 46.76 -14.32
N LEU B 335 14.86 45.77 -13.45
CA LEU B 335 16.02 44.89 -13.56
C LEU B 335 16.01 44.16 -14.92
N GLU B 336 14.83 43.70 -15.35
CA GLU B 336 14.71 42.98 -16.61
C GLU B 336 14.53 43.81 -17.87
N VAL B 337 14.47 45.13 -17.70
CA VAL B 337 14.31 46.03 -18.84
C VAL B 337 15.55 46.14 -19.77
N LYS B 338 15.26 46.12 -21.06
CA LYS B 338 16.29 46.20 -22.08
C LYS B 338 17.10 47.49 -22.04
N ILE B 339 18.43 47.36 -22.06
CA ILE B 339 19.31 48.52 -22.08
C ILE B 339 20.10 48.59 -23.41
N GLY B 340 19.99 47.55 -24.22
CA GLY B 340 20.70 47.57 -25.50
C GLY B 340 20.76 46.19 -26.10
N GLU B 341 21.61 46.02 -27.10
CA GLU B 341 21.70 44.70 -27.70
C GLU B 341 23.08 44.46 -28.28
N THR B 342 23.42 43.19 -28.44
CA THR B 342 24.71 42.80 -28.99
C THR B 342 24.50 41.72 -30.07
N ASN B 343 25.26 41.81 -31.16
CA ASN B 343 25.19 40.84 -32.27
C ASN B 343 25.98 39.57 -31.97
N GLY B 344 26.59 39.51 -30.80
CA GLY B 344 27.36 38.33 -30.47
C GLY B 344 27.51 38.12 -28.98
N ARG B 345 27.97 36.92 -28.61
CA ARG B 345 28.18 36.60 -27.23
C ARG B 345 29.42 37.35 -26.69
N LEU B 346 29.28 37.92 -25.50
CA LEU B 346 30.39 38.62 -24.83
C LEU B 346 30.85 37.56 -23.85
N GLU B 347 32.08 37.10 -24.05
CA GLU B 347 32.66 36.01 -23.27
C GLU B 347 33.19 36.33 -21.87
N GLY B 348 32.52 35.79 -20.86
CA GLY B 348 32.92 36.06 -19.50
C GLY B 348 33.04 34.81 -18.67
N ASP B 349 33.04 33.65 -19.33
CA ASP B 349 33.17 32.43 -18.58
C ASP B 349 34.54 32.35 -17.90
N ARG B 350 34.54 31.84 -16.66
CA ARG B 350 35.74 31.71 -15.83
C ARG B 350 36.95 31.07 -16.51
N ASP B 351 36.75 29.94 -17.17
CA ASP B 351 37.84 29.23 -17.84
C ASP B 351 38.41 30.02 -19.00
N LYS B 352 37.80 31.16 -19.32
CA LYS B 352 38.31 32.01 -20.40
C LYS B 352 38.87 33.32 -19.84
N VAL B 353 38.07 34.04 -19.06
CA VAL B 353 38.52 35.33 -18.52
C VAL B 353 39.72 35.27 -17.59
N ARG B 354 40.00 34.11 -17.02
CA ARG B 354 41.16 33.97 -16.15
C ARG B 354 42.34 33.31 -16.89
N PHE B 355 42.20 33.14 -18.20
CA PHE B 355 43.25 32.48 -19.00
C PHE B 355 43.70 33.25 -20.24
N VAL B 356 42.77 33.95 -20.88
CA VAL B 356 43.08 34.71 -22.09
C VAL B 356 42.32 36.02 -22.14
N GLN B 357 42.69 36.91 -23.05
CA GLN B 357 42.01 38.18 -23.19
C GLN B 357 40.64 37.90 -23.80
N THR B 358 39.57 38.52 -23.31
CA THR B 358 38.25 38.26 -23.88
C THR B 358 37.53 39.53 -24.26
N ASN B 359 36.53 39.41 -25.12
CA ASN B 359 35.80 40.58 -25.54
C ASN B 359 34.96 41.20 -24.43
N MET B 360 34.66 40.44 -23.38
CA MET B 360 33.92 41.05 -22.26
C MET B 360 34.90 41.98 -21.55
N GLY B 361 36.15 41.54 -21.42
CA GLY B 361 37.15 42.37 -20.78
C GLY B 361 37.29 43.67 -21.55
N ARG B 362 37.36 43.55 -22.88
CA ARG B 362 37.49 44.73 -23.73
C ARG B 362 36.28 45.66 -23.64
N LEU B 363 35.08 45.10 -23.55
CA LEU B 363 33.87 45.92 -23.44
C LEU B 363 33.84 46.70 -22.11
N ILE B 364 34.09 45.98 -21.02
CA ILE B 364 34.08 46.61 -19.71
C ILE B 364 35.12 47.72 -19.66
N LEU B 365 36.33 47.40 -20.10
CA LEU B 365 37.37 48.39 -20.07
C LEU B 365 37.08 49.55 -21.02
N ALA B 366 36.41 49.28 -22.14
CA ALA B 366 36.08 50.38 -23.07
C ALA B 366 35.13 51.31 -22.31
N ALA B 367 34.19 50.76 -21.55
CA ALA B 367 33.27 51.63 -20.79
C ALA B 367 34.04 52.48 -19.75
N GLN B 368 34.97 51.87 -19.04
CA GLN B 368 35.75 52.60 -18.04
C GLN B 368 36.64 53.70 -18.67
N MET B 369 37.28 53.38 -19.78
CA MET B 369 38.13 54.37 -20.45
C MET B 369 37.31 55.53 -20.98
N ASP B 370 36.14 55.23 -21.53
CA ASP B 370 35.26 56.24 -22.08
C ASP B 370 34.78 57.21 -21.00
N ARG B 371 34.43 56.67 -19.83
CA ARG B 371 33.95 57.53 -18.75
C ARG B 371 35.04 58.40 -18.13
N THR B 372 36.26 57.88 -18.07
CA THR B 372 37.36 58.60 -17.44
C THR B 372 38.30 59.37 -18.38
N GLY B 373 38.15 59.15 -19.68
CA GLY B 373 39.03 59.82 -20.63
C GLY B 373 40.40 59.17 -20.60
N ALA B 374 40.44 57.89 -20.21
CA ALA B 374 41.68 57.14 -20.11
C ALA B 374 42.25 56.68 -21.46
N ASP B 375 43.56 56.45 -21.49
CA ASP B 375 44.30 55.99 -22.67
C ASP B 375 44.39 54.48 -22.72
N PHE B 376 44.47 53.82 -21.55
CA PHE B 376 44.50 52.37 -21.48
C PHE B 376 43.82 51.93 -20.18
N ALA B 377 43.66 50.64 -19.99
CA ALA B 377 42.99 50.16 -18.76
C ALA B 377 43.28 48.71 -18.49
N VAL B 378 43.02 48.28 -17.26
CA VAL B 378 43.25 46.91 -16.89
C VAL B 378 42.30 46.54 -15.76
N MET B 379 42.02 45.25 -15.61
CA MET B 379 41.20 44.75 -14.52
C MET B 379 41.50 43.25 -14.39
N SER B 380 41.15 42.67 -13.26
CA SER B 380 41.36 41.24 -13.01
C SER B 380 40.28 40.45 -13.70
N GLY B 381 40.65 39.36 -14.35
CA GLY B 381 39.65 38.52 -14.99
C GLY B 381 38.68 38.01 -13.92
N GLY B 382 39.17 37.87 -12.70
CA GLY B 382 38.31 37.39 -11.61
C GLY B 382 37.15 38.36 -11.35
N GLY B 383 37.25 39.59 -11.85
CA GLY B 383 36.22 40.59 -11.67
C GLY B 383 35.11 40.45 -12.71
N ILE B 384 35.25 39.49 -13.62
CA ILE B 384 34.24 39.25 -14.64
C ILE B 384 33.57 37.94 -14.22
N ARG B 385 32.28 38.04 -13.86
CA ARG B 385 31.54 36.91 -13.33
C ARG B 385 30.46 36.26 -14.19
N ASP B 386 30.32 36.71 -15.42
CA ASP B 386 29.34 36.08 -16.28
C ASP B 386 29.52 36.57 -17.70
N SER B 387 28.79 35.95 -18.62
CA SER B 387 28.83 36.34 -20.02
C SER B 387 27.49 37.00 -20.35
N ILE B 388 27.39 37.57 -21.54
CA ILE B 388 26.13 38.17 -22.00
C ILE B 388 25.89 37.55 -23.38
N GLU B 389 24.77 36.85 -23.52
CA GLU B 389 24.42 36.20 -24.78
C GLU B 389 24.09 37.18 -25.89
N ALA B 390 24.18 36.72 -27.13
CA ALA B 390 23.86 37.60 -28.23
C ALA B 390 22.38 37.92 -28.07
N GLY B 391 21.98 39.10 -28.50
CA GLY B 391 20.58 39.47 -28.40
C GLY B 391 20.36 40.69 -27.55
N ASP B 392 19.24 40.70 -26.83
CA ASP B 392 18.89 41.83 -25.96
C ASP B 392 19.66 41.78 -24.65
N ILE B 393 20.09 42.95 -24.19
CA ILE B 393 20.84 43.01 -22.95
C ILE B 393 19.99 43.73 -21.90
N SER B 394 19.86 43.15 -20.71
CA SER B 394 19.10 43.80 -19.64
C SER B 394 20.07 44.30 -18.58
N TYR B 395 19.56 45.13 -17.67
CA TYR B 395 20.42 45.63 -16.61
C TYR B 395 20.82 44.44 -15.75
N LYS B 396 19.88 43.52 -15.54
CA LYS B 396 20.14 42.32 -14.74
C LYS B 396 21.37 41.58 -15.28
N ASN B 397 21.48 41.53 -16.60
CA ASN B 397 22.61 40.87 -17.28
C ASN B 397 23.92 41.50 -16.82
N VAL B 398 23.99 42.83 -16.86
CA VAL B 398 25.16 43.59 -16.47
C VAL B 398 25.50 43.35 -15.00
N LEU B 399 24.48 43.33 -14.16
CA LEU B 399 24.72 43.08 -12.73
C LEU B 399 25.25 41.68 -12.45
N LYS B 400 25.04 40.73 -13.37
CA LYS B 400 25.59 39.39 -13.19
C LYS B 400 27.08 39.38 -13.56
N VAL B 401 27.44 40.16 -14.56
CA VAL B 401 28.82 40.24 -15.01
C VAL B 401 29.72 40.96 -14.01
N GLN B 402 29.23 42.08 -13.47
CA GLN B 402 29.96 42.85 -12.49
C GLN B 402 29.09 42.98 -11.24
N PRO B 403 29.21 42.01 -10.33
CA PRO B 403 28.38 42.05 -9.12
C PRO B 403 28.99 42.58 -7.83
N PHE B 404 30.26 42.98 -7.84
CA PHE B 404 30.91 43.42 -6.61
C PHE B 404 30.74 44.86 -6.17
N GLY B 405 30.06 45.69 -6.96
CA GLY B 405 29.90 47.08 -6.57
C GLY B 405 31.21 47.88 -6.51
N ASN B 406 32.22 47.46 -7.27
CA ASN B 406 33.47 48.22 -7.29
C ASN B 406 33.16 49.58 -7.96
N VAL B 407 34.08 50.52 -7.82
CA VAL B 407 33.87 51.82 -8.44
C VAL B 407 35.04 52.06 -9.41
N VAL B 408 34.78 52.80 -10.47
CA VAL B 408 35.80 53.08 -11.48
C VAL B 408 36.74 54.18 -11.01
N VAL B 409 38.04 53.98 -11.20
CA VAL B 409 39.02 54.97 -10.77
C VAL B 409 40.00 55.17 -11.92
N TYR B 410 40.85 56.18 -11.79
CA TYR B 410 41.85 56.38 -12.81
C TYR B 410 43.09 56.96 -12.18
N ALA B 411 44.22 56.88 -12.88
CA ALA B 411 45.47 57.41 -12.37
C ALA B 411 46.23 58.02 -13.54
N ASP B 412 46.72 59.24 -13.36
CA ASP B 412 47.54 59.87 -14.40
C ASP B 412 48.98 59.57 -13.98
N MET B 413 49.72 58.88 -14.84
CA MET B 413 51.10 58.52 -14.54
C MET B 413 52.06 58.83 -15.69
N THR B 414 53.35 58.80 -15.39
CA THR B 414 54.37 59.08 -16.40
C THR B 414 54.55 57.84 -17.25
N GLY B 415 55.15 58.00 -18.41
CA GLY B 415 55.35 56.86 -19.27
C GLY B 415 56.21 55.83 -18.56
N LYS B 416 57.15 56.30 -17.75
CA LYS B 416 57.99 55.32 -17.07
C LYS B 416 57.18 54.52 -16.06
N GLU B 417 56.24 55.17 -15.40
CA GLU B 417 55.40 54.48 -14.41
C GLU B 417 54.50 53.48 -15.16
N VAL B 418 54.08 53.84 -16.37
CA VAL B 418 53.25 52.97 -17.18
C VAL B 418 54.02 51.68 -17.39
N ILE B 419 55.26 51.82 -17.83
CA ILE B 419 56.11 50.68 -18.08
C ILE B 419 56.30 49.80 -16.85
N ASP B 420 56.67 50.39 -15.73
CA ASP B 420 56.89 49.61 -14.50
C ASP B 420 55.58 48.91 -14.06
N TYR B 421 54.46 49.61 -14.15
CA TYR B 421 53.18 49.03 -13.75
C TYR B 421 52.75 47.80 -14.56
N LEU B 422 52.70 47.95 -15.90
CA LEU B 422 52.30 46.88 -16.80
C LEU B 422 53.24 45.69 -16.75
N THR B 423 54.52 45.96 -16.52
CA THR B 423 55.48 44.88 -16.40
C THR B 423 55.08 44.02 -15.22
N ALA B 424 54.76 44.69 -14.10
CA ALA B 424 54.36 43.99 -12.88
C ALA B 424 53.05 43.20 -13.10
N VAL B 425 52.05 43.89 -13.65
CA VAL B 425 50.76 43.26 -13.89
C VAL B 425 50.87 42.09 -14.85
N ALA B 426 51.72 42.24 -15.86
CA ALA B 426 51.92 41.19 -16.84
C ALA B 426 52.43 39.89 -16.22
N GLN B 427 52.97 39.94 -15.01
CA GLN B 427 53.48 38.72 -14.40
C GLN B 427 52.44 37.87 -13.64
N MET B 428 51.19 38.33 -13.63
CA MET B 428 50.11 37.58 -13.00
C MET B 428 49.85 36.42 -13.96
N LYS B 429 49.63 35.23 -13.41
CA LYS B 429 49.43 34.06 -14.24
C LYS B 429 48.00 33.63 -14.59
N PRO B 430 47.86 32.83 -15.66
CA PRO B 430 46.56 32.33 -16.11
C PRO B 430 46.07 31.37 -15.03
N ASP B 431 44.80 31.00 -15.08
CA ASP B 431 44.23 30.09 -14.10
C ASP B 431 44.25 30.73 -12.72
N SER B 432 44.10 32.05 -12.70
CA SER B 432 44.07 32.82 -11.46
C SER B 432 43.10 33.98 -11.61
N GLY B 433 42.46 34.39 -10.52
CA GLY B 433 41.54 35.52 -10.62
C GLY B 433 42.32 36.79 -10.92
N ALA B 434 43.59 36.80 -10.53
CA ALA B 434 44.44 37.97 -10.78
C ALA B 434 44.89 38.12 -12.25
N TYR B 435 44.68 37.10 -13.09
CA TYR B 435 45.08 37.21 -14.50
C TYR B 435 44.49 38.49 -15.08
N PRO B 436 45.33 39.32 -15.70
CA PRO B 436 44.83 40.58 -16.25
C PRO B 436 44.14 40.60 -17.60
N GLN B 437 43.12 41.46 -17.69
CA GLN B 437 42.38 41.74 -18.92
C GLN B 437 42.89 43.16 -19.23
N PHE B 438 43.45 43.36 -20.42
CA PHE B 438 44.00 44.66 -20.82
C PHE B 438 43.20 45.33 -21.95
N ALA B 439 43.26 46.66 -22.05
CA ALA B 439 42.63 47.40 -23.16
C ALA B 439 43.58 48.50 -23.62
N ASN B 440 43.80 48.57 -24.93
CA ASN B 440 44.68 49.57 -25.54
C ASN B 440 46.15 49.36 -25.19
N VAL B 441 46.48 48.15 -24.76
CA VAL B 441 47.84 47.82 -24.42
C VAL B 441 48.37 46.76 -25.38
N SER B 442 49.61 46.91 -25.78
CA SER B 442 50.18 45.94 -26.67
C SER B 442 51.60 45.62 -26.23
N PHE B 443 51.95 44.34 -26.20
CA PHE B 443 53.30 43.92 -25.83
C PHE B 443 53.49 42.44 -26.05
N VAL B 444 54.72 41.99 -25.90
CA VAL B 444 55.05 40.58 -26.03
C VAL B 444 55.88 40.35 -24.78
N ALA B 445 55.45 39.44 -23.93
CA ALA B 445 56.17 39.18 -22.69
C ALA B 445 56.98 37.89 -22.69
N LYS B 446 58.14 37.96 -22.04
CA LYS B 446 59.03 36.81 -21.88
C LYS B 446 60.14 37.17 -20.88
N ASP B 447 60.40 36.25 -19.95
CA ASP B 447 61.42 36.45 -18.93
C ASP B 447 61.13 37.65 -18.04
N GLY B 448 59.85 37.88 -17.78
CA GLY B 448 59.43 38.99 -16.94
C GLY B 448 59.66 40.35 -17.56
N LYS B 449 59.85 40.39 -18.87
CA LYS B 449 60.07 41.66 -19.57
C LYS B 449 59.03 41.92 -20.66
N LEU B 450 58.72 43.19 -20.89
CA LEU B 450 57.75 43.57 -21.90
C LEU B 450 58.44 44.12 -23.16
N ASN B 451 58.35 43.38 -24.25
CA ASN B 451 58.97 43.79 -25.50
C ASN B 451 58.00 44.50 -26.43
N ASP B 452 58.47 45.60 -27.01
CA ASP B 452 57.67 46.37 -27.95
C ASP B 452 56.35 46.78 -27.31
N LEU B 453 56.42 47.38 -26.13
CA LEU B 453 55.24 47.84 -25.40
C LEU B 453 54.65 49.06 -26.07
N LYS B 454 53.33 49.07 -26.21
CA LYS B 454 52.62 50.19 -26.82
C LYS B 454 51.26 50.48 -26.19
N ILE B 455 50.93 51.76 -26.11
CA ILE B 455 49.65 52.22 -25.59
C ILE B 455 48.97 52.86 -26.80
N LYS B 456 47.85 52.29 -27.21
CA LYS B 456 47.11 52.79 -28.37
C LYS B 456 47.98 52.79 -29.64
N GLY B 457 48.67 51.67 -29.88
CA GLY B 457 49.51 51.52 -31.06
C GLY B 457 50.79 52.35 -31.12
N GLU B 458 51.07 53.11 -30.07
CA GLU B 458 52.27 53.95 -30.03
C GLU B 458 53.19 53.58 -28.86
N PRO B 459 54.52 53.65 -29.07
CA PRO B 459 55.50 53.32 -28.03
C PRO B 459 55.39 54.32 -26.87
N VAL B 460 55.83 53.89 -25.68
CA VAL B 460 55.74 54.76 -24.50
C VAL B 460 56.84 55.79 -24.35
N ASP B 461 56.43 57.05 -24.20
CA ASP B 461 57.35 58.17 -23.99
C ASP B 461 57.52 58.32 -22.46
N PRO B 462 58.65 57.85 -21.91
CA PRO B 462 58.93 57.90 -20.47
C PRO B 462 58.50 59.14 -19.70
N ALA B 463 58.55 60.30 -20.35
CA ALA B 463 58.19 61.55 -19.68
C ALA B 463 56.80 62.07 -19.93
N LYS B 464 56.05 61.45 -20.83
CA LYS B 464 54.70 61.92 -21.11
C LYS B 464 53.72 61.40 -20.03
N THR B 465 52.58 62.09 -19.87
CA THR B 465 51.58 61.67 -18.89
C THR B 465 50.49 60.78 -19.54
N TYR B 466 50.24 59.61 -18.94
CA TYR B 466 49.20 58.70 -19.45
C TYR B 466 48.14 58.50 -18.37
N ARG B 467 46.91 58.25 -18.80
CA ARG B 467 45.82 58.02 -17.85
C ARG B 467 45.36 56.58 -18.00
N MET B 468 45.27 55.88 -16.88
CA MET B 468 44.83 54.49 -16.88
C MET B 468 43.55 54.37 -16.07
N ALA B 469 42.62 53.56 -16.54
CA ALA B 469 41.38 53.35 -15.82
C ALA B 469 41.40 51.92 -15.28
N THR B 470 40.75 51.69 -14.13
CA THR B 470 40.63 50.36 -13.55
C THR B 470 39.58 50.47 -12.43
N LEU B 471 39.50 49.46 -11.57
CA LEU B 471 38.55 49.53 -10.45
C LEU B 471 39.30 49.85 -9.16
N ASN B 472 38.59 50.39 -8.17
CA ASN B 472 39.24 50.69 -6.89
C ASN B 472 39.85 49.41 -6.34
N PHE B 473 39.20 48.27 -6.61
CA PHE B 473 39.72 46.97 -6.16
C PHE B 473 41.18 46.78 -6.58
N ASN B 474 41.48 46.90 -7.87
CA ASN B 474 42.87 46.72 -8.30
C ASN B 474 43.81 47.86 -7.92
N ALA B 475 43.30 49.08 -7.98
CA ALA B 475 44.12 50.26 -7.67
C ALA B 475 44.61 50.29 -6.24
N THR B 476 43.84 49.72 -5.32
CA THR B 476 44.25 49.72 -3.91
C THR B 476 45.04 48.47 -3.53
N GLY B 477 45.44 47.67 -4.52
CA GLY B 477 46.21 46.48 -4.21
C GLY B 477 45.54 45.14 -4.38
N GLY B 478 44.27 45.15 -4.77
CA GLY B 478 43.54 43.89 -4.94
C GLY B 478 44.26 42.94 -5.89
N ASP B 479 44.22 41.66 -5.58
CA ASP B 479 44.87 40.62 -6.37
C ASP B 479 46.39 40.85 -6.49
N GLY B 480 46.94 41.61 -5.56
CA GLY B 480 48.37 41.87 -5.57
C GLY B 480 48.82 42.87 -6.62
N TYR B 481 47.89 43.62 -7.21
CA TYR B 481 48.25 44.63 -8.21
C TYR B 481 49.01 45.82 -7.57
N PRO B 482 49.92 46.45 -8.33
CA PRO B 482 50.67 47.59 -7.78
C PRO B 482 49.73 48.70 -7.26
N ARG B 483 50.00 49.20 -6.06
CA ARG B 483 49.13 50.24 -5.52
C ARG B 483 49.20 51.57 -6.27
N LEU B 484 48.05 52.12 -6.59
CA LEU B 484 47.97 53.40 -7.29
C LEU B 484 47.27 54.46 -6.43
N ASP B 485 46.47 54.00 -5.47
CA ASP B 485 45.70 54.90 -4.62
C ASP B 485 46.59 55.79 -3.75
N ASN B 486 47.78 55.29 -3.43
CA ASN B 486 48.70 56.05 -2.59
C ASN B 486 49.74 56.80 -3.43
N LYS B 487 49.43 57.02 -4.70
CA LYS B 487 50.35 57.73 -5.60
C LYS B 487 49.71 59.01 -6.09
N PRO B 488 50.54 59.91 -6.61
CA PRO B 488 49.99 61.16 -7.11
C PRO B 488 49.30 60.87 -8.43
N GLY B 489 48.25 61.62 -8.72
CA GLY B 489 47.55 61.42 -9.98
C GLY B 489 46.31 60.55 -9.87
N TYR B 490 46.15 59.86 -8.75
CA TYR B 490 45.00 58.97 -8.51
C TYR B 490 43.68 59.69 -8.21
N VAL B 491 42.58 59.21 -8.80
CA VAL B 491 41.25 59.79 -8.58
C VAL B 491 40.24 58.65 -8.51
N ASN B 492 39.43 58.63 -7.46
CA ASN B 492 38.38 57.60 -7.34
C ASN B 492 37.11 58.33 -7.80
N THR B 493 36.51 57.91 -8.91
CA THR B 493 35.34 58.62 -9.44
C THR B 493 34.03 58.38 -8.74
N GLY B 494 33.97 57.31 -7.94
CA GLY B 494 32.73 57.01 -7.23
C GLY B 494 31.69 56.38 -8.14
N PHE B 495 31.94 56.34 -9.45
CA PHE B 495 30.98 55.73 -10.38
C PHE B 495 31.02 54.21 -10.23
N ILE B 496 29.86 53.61 -10.04
CA ILE B 496 29.75 52.17 -9.84
C ILE B 496 30.03 51.39 -11.14
N ASP B 497 30.90 50.40 -11.06
CA ASP B 497 31.26 49.59 -12.24
C ASP B 497 30.10 49.23 -13.16
N ALA B 498 29.05 48.65 -12.59
CA ALA B 498 27.89 48.20 -13.37
C ALA B 498 27.10 49.36 -13.97
N GLU B 499 27.08 50.48 -13.28
CA GLU B 499 26.34 51.66 -13.78
C GLU B 499 27.09 52.26 -14.98
N VAL B 500 28.42 52.24 -14.89
CA VAL B 500 29.25 52.76 -15.98
C VAL B 500 29.07 51.84 -17.21
N LEU B 501 29.08 50.53 -17.00
CA LEU B 501 28.90 49.60 -18.12
C LEU B 501 27.49 49.75 -18.68
N LYS B 502 26.49 49.84 -17.80
CA LYS B 502 25.10 50.01 -18.24
C LYS B 502 24.97 51.24 -19.14
N ALA B 503 25.49 52.37 -18.68
CA ALA B 503 25.39 53.61 -19.45
C ALA B 503 26.16 53.55 -20.77
N TYR B 504 27.31 52.87 -20.77
CA TYR B 504 28.09 52.76 -21.99
C TYR B 504 27.29 51.95 -23.03
N ILE B 505 26.73 50.83 -22.60
CA ILE B 505 25.95 49.97 -23.48
C ILE B 505 24.74 50.71 -24.06
N GLN B 506 24.02 51.40 -23.18
CA GLN B 506 22.85 52.14 -23.63
C GLN B 506 23.19 53.10 -24.77
N LYS B 507 24.31 53.80 -24.65
CA LYS B 507 24.65 54.75 -25.70
C LYS B 507 25.41 54.18 -26.89
N SER B 508 25.96 52.98 -26.74
CA SER B 508 26.73 52.37 -27.82
C SER B 508 25.92 51.31 -28.56
N SER B 509 24.76 50.95 -28.03
CA SER B 509 23.93 49.92 -28.64
C SER B 509 23.42 50.40 -29.99
N PRO B 510 23.30 49.48 -30.97
CA PRO B 510 23.63 48.06 -30.86
C PRO B 510 25.15 47.85 -30.89
N LEU B 511 25.63 46.93 -30.07
CA LEU B 511 27.06 46.65 -30.00
C LEU B 511 27.47 45.69 -31.11
N ASP B 512 28.61 45.97 -31.72
CA ASP B 512 29.14 45.08 -32.73
C ASP B 512 30.34 44.46 -32.01
N VAL B 513 30.28 43.19 -31.68
CA VAL B 513 31.38 42.56 -30.96
C VAL B 513 32.74 42.55 -31.64
N SER B 514 32.76 42.68 -32.96
CA SER B 514 34.02 42.68 -33.69
C SER B 514 34.93 43.76 -33.16
N VAL B 515 34.33 44.87 -32.75
CA VAL B 515 35.06 46.00 -32.21
C VAL B 515 35.76 45.66 -30.88
N TYR B 516 35.25 44.68 -30.14
CA TYR B 516 35.83 44.30 -28.85
C TYR B 516 36.62 42.99 -28.90
N GLU B 517 36.86 42.50 -30.10
CA GLU B 517 37.57 41.25 -30.30
C GLU B 517 39.07 41.38 -30.10
N PRO B 518 39.64 40.62 -29.16
CA PRO B 518 41.09 40.72 -28.96
C PRO B 518 41.78 40.04 -30.13
N LYS B 519 42.91 40.56 -30.57
CA LYS B 519 43.62 39.85 -31.62
C LYS B 519 45.12 39.86 -31.38
N GLY B 520 45.51 39.23 -30.28
CA GLY B 520 46.90 39.11 -29.92
C GLY B 520 47.69 40.34 -29.54
N GLU B 521 47.05 41.47 -29.23
CA GLU B 521 47.81 42.66 -28.86
C GLU B 521 48.81 42.37 -27.75
N VAL B 522 48.40 41.53 -26.80
CA VAL B 522 49.27 41.14 -25.71
C VAL B 522 49.46 39.64 -25.81
N SER B 523 50.67 39.16 -25.52
CA SER B 523 50.95 37.73 -25.59
C SER B 523 52.07 37.40 -24.62
N TRP B 524 52.20 36.13 -24.26
CA TRP B 524 53.22 35.67 -23.33
C TRP B 524 54.01 34.50 -23.92
N GLN B 525 55.34 34.55 -23.81
CA GLN B 525 56.19 33.49 -24.31
C GLN B 525 56.91 32.82 -23.15
N TYR C 1 -1.98 5.54 -27.14
CA TYR C 1 -1.47 6.61 -26.24
C TYR C 1 -1.54 7.96 -26.94
N GLU C 2 -1.28 9.03 -26.19
CA GLU C 2 -1.32 10.36 -26.77
C GLU C 2 0.05 10.76 -27.30
N GLN C 3 0.10 11.01 -28.62
CA GLN C 3 1.32 11.41 -29.29
C GLN C 3 2.05 12.54 -28.53
N ASP C 4 3.37 12.40 -28.44
CA ASP C 4 4.24 13.37 -27.77
C ASP C 4 4.11 13.52 -26.27
N LYS C 5 3.19 12.79 -25.66
CA LYS C 5 3.03 12.88 -24.21
C LYS C 5 4.06 12.00 -23.52
N THR C 6 4.66 12.51 -22.45
CA THR C 6 5.63 11.73 -21.71
C THR C 6 4.89 11.11 -20.52
N TYR C 7 4.89 9.78 -20.47
CA TYR C 7 4.23 9.06 -19.39
C TYR C 7 5.25 8.60 -18.34
N LYS C 8 4.93 8.79 -17.07
CA LYS C 8 5.82 8.36 -16.00
C LYS C 8 5.26 7.05 -15.45
N ILE C 9 6.13 6.04 -15.42
CA ILE C 9 5.73 4.73 -14.93
C ILE C 9 6.83 4.20 -14.04
N THR C 10 6.44 3.88 -12.80
CA THR C 10 7.42 3.33 -11.86
C THR C 10 7.08 1.87 -11.62
N VAL C 11 8.06 0.99 -11.81
CA VAL C 11 7.83 -0.43 -11.58
C VAL C 11 8.61 -0.82 -10.33
N LEU C 12 7.92 -1.35 -9.35
CA LEU C 12 8.56 -1.79 -8.11
C LEU C 12 8.61 -3.31 -8.09
N HIS C 13 9.62 -3.90 -7.48
CA HIS C 13 9.64 -5.36 -7.47
C HIS C 13 10.39 -5.99 -6.31
N THR C 14 9.97 -7.20 -5.96
CA THR C 14 10.62 -8.01 -4.95
C THR C 14 10.59 -9.44 -5.47
N ASN C 15 11.29 -10.34 -4.79
CA ASN C 15 11.28 -11.74 -5.21
C ASN C 15 11.82 -12.61 -4.11
N ASP C 16 11.50 -13.89 -4.20
CA ASP C 16 12.01 -14.86 -3.25
C ASP C 16 11.80 -14.41 -1.80
N HIS C 17 10.57 -14.08 -1.52
CA HIS C 17 10.13 -13.66 -0.22
C HIS C 17 10.34 -14.77 0.86
N HIS C 18 10.07 -16.02 0.49
CA HIS C 18 10.25 -17.19 1.34
C HIS C 18 9.77 -17.06 2.78
N GLY C 19 8.50 -16.70 2.94
CA GLY C 19 7.92 -16.62 4.28
C GLY C 19 8.38 -15.53 5.22
N HIS C 20 9.11 -14.53 4.73
CA HIS C 20 9.57 -13.46 5.62
C HIS C 20 8.55 -12.32 5.83
N PHE C 21 7.31 -12.65 6.19
CA PHE C 21 6.31 -11.62 6.39
C PHE C 21 6.64 -10.73 7.59
N TRP C 22 7.39 -11.28 8.53
CA TRP C 22 7.76 -10.55 9.74
C TRP C 22 9.20 -10.04 9.69
N ARG C 23 9.46 -8.93 10.38
CA ARG C 23 10.80 -8.37 10.43
C ARG C 23 11.66 -9.42 11.12
N ASN C 24 12.98 -9.39 10.91
CA ASN C 24 13.83 -10.40 11.54
C ASN C 24 14.24 -9.97 12.94
N GLU C 25 15.13 -10.71 13.57
CA GLU C 25 15.53 -10.39 14.93
C GLU C 25 16.34 -9.10 15.15
N TYR C 26 16.75 -8.45 14.06
CA TYR C 26 17.48 -7.21 14.17
C TYR C 26 16.62 -6.09 13.64
N GLY C 27 15.35 -6.37 13.43
CA GLY C 27 14.41 -5.38 12.95
C GLY C 27 14.46 -5.07 11.45
N GLU C 28 15.11 -5.94 10.68
CA GLU C 28 15.21 -5.75 9.23
C GLU C 28 14.01 -6.32 8.48
N TYR C 29 13.70 -5.70 7.35
CA TYR C 29 12.60 -6.06 6.47
C TYR C 29 11.23 -6.38 7.07
N GLY C 30 10.50 -7.34 6.51
CA GLY C 30 9.18 -7.61 7.00
C GLY C 30 8.18 -6.87 6.11
N LEU C 31 6.96 -7.36 6.00
CA LEU C 31 5.97 -6.72 5.14
C LEU C 31 5.35 -5.42 5.68
N ALA C 32 5.36 -5.24 7.00
CA ALA C 32 4.80 -4.00 7.56
C ALA C 32 5.68 -2.82 7.14
N ALA C 33 7.01 -2.96 7.19
CA ALA C 33 7.87 -1.86 6.75
C ALA C 33 7.77 -1.71 5.22
N GLN C 34 7.57 -2.83 4.53
CA GLN C 34 7.44 -2.80 3.07
C GLN C 34 6.17 -2.04 2.70
N LYS C 35 5.10 -2.25 3.46
CA LYS C 35 3.85 -1.55 3.21
C LYS C 35 4.05 -0.03 3.30
N THR C 36 4.70 0.43 4.36
CA THR C 36 4.93 1.86 4.52
C THR C 36 5.73 2.43 3.34
N LEU C 37 6.78 1.70 2.93
CA LEU C 37 7.64 2.13 1.84
C LEU C 37 6.86 2.28 0.53
N VAL C 38 6.16 1.23 0.15
CA VAL C 38 5.38 1.23 -1.08
C VAL C 38 4.30 2.30 -1.04
N ASP C 39 3.65 2.43 0.10
CA ASP C 39 2.59 3.44 0.26
C ASP C 39 3.16 4.81 -0.07
N GLY C 40 4.34 5.10 0.47
CA GLY C 40 5.00 6.37 0.25
C GLY C 40 5.37 6.58 -1.20
N ILE C 41 5.83 5.52 -1.87
CA ILE C 41 6.18 5.67 -3.27
C ILE C 41 4.91 5.95 -4.08
N ARG C 42 3.84 5.22 -3.82
CA ARG C 42 2.61 5.48 -4.56
C ARG C 42 2.16 6.93 -4.39
N LYS C 43 2.29 7.44 -3.17
CA LYS C 43 1.87 8.83 -2.92
C LYS C 43 2.75 9.79 -3.72
N GLU C 44 4.05 9.57 -3.71
CA GLU C 44 5.00 10.41 -4.44
C GLU C 44 4.79 10.36 -5.96
N VAL C 45 4.57 9.16 -6.49
CA VAL C 45 4.38 9.03 -7.95
C VAL C 45 3.06 9.62 -8.41
N ALA C 46 2.01 9.45 -7.61
CA ALA C 46 0.72 10.02 -8.00
C ALA C 46 0.82 11.54 -8.01
N ALA C 47 1.63 12.09 -7.10
CA ALA C 47 1.80 13.53 -7.01
C ALA C 47 2.63 14.06 -8.19
N GLU C 48 3.40 13.17 -8.81
CA GLU C 48 4.20 13.56 -9.96
C GLU C 48 3.45 13.16 -11.23
N GLY C 49 2.21 12.71 -11.07
CA GLY C 49 1.37 12.32 -12.19
C GLY C 49 1.66 10.97 -12.87
N GLY C 50 2.51 10.14 -12.26
CA GLY C 50 2.81 8.85 -12.89
C GLY C 50 1.95 7.67 -12.44
N SER C 51 2.40 6.45 -12.76
CA SER C 51 1.69 5.24 -12.37
C SER C 51 2.66 4.28 -11.71
N VAL C 52 2.11 3.36 -10.91
CA VAL C 52 2.95 2.38 -10.24
C VAL C 52 2.49 0.95 -10.51
N LEU C 53 3.44 0.04 -10.74
CA LEU C 53 3.18 -1.38 -10.91
C LEU C 53 4.10 -2.09 -9.90
N LEU C 54 3.57 -2.97 -9.08
CA LEU C 54 4.38 -3.66 -8.07
C LEU C 54 4.34 -5.14 -8.47
N LEU C 55 5.50 -5.72 -8.78
CA LEU C 55 5.53 -7.12 -9.23
C LEU C 55 6.39 -8.01 -8.37
N SER C 56 6.08 -9.29 -8.34
CA SER C 56 6.84 -10.25 -7.57
C SER C 56 7.41 -11.33 -8.47
N GLY C 57 8.64 -11.71 -8.16
CA GLY C 57 9.34 -12.76 -8.90
C GLY C 57 9.06 -14.16 -8.37
N GLY C 58 8.15 -14.30 -7.41
CA GLY C 58 7.85 -15.63 -6.90
C GLY C 58 8.67 -16.18 -5.74
N ASP C 59 8.42 -17.45 -5.39
CA ASP C 59 9.04 -18.16 -4.25
C ASP C 59 8.64 -17.47 -2.95
N ILE C 60 7.33 -17.38 -2.78
CA ILE C 60 6.76 -16.77 -1.59
C ILE C 60 6.78 -17.84 -0.49
N ASN C 61 6.55 -19.07 -0.90
CA ASN C 61 6.51 -20.20 0.02
C ASN C 61 7.84 -20.67 0.52
N THR C 62 7.84 -21.15 1.77
CA THR C 62 8.98 -21.79 2.39
C THR C 62 10.22 -21.02 2.80
N GLY C 63 10.56 -21.12 4.10
CA GLY C 63 11.75 -20.44 4.59
C GLY C 63 11.70 -19.91 6.02
N VAL C 64 10.49 -19.82 6.59
CA VAL C 64 10.35 -19.31 7.98
C VAL C 64 9.23 -20.14 8.56
N PRO C 65 9.51 -20.92 9.61
CA PRO C 65 8.50 -21.78 10.22
C PRO C 65 7.09 -21.22 10.41
N GLU C 66 6.94 -20.01 10.94
CA GLU C 66 5.61 -19.40 11.16
C GLU C 66 4.79 -19.35 9.87
N SER C 67 5.47 -19.06 8.77
CA SER C 67 4.85 -19.01 7.47
C SER C 67 4.60 -20.41 6.95
N ASP C 68 5.65 -21.22 6.98
CA ASP C 68 5.58 -22.58 6.48
C ASP C 68 4.42 -23.38 7.10
N LEU C 69 4.26 -23.28 8.41
CA LEU C 69 3.21 -24.04 9.08
C LEU C 69 1.79 -23.55 8.82
N GLN C 70 1.68 -22.36 8.21
CA GLN C 70 0.40 -21.79 7.86
C GLN C 70 0.24 -21.62 6.35
N ASP C 71 1.00 -22.42 5.60
CA ASP C 71 0.97 -22.41 4.13
C ASP C 71 1.05 -20.99 3.54
N ALA C 72 1.92 -20.18 4.11
CA ALA C 72 2.14 -18.82 3.62
C ALA C 72 0.92 -17.91 3.67
N GLU C 73 -0.11 -18.28 4.46
CA GLU C 73 -1.28 -17.43 4.51
C GLU C 73 -0.95 -15.98 4.87
N PRO C 74 -0.11 -15.75 5.90
CA PRO C 74 0.21 -14.37 6.24
C PRO C 74 0.91 -13.61 5.12
N ASP C 75 1.79 -14.31 4.40
CA ASP C 75 2.52 -13.67 3.32
C ASP C 75 1.62 -13.21 2.20
N PHE C 76 0.75 -14.09 1.70
CA PHE C 76 -0.15 -13.71 0.61
C PHE C 76 -1.14 -12.64 1.07
N ARG C 77 -1.67 -12.75 2.29
CA ARG C 77 -2.62 -11.73 2.74
C ARG C 77 -1.86 -10.42 2.90
N GLY C 78 -0.61 -10.52 3.35
CA GLY C 78 0.19 -9.32 3.52
C GLY C 78 0.50 -8.67 2.17
N MET C 79 0.77 -9.49 1.17
CA MET C 79 1.06 -8.95 -0.16
C MET C 79 -0.19 -8.23 -0.69
N ASN C 80 -1.37 -8.73 -0.34
CA ASN C 80 -2.60 -8.06 -0.77
C ASN C 80 -2.63 -6.63 -0.25
N LEU C 81 -2.25 -6.48 1.02
CA LEU C 81 -2.25 -5.17 1.66
C LEU C 81 -1.17 -4.23 1.10
N VAL C 82 0.01 -4.77 0.80
CA VAL C 82 1.08 -3.95 0.21
C VAL C 82 0.58 -3.48 -1.14
N GLY C 83 -0.20 -4.33 -1.79
CA GLY C 83 -0.78 -3.99 -3.07
C GLY C 83 -0.08 -4.54 -4.29
N TYR C 84 0.36 -5.79 -4.23
CA TYR C 84 1.01 -6.39 -5.39
C TYR C 84 0.03 -6.43 -6.54
N ASP C 85 0.52 -6.19 -7.76
CA ASP C 85 -0.34 -6.26 -8.94
C ASP C 85 -0.27 -7.60 -9.62
N ALA C 86 0.82 -8.33 -9.44
CA ALA C 86 0.97 -9.65 -10.05
C ALA C 86 2.24 -10.30 -9.54
N MET C 87 2.29 -11.63 -9.71
CA MET C 87 3.43 -12.39 -9.29
C MET C 87 3.73 -13.56 -10.24
N ALA C 88 5.00 -13.84 -10.46
CA ALA C 88 5.37 -15.00 -11.26
C ALA C 88 5.35 -16.18 -10.27
N ILE C 89 4.85 -17.33 -10.69
CA ILE C 89 4.85 -18.50 -9.81
C ILE C 89 6.30 -19.04 -9.73
N GLY C 90 6.80 -19.23 -8.51
CA GLY C 90 8.14 -19.78 -8.33
C GLY C 90 8.12 -21.29 -8.12
N ASN C 91 9.28 -21.96 -8.15
CA ASN C 91 9.25 -23.39 -7.99
C ASN C 91 8.78 -23.77 -6.59
N HIS C 92 9.01 -22.91 -5.60
CA HIS C 92 8.57 -23.26 -4.24
C HIS C 92 7.06 -23.18 -4.04
N GLU C 93 6.35 -22.66 -5.05
CA GLU C 93 4.91 -22.64 -4.95
C GLU C 93 4.43 -24.08 -5.20
N PHE C 94 5.39 -24.97 -5.45
CA PHE C 94 5.12 -26.42 -5.65
C PHE C 94 5.72 -27.28 -4.52
N ASP C 95 6.04 -26.65 -3.39
CA ASP C 95 6.54 -27.42 -2.22
C ASP C 95 5.34 -28.12 -1.56
N ASN C 96 4.15 -27.61 -1.85
CA ASN C 96 2.93 -28.16 -1.28
C ASN C 96 2.05 -28.71 -2.39
N PRO C 97 1.02 -29.50 -2.03
CA PRO C 97 0.15 -30.05 -3.07
C PRO C 97 -0.51 -28.93 -3.86
N LEU C 98 -0.90 -29.22 -5.08
CA LEU C 98 -1.53 -28.22 -5.93
C LEU C 98 -2.76 -27.57 -5.25
N THR C 99 -3.48 -28.34 -4.44
CA THR C 99 -4.63 -27.74 -3.77
C THR C 99 -4.22 -26.55 -2.91
N VAL C 100 -3.03 -26.60 -2.34
CA VAL C 100 -2.55 -25.51 -1.49
C VAL C 100 -2.28 -24.25 -2.35
N LEU C 101 -1.72 -24.46 -3.53
CA LEU C 101 -1.45 -23.32 -4.41
C LEU C 101 -2.78 -22.72 -4.90
N ARG C 102 -3.78 -23.56 -5.15
CA ARG C 102 -5.08 -23.02 -5.59
C ARG C 102 -5.67 -22.19 -4.45
N GLN C 103 -5.44 -22.61 -3.22
CA GLN C 103 -5.92 -21.85 -2.08
C GLN C 103 -5.17 -20.52 -2.01
N GLN C 104 -3.88 -20.55 -2.31
CA GLN C 104 -3.12 -19.30 -2.26
C GLN C 104 -3.62 -18.37 -3.36
N GLU C 105 -4.08 -18.92 -4.48
CA GLU C 105 -4.59 -18.06 -5.54
C GLU C 105 -5.90 -17.41 -5.05
N LYS C 106 -6.63 -18.13 -4.21
CA LYS C 106 -7.88 -17.61 -3.69
C LYS C 106 -7.58 -16.49 -2.70
N TRP C 107 -6.55 -16.68 -1.88
CA TRP C 107 -6.18 -15.66 -0.94
C TRP C 107 -5.69 -14.41 -1.65
N ALA C 108 -4.80 -14.59 -2.62
CA ALA C 108 -4.22 -13.47 -3.36
C ALA C 108 -5.22 -12.71 -4.24
N LYS C 109 -5.24 -11.39 -4.09
CA LYS C 109 -6.13 -10.52 -4.86
C LYS C 109 -5.43 -10.12 -6.17
N PHE C 110 -4.21 -10.60 -6.33
CA PHE C 110 -3.43 -10.35 -7.54
C PHE C 110 -3.20 -11.68 -8.24
N PRO C 111 -3.07 -11.67 -9.58
CA PRO C 111 -2.86 -12.96 -10.24
C PRO C 111 -1.48 -13.59 -10.07
N LEU C 112 -1.49 -14.91 -9.97
CA LEU C 112 -0.27 -15.72 -9.85
C LEU C 112 -0.10 -16.22 -11.29
N LEU C 113 0.89 -15.67 -11.99
CA LEU C 113 1.10 -15.93 -13.40
C LEU C 113 2.18 -16.90 -13.77
N SER C 114 1.94 -17.70 -14.80
CA SER C 114 2.96 -18.58 -15.37
C SER C 114 2.40 -19.12 -16.67
N ALA C 115 3.03 -18.72 -17.77
CA ALA C 115 2.57 -19.13 -19.09
C ALA C 115 3.06 -20.50 -19.52
N ASN C 116 4.11 -20.99 -18.88
CA ASN C 116 4.69 -22.24 -19.36
C ASN C 116 4.44 -23.55 -18.61
N ILE C 117 3.50 -23.56 -17.68
CA ILE C 117 3.18 -24.74 -16.89
C ILE C 117 1.88 -25.35 -17.47
N TYR C 118 1.97 -26.60 -17.89
CA TYR C 118 0.84 -27.28 -18.52
C TYR C 118 0.50 -28.62 -17.89
N GLN C 119 -0.77 -29.00 -17.97
CA GLN C 119 -1.22 -30.30 -17.50
C GLN C 119 -0.87 -31.24 -18.65
N LYS C 120 -0.03 -32.23 -18.39
CA LYS C 120 0.39 -33.15 -19.44
C LYS C 120 -0.76 -33.87 -20.14
N SER C 121 -1.71 -34.36 -19.38
CA SER C 121 -2.84 -35.13 -19.93
C SER C 121 -3.83 -34.42 -20.84
N THR C 122 -3.94 -33.11 -20.71
CA THR C 122 -4.89 -32.36 -21.54
C THR C 122 -4.21 -31.31 -22.41
N GLY C 123 -3.09 -30.78 -21.93
CA GLY C 123 -2.42 -29.76 -22.70
C GLY C 123 -2.95 -28.39 -22.33
N GLU C 124 -3.74 -28.29 -21.27
CA GLU C 124 -4.22 -26.97 -20.92
C GLU C 124 -3.27 -26.28 -19.96
N ARG C 125 -3.20 -24.96 -20.08
CA ARG C 125 -2.39 -24.18 -19.17
C ARG C 125 -2.99 -24.32 -17.77
N LEU C 126 -2.15 -24.49 -16.75
CA LEU C 126 -2.66 -24.59 -15.38
C LEU C 126 -2.88 -23.22 -14.75
N PHE C 127 -2.24 -22.18 -15.32
CA PHE C 127 -2.36 -20.85 -14.76
C PHE C 127 -2.58 -19.77 -15.81
N LYS C 128 -2.85 -18.55 -15.34
CA LYS C 128 -3.02 -17.40 -16.26
C LYS C 128 -1.61 -17.10 -16.82
N PRO C 129 -1.48 -16.97 -18.15
CA PRO C 129 -0.15 -16.69 -18.74
C PRO C 129 0.30 -15.23 -18.60
N TRP C 130 -0.63 -14.32 -18.55
CA TRP C 130 -0.31 -12.91 -18.39
C TRP C 130 -1.45 -12.13 -17.81
N ALA C 131 -1.15 -10.92 -17.36
CA ALA C 131 -2.16 -10.00 -16.84
C ALA C 131 -2.01 -8.71 -17.67
N LEU C 132 -3.10 -7.95 -17.77
CA LEU C 132 -3.08 -6.69 -18.52
C LEU C 132 -3.47 -5.57 -17.55
N PHE C 133 -2.72 -4.48 -17.57
CA PHE C 133 -3.01 -3.36 -16.70
C PHE C 133 -3.20 -2.08 -17.49
N LYS C 134 -4.11 -1.23 -17.00
CA LYS C 134 -4.33 0.05 -17.64
C LYS C 134 -3.82 1.05 -16.64
N ARG C 135 -2.95 1.94 -17.12
CA ARG C 135 -2.37 2.98 -16.29
C ARG C 135 -2.44 4.20 -17.20
N GLN C 136 -3.20 5.20 -16.78
CA GLN C 136 -3.44 6.38 -17.59
C GLN C 136 -4.11 5.72 -18.79
N ASP C 137 -3.69 5.97 -20.02
CA ASP C 137 -4.34 5.29 -21.13
C ASP C 137 -3.42 4.25 -21.78
N LEU C 138 -2.35 3.89 -21.07
CA LEU C 138 -1.39 2.90 -21.57
C LEU C 138 -1.85 1.48 -21.25
N LYS C 139 -1.48 0.53 -22.11
CA LYS C 139 -1.85 -0.85 -21.85
C LYS C 139 -0.55 -1.57 -21.55
N ILE C 140 -0.42 -2.10 -20.33
CA ILE C 140 0.79 -2.82 -19.93
C ILE C 140 0.49 -4.31 -19.70
N ALA C 141 1.23 -5.19 -20.36
CA ALA C 141 1.05 -6.62 -20.19
C ALA C 141 2.18 -7.16 -19.35
N VAL C 142 1.87 -8.04 -18.42
CA VAL C 142 2.91 -8.66 -17.62
C VAL C 142 2.80 -10.15 -17.83
N ILE C 143 3.82 -10.75 -18.43
CA ILE C 143 3.81 -12.20 -18.65
C ILE C 143 4.50 -12.87 -17.45
N GLY C 144 4.07 -14.07 -17.10
CA GLY C 144 4.74 -14.81 -16.03
C GLY C 144 5.43 -16.06 -16.56
N LEU C 145 6.59 -16.43 -16.01
CA LEU C 145 7.31 -17.63 -16.48
C LEU C 145 7.97 -18.28 -15.29
N THR C 146 8.00 -19.61 -15.29
CA THR C 146 8.59 -20.37 -14.20
C THR C 146 9.69 -21.30 -14.71
N THR C 147 10.82 -21.33 -14.02
CA THR C 147 11.93 -22.17 -14.43
C THR C 147 11.50 -23.60 -14.67
N ASP C 148 11.99 -24.16 -15.77
CA ASP C 148 11.67 -25.54 -16.08
C ASP C 148 12.50 -26.54 -15.29
N ASP C 149 13.25 -26.06 -14.29
CA ASP C 149 13.99 -26.99 -13.43
C ASP C 149 13.02 -27.44 -12.33
N THR C 150 11.88 -26.74 -12.20
CA THR C 150 10.92 -27.02 -11.12
C THR C 150 10.58 -28.47 -10.84
N ALA C 151 10.18 -29.22 -11.86
CA ALA C 151 9.83 -30.62 -11.61
C ALA C 151 11.09 -31.47 -11.42
N LYS C 152 12.17 -31.10 -12.10
CA LYS C 152 13.42 -31.84 -11.98
C LYS C 152 14.00 -31.82 -10.58
N ILE C 153 13.85 -30.70 -9.88
CA ILE C 153 14.42 -30.58 -8.54
C ILE C 153 13.38 -30.64 -7.42
N GLY C 154 12.11 -30.81 -7.78
CA GLY C 154 11.05 -30.86 -6.79
C GLY C 154 10.50 -32.24 -6.47
N ASN C 155 9.43 -32.28 -5.66
CA ASN C 155 8.83 -33.55 -5.23
C ASN C 155 8.17 -34.25 -6.40
N PRO C 156 8.75 -35.39 -6.84
CA PRO C 156 8.24 -36.14 -7.98
C PRO C 156 6.74 -36.39 -8.07
N GLU C 157 6.13 -36.81 -6.96
CA GLU C 157 4.71 -37.11 -6.96
C GLU C 157 3.82 -35.93 -7.37
N TYR C 158 4.28 -34.71 -7.16
CA TYR C 158 3.46 -33.55 -7.52
C TYR C 158 3.46 -33.24 -9.03
N PHE C 159 4.36 -33.87 -9.77
CA PHE C 159 4.44 -33.56 -11.20
C PHE C 159 4.12 -34.68 -12.15
N THR C 160 3.40 -35.69 -11.67
CA THR C 160 3.03 -36.80 -12.53
C THR C 160 2.20 -36.34 -13.75
N ASP C 161 1.44 -35.24 -13.60
CA ASP C 161 0.65 -34.74 -14.73
C ASP C 161 0.85 -33.24 -14.96
N ILE C 162 2.03 -32.76 -14.62
CA ILE C 162 2.36 -31.35 -14.81
C ILE C 162 3.71 -31.25 -15.49
N GLU C 163 3.81 -30.43 -16.52
CA GLU C 163 5.08 -30.23 -17.18
C GLU C 163 5.41 -28.74 -17.27
N PHE C 164 6.70 -28.46 -17.27
CA PHE C 164 7.22 -27.11 -17.37
C PHE C 164 7.92 -26.98 -18.72
N ARG C 165 7.25 -26.34 -19.69
CA ARG C 165 7.83 -26.18 -21.00
C ARG C 165 8.91 -25.11 -20.93
N LYS C 166 9.83 -25.10 -21.91
CA LYS C 166 10.93 -24.11 -21.89
C LYS C 166 10.39 -22.71 -21.84
N PRO C 167 10.72 -21.95 -20.78
CA PRO C 167 10.27 -20.58 -20.59
C PRO C 167 10.56 -19.64 -21.76
N ALA C 168 11.79 -19.67 -22.27
CA ALA C 168 12.16 -18.78 -23.37
C ALA C 168 11.30 -19.00 -24.61
N ASP C 169 11.00 -20.27 -24.91
CA ASP C 169 10.15 -20.62 -26.07
C ASP C 169 8.74 -20.17 -25.81
N GLU C 170 8.29 -20.33 -24.57
CA GLU C 170 6.93 -19.92 -24.24
C GLU C 170 6.82 -18.39 -24.37
N ALA C 171 7.85 -17.68 -23.92
CA ALA C 171 7.83 -16.22 -24.02
C ALA C 171 7.70 -15.77 -25.50
N LYS C 172 8.45 -16.42 -26.38
CA LYS C 172 8.39 -16.05 -27.82
C LYS C 172 6.95 -16.13 -28.32
N LEU C 173 6.29 -17.26 -28.04
CA LEU C 173 4.94 -17.44 -28.51
C LEU C 173 3.98 -16.46 -27.88
N VAL C 174 4.16 -16.18 -26.59
CA VAL C 174 3.26 -15.28 -25.90
C VAL C 174 3.44 -13.81 -26.33
N ILE C 175 4.68 -13.38 -26.54
CA ILE C 175 4.89 -12.02 -26.97
C ILE C 175 4.27 -11.86 -28.39
N GLN C 176 4.46 -12.87 -29.24
CA GLN C 176 3.92 -12.85 -30.60
C GLN C 176 2.42 -12.66 -30.53
N GLU C 177 1.78 -13.43 -29.65
CA GLU C 177 0.34 -13.36 -29.47
C GLU C 177 -0.12 -12.01 -28.95
N LEU C 178 0.61 -11.47 -27.98
CA LEU C 178 0.22 -10.18 -27.43
C LEU C 178 0.34 -9.10 -28.50
N GLN C 179 1.45 -9.13 -29.22
CA GLN C 179 1.70 -8.11 -30.25
C GLN C 179 0.62 -8.05 -31.31
N GLN C 180 0.03 -9.18 -31.68
CA GLN C 180 -0.99 -9.10 -32.71
C GLN C 180 -2.43 -9.03 -32.22
N THR C 181 -2.69 -9.26 -30.95
CA THR C 181 -4.07 -9.14 -30.49
C THR C 181 -4.32 -8.04 -29.49
N GLU C 182 -3.79 -8.15 -28.27
CA GLU C 182 -4.02 -7.09 -27.29
C GLU C 182 -3.23 -5.82 -27.60
N LYS C 183 -2.10 -5.97 -28.29
CA LYS C 183 -1.27 -4.83 -28.66
C LYS C 183 -0.93 -3.91 -27.49
N PRO C 184 -0.35 -4.45 -26.42
CA PRO C 184 0.01 -3.60 -25.29
C PRO C 184 1.11 -2.61 -25.69
N ASP C 185 1.18 -1.49 -24.97
CA ASP C 185 2.19 -0.48 -25.24
C ASP C 185 3.52 -0.92 -24.65
N ILE C 186 3.43 -1.67 -23.55
CA ILE C 186 4.64 -2.10 -22.85
C ILE C 186 4.49 -3.54 -22.45
N ILE C 187 5.55 -4.34 -22.58
CA ILE C 187 5.47 -5.73 -22.12
C ILE C 187 6.60 -6.03 -21.16
N ILE C 188 6.23 -6.52 -19.97
CA ILE C 188 7.20 -6.88 -18.95
C ILE C 188 7.02 -8.37 -18.61
N ALA C 189 8.12 -9.07 -18.35
CA ALA C 189 8.04 -10.47 -17.93
C ALA C 189 8.42 -10.58 -16.46
N ALA C 190 7.56 -11.19 -15.67
CA ALA C 190 7.88 -11.43 -14.26
C ALA C 190 8.29 -12.90 -14.34
N THR C 191 9.50 -13.23 -13.92
CA THR C 191 9.98 -14.59 -14.05
C THR C 191 10.66 -15.14 -12.81
N HIS C 192 10.65 -16.45 -12.69
CA HIS C 192 11.35 -17.11 -11.60
C HIS C 192 12.30 -18.07 -12.33
N MET C 193 13.34 -17.50 -12.93
CA MET C 193 14.30 -18.24 -13.77
C MET C 193 15.76 -18.13 -13.40
N GLY C 194 16.15 -16.99 -12.84
CA GLY C 194 17.52 -16.83 -12.41
C GLY C 194 18.39 -15.96 -13.30
N HIS C 195 19.27 -15.17 -12.68
CA HIS C 195 20.19 -14.34 -13.42
C HIS C 195 21.58 -14.94 -13.27
N TYR C 196 22.17 -15.32 -14.40
CA TYR C 196 23.51 -15.89 -14.42
C TYR C 196 24.40 -15.04 -15.32
N ASP C 197 25.52 -14.62 -14.76
CA ASP C 197 26.49 -13.78 -15.47
C ASP C 197 26.72 -14.31 -16.89
N ASN C 198 26.51 -13.45 -17.87
CA ASN C 198 26.74 -13.79 -19.26
C ASN C 198 25.98 -15.03 -19.72
N GLY C 199 24.89 -15.37 -19.03
CA GLY C 199 24.13 -16.54 -19.42
C GLY C 199 24.81 -17.85 -19.11
N GLU C 200 25.77 -17.83 -18.18
CA GLU C 200 26.49 -19.04 -17.78
C GLU C 200 25.72 -19.72 -16.66
N HIS C 201 24.65 -20.38 -17.08
CA HIS C 201 23.76 -21.06 -16.15
C HIS C 201 24.31 -22.37 -15.66
N GLY C 202 25.37 -22.86 -16.30
CA GLY C 202 25.94 -24.11 -15.85
C GLY C 202 24.90 -25.21 -15.96
N SER C 203 24.80 -26.02 -14.92
CA SER C 203 23.85 -27.12 -14.89
C SER C 203 22.41 -26.66 -14.59
N ASN C 204 22.24 -25.41 -14.18
CA ASN C 204 20.91 -24.86 -13.89
C ASN C 204 20.19 -24.68 -15.22
N ALA C 205 18.86 -24.63 -15.21
CA ALA C 205 18.16 -24.43 -16.47
C ALA C 205 18.46 -23.00 -16.90
N PRO C 206 18.47 -22.74 -18.22
CA PRO C 206 18.74 -21.41 -18.76
C PRO C 206 17.81 -20.42 -18.08
N GLY C 207 18.30 -19.20 -17.83
CA GLY C 207 17.53 -18.16 -17.18
C GLY C 207 17.23 -16.90 -17.98
N ASP C 208 17.13 -15.77 -17.25
CA ASP C 208 16.79 -14.49 -17.84
C ASP C 208 17.73 -13.97 -18.92
N VAL C 209 19.04 -14.13 -18.72
CA VAL C 209 19.99 -13.60 -19.69
C VAL C 209 19.86 -14.33 -21.02
N GLU C 210 19.89 -15.66 -20.98
CA GLU C 210 19.80 -16.44 -22.19
C GLU C 210 18.46 -16.17 -22.86
N MET C 211 17.39 -16.01 -22.08
CA MET C 211 16.10 -15.71 -22.68
C MET C 211 16.07 -14.35 -23.35
N ALA C 212 16.61 -13.34 -22.68
CA ALA C 212 16.60 -12.01 -23.28
C ALA C 212 17.34 -12.04 -24.62
N ARG C 213 18.45 -12.77 -24.66
CA ARG C 213 19.25 -12.85 -25.88
C ARG C 213 18.55 -13.63 -26.99
N ALA C 214 17.59 -14.47 -26.62
CA ALA C 214 16.88 -15.26 -27.62
C ALA C 214 15.64 -14.56 -28.14
N LEU C 215 15.13 -13.58 -27.41
CA LEU C 215 13.94 -12.89 -27.86
C LEU C 215 14.28 -11.82 -28.87
N PRO C 216 13.28 -11.31 -29.58
CA PRO C 216 13.56 -10.26 -30.56
C PRO C 216 14.07 -9.07 -29.73
N ALA C 217 15.08 -8.38 -30.25
CA ALA C 217 15.62 -7.24 -29.55
C ALA C 217 14.53 -6.28 -29.04
N GLY C 218 14.64 -5.89 -27.77
CA GLY C 218 13.68 -4.98 -27.14
C GLY C 218 12.22 -5.40 -27.14
N SER C 219 11.93 -6.70 -27.22
CA SER C 219 10.53 -7.13 -27.25
C SER C 219 9.88 -7.09 -25.85
N LEU C 220 10.69 -6.92 -24.82
CA LEU C 220 10.20 -6.77 -23.43
C LEU C 220 10.89 -5.50 -22.93
N ALA C 221 10.19 -4.68 -22.16
CA ALA C 221 10.83 -3.49 -21.62
C ALA C 221 11.81 -3.94 -20.52
N MET C 222 11.42 -4.99 -19.79
CA MET C 222 12.22 -5.46 -18.68
C MET C 222 11.78 -6.84 -18.24
N ILE C 223 12.71 -7.56 -17.63
CA ILE C 223 12.42 -8.87 -17.04
C ILE C 223 12.64 -8.66 -15.54
N VAL C 224 11.60 -8.91 -14.73
CA VAL C 224 11.67 -8.78 -13.27
C VAL C 224 11.85 -10.23 -12.81
N GLY C 225 13.05 -10.56 -12.36
CA GLY C 225 13.37 -11.93 -12.02
C GLY C 225 13.43 -12.34 -10.56
N GLY C 226 14.00 -13.51 -10.34
CA GLY C 226 14.17 -14.09 -9.03
C GLY C 226 14.85 -15.44 -9.17
N HIS C 227 14.62 -16.29 -8.19
CA HIS C 227 15.14 -17.64 -8.15
C HIS C 227 16.64 -17.74 -7.84
N SER C 228 17.48 -17.02 -8.59
CA SER C 228 18.89 -17.15 -8.28
C SER C 228 19.20 -16.42 -6.95
N GLN C 229 18.30 -15.53 -6.54
CA GLN C 229 18.42 -14.73 -5.30
C GLN C 229 19.66 -13.86 -5.26
N ASP C 230 19.65 -12.89 -6.18
CA ASP C 230 20.74 -11.93 -6.31
C ASP C 230 20.24 -10.53 -6.49
N PRO C 231 21.02 -9.55 -6.03
CA PRO C 231 20.58 -8.19 -6.27
C PRO C 231 21.31 -8.10 -7.64
N VAL C 232 20.59 -7.88 -8.72
CA VAL C 232 21.28 -7.79 -10.02
C VAL C 232 21.75 -6.36 -10.20
N CYS C 233 23.00 -6.14 -9.78
CA CYS C 233 23.69 -4.85 -9.84
C CYS C 233 25.03 -5.19 -10.50
N MET C 234 25.18 -4.72 -11.73
CA MET C 234 26.38 -5.08 -12.48
C MET C 234 27.63 -4.28 -12.08
N ALA C 235 28.75 -5.00 -11.94
CA ALA C 235 30.05 -4.38 -11.59
C ALA C 235 30.76 -4.04 -12.90
N ALA C 236 30.44 -4.79 -13.95
CA ALA C 236 31.04 -4.59 -15.27
C ALA C 236 30.15 -5.35 -16.25
N GLU C 237 30.36 -5.14 -17.54
CA GLU C 237 29.54 -5.83 -18.52
C GLU C 237 29.51 -7.34 -18.20
N ASN C 238 28.31 -7.91 -18.18
CA ASN C 238 28.11 -9.32 -17.89
C ASN C 238 28.71 -9.85 -16.61
N LYS C 239 28.82 -9.01 -15.57
CA LYS C 239 29.36 -9.46 -14.32
C LYS C 239 28.66 -8.75 -13.13
N LYS C 240 27.86 -9.50 -12.37
CA LYS C 240 27.18 -8.90 -11.21
C LYS C 240 28.21 -8.56 -10.15
N GLN C 241 27.92 -7.55 -9.35
CA GLN C 241 28.81 -7.23 -8.25
C GLN C 241 28.79 -8.45 -7.32
N VAL C 242 29.92 -8.70 -6.67
CA VAL C 242 30.05 -9.74 -5.70
C VAL C 242 29.96 -8.92 -4.40
N ASP C 243 29.29 -9.43 -3.38
CA ASP C 243 29.14 -8.67 -2.13
C ASP C 243 28.62 -7.24 -2.32
N TYR C 244 27.46 -7.11 -2.97
CA TYR C 244 26.81 -5.83 -3.18
C TYR C 244 26.48 -5.22 -1.81
N VAL C 245 26.68 -3.92 -1.65
CA VAL C 245 26.42 -3.23 -0.38
C VAL C 245 25.11 -2.44 -0.40
N PRO C 246 24.21 -2.71 0.56
CA PRO C 246 22.92 -2.01 0.64
C PRO C 246 23.12 -0.50 0.60
N GLY C 247 22.21 0.19 -0.08
CA GLY C 247 22.33 1.63 -0.15
C GLY C 247 23.28 2.17 -1.22
N THR C 248 23.99 1.27 -1.92
CA THR C 248 24.90 1.71 -2.99
C THR C 248 24.20 1.56 -4.34
N PRO C 249 24.70 2.26 -5.38
CA PRO C 249 24.12 2.21 -6.72
C PRO C 249 23.93 0.79 -7.23
N CYS C 250 22.86 0.57 -7.97
CA CYS C 250 22.59 -0.73 -8.54
C CYS C 250 22.28 -0.51 -10.01
N LYS C 251 23.17 -0.99 -10.86
CA LYS C 251 23.01 -0.88 -12.31
C LYS C 251 22.44 -2.23 -12.76
N PRO C 252 21.19 -2.24 -13.21
CA PRO C 252 20.57 -3.49 -13.66
C PRO C 252 21.25 -4.00 -14.93
N ASP C 253 21.06 -5.27 -15.23
CA ASP C 253 21.69 -5.82 -16.44
C ASP C 253 20.83 -5.35 -17.61
N GLN C 254 21.41 -5.36 -18.80
CA GLN C 254 20.64 -4.99 -19.96
C GLN C 254 21.19 -5.92 -21.02
N GLN C 255 20.32 -6.73 -21.61
CA GLN C 255 20.74 -7.68 -22.61
C GLN C 255 19.80 -7.63 -23.80
N ASN C 256 20.39 -7.48 -24.99
CA ASN C 256 19.60 -7.45 -26.23
C ASN C 256 18.48 -6.43 -26.10
N GLY C 257 18.78 -5.29 -25.49
CA GLY C 257 17.83 -4.21 -25.32
C GLY C 257 16.81 -4.41 -24.19
N ILE C 258 16.91 -5.52 -23.48
CA ILE C 258 15.95 -5.80 -22.40
C ILE C 258 16.57 -5.63 -21.00
N TRP C 259 15.97 -4.80 -20.15
CA TRP C 259 16.52 -4.62 -18.80
C TRP C 259 16.23 -5.88 -17.98
N ILE C 260 17.19 -6.30 -17.15
CA ILE C 260 16.96 -7.47 -16.29
C ILE C 260 17.23 -7.06 -14.85
N VAL C 261 16.26 -7.25 -13.96
CA VAL C 261 16.48 -6.85 -12.57
C VAL C 261 16.13 -7.98 -11.62
N GLN C 262 16.59 -7.82 -10.38
CA GLN C 262 16.25 -8.78 -9.34
C GLN C 262 16.62 -8.09 -8.02
N ALA C 263 15.82 -8.36 -6.99
CA ALA C 263 15.98 -7.67 -5.70
C ALA C 263 16.41 -8.57 -4.56
N HIS C 264 17.30 -9.50 -4.89
CA HIS C 264 17.87 -10.42 -3.94
C HIS C 264 16.91 -11.39 -3.28
N GLU C 265 16.41 -11.09 -2.07
CA GLU C 265 15.55 -12.06 -1.42
C GLU C 265 14.92 -11.51 -0.13
N TRP C 266 13.97 -12.28 0.40
CA TRP C 266 13.34 -12.02 1.69
C TRP C 266 12.77 -10.64 1.99
N GLY C 267 12.40 -9.87 0.97
CA GLY C 267 11.88 -8.56 1.27
C GLY C 267 13.00 -7.64 1.72
N LYS C 268 14.25 -8.06 1.50
CA LYS C 268 15.39 -7.22 1.90
C LYS C 268 15.39 -5.90 1.18
N TYR C 269 14.94 -5.92 -0.08
CA TYR C 269 14.90 -4.71 -0.91
C TYR C 269 13.61 -4.64 -1.70
N VAL C 270 13.22 -3.42 -2.03
CA VAL C 270 12.11 -3.22 -2.96
C VAL C 270 12.86 -2.54 -4.11
N GLY C 271 12.89 -3.20 -5.28
CA GLY C 271 13.56 -2.60 -6.42
C GLY C 271 12.68 -1.51 -7.00
N ARG C 272 13.27 -0.43 -7.49
CA ARG C 272 12.51 0.66 -8.08
C ARG C 272 13.09 1.09 -9.44
N ALA C 273 12.32 0.84 -10.49
CA ALA C 273 12.75 1.21 -11.84
C ALA C 273 11.82 2.31 -12.30
N ASP C 274 12.38 3.50 -12.49
CA ASP C 274 11.58 4.62 -12.95
C ASP C 274 11.67 4.76 -14.45
N PHE C 275 10.55 4.56 -15.14
CA PHE C 275 10.52 4.67 -16.60
C PHE C 275 9.75 5.89 -17.08
N GLU C 276 10.03 6.31 -18.31
CA GLU C 276 9.26 7.36 -18.96
C GLU C 276 8.98 6.79 -20.34
N PHE C 277 7.74 6.89 -20.76
CA PHE C 277 7.30 6.37 -22.04
C PHE C 277 6.83 7.52 -22.91
N ARG C 278 7.31 7.57 -24.15
CA ARG C 278 6.90 8.61 -25.06
C ARG C 278 7.00 8.09 -26.47
N ASN C 279 5.88 8.15 -27.18
CA ASN C 279 5.80 7.69 -28.55
C ASN C 279 6.38 6.28 -28.78
N GLY C 280 6.08 5.36 -27.87
CA GLY C 280 6.58 4.01 -28.04
C GLY C 280 7.94 3.68 -27.45
N GLU C 281 8.78 4.65 -27.12
CA GLU C 281 10.05 4.24 -26.53
C GLU C 281 9.99 4.35 -25.00
N MET C 282 10.55 3.33 -24.36
CA MET C 282 10.60 3.20 -22.91
C MET C 282 12.00 3.56 -22.49
N LYS C 283 12.13 4.56 -21.63
CA LYS C 283 13.43 4.98 -21.19
C LYS C 283 13.51 4.75 -19.70
N MET C 284 14.51 4.02 -19.23
CA MET C 284 14.60 3.85 -17.77
C MET C 284 15.41 5.04 -17.29
N VAL C 285 14.77 5.99 -16.61
CA VAL C 285 15.50 7.18 -16.15
C VAL C 285 16.19 7.04 -14.80
N ASN C 286 15.78 6.05 -14.00
CA ASN C 286 16.40 5.84 -12.68
C ASN C 286 16.17 4.40 -12.23
N TYR C 287 17.14 3.83 -11.53
CA TYR C 287 16.98 2.47 -10.95
C TYR C 287 17.74 2.37 -9.64
N GLN C 288 17.18 1.64 -8.68
CA GLN C 288 17.84 1.45 -7.40
C GLN C 288 17.14 0.35 -6.63
N LEU C 289 17.87 -0.27 -5.70
CA LEU C 289 17.30 -1.27 -4.80
C LEU C 289 17.15 -0.46 -3.50
N ILE C 290 15.92 -0.37 -2.99
CA ILE C 290 15.67 0.40 -1.75
C ILE C 290 15.75 -0.57 -0.58
N PRO C 291 16.73 -0.41 0.33
CA PRO C 291 16.82 -1.34 1.47
C PRO C 291 15.59 -1.20 2.38
N VAL C 292 15.08 -2.30 2.93
CA VAL C 292 13.93 -2.22 3.83
C VAL C 292 14.48 -2.44 5.26
N ASN C 293 14.94 -1.34 5.85
CA ASN C 293 15.52 -1.37 7.19
C ASN C 293 16.66 -2.37 7.36
N LEU C 294 17.53 -2.50 6.36
CA LEU C 294 18.65 -3.40 6.47
C LEU C 294 19.67 -2.70 7.36
N LYS C 295 20.52 -3.47 8.01
CA LYS C 295 21.50 -2.87 8.90
C LYS C 295 22.89 -3.46 8.76
N LYS C 296 23.89 -2.62 9.08
CA LYS C 296 25.27 -3.06 9.07
C LYS C 296 25.75 -3.07 10.53
N LYS C 297 26.83 -3.78 10.80
CA LYS C 297 27.34 -3.87 12.18
C LYS C 297 28.46 -2.85 12.41
N VAL C 298 28.41 -2.15 13.54
CA VAL C 298 29.49 -1.22 13.87
C VAL C 298 30.10 -1.66 15.21
N THR C 299 31.40 -1.45 15.37
CA THR C 299 32.10 -1.85 16.59
C THR C 299 32.85 -0.71 17.22
N TRP C 300 32.60 -0.49 18.50
CA TRP C 300 33.25 0.59 19.24
C TRP C 300 34.63 0.16 19.78
N GLU C 301 35.39 1.15 20.24
CA GLU C 301 36.75 0.92 20.76
C GLU C 301 36.78 -0.04 21.96
N ASP C 302 35.67 -0.18 22.66
CA ASP C 302 35.61 -1.07 23.83
C ASP C 302 35.13 -2.48 23.45
N GLY C 303 34.88 -2.70 22.16
CA GLY C 303 34.43 -4.01 21.72
C GLY C 303 32.94 -4.21 21.60
N LYS C 304 32.13 -3.28 22.08
CA LYS C 304 30.69 -3.46 21.96
C LYS C 304 30.31 -3.24 20.49
N SER C 305 29.36 -4.03 20.02
CA SER C 305 28.93 -3.93 18.64
C SER C 305 27.43 -3.75 18.56
N GLU C 306 26.98 -2.95 17.60
CA GLU C 306 25.56 -2.74 17.40
C GLU C 306 25.30 -2.66 15.92
N ARG C 307 24.06 -2.93 15.53
CA ARG C 307 23.69 -2.88 14.13
C ARG C 307 23.07 -1.51 13.84
N VAL C 308 23.53 -0.89 12.76
CA VAL C 308 23.07 0.44 12.37
C VAL C 308 22.43 0.44 10.98
N LEU C 309 21.32 1.16 10.85
CA LEU C 309 20.60 1.26 9.57
C LEU C 309 21.43 1.89 8.47
N TYR C 310 21.25 1.39 7.24
CA TYR C 310 21.94 1.98 6.11
C TYR C 310 21.20 3.23 5.70
N THR C 311 19.88 3.23 5.88
CA THR C 311 19.06 4.37 5.47
C THR C 311 18.03 4.71 6.54
N PRO C 312 17.38 5.88 6.43
CA PRO C 312 16.38 6.24 7.44
C PRO C 312 15.38 5.13 7.75
N GLU C 313 15.09 4.97 9.03
CA GLU C 313 14.16 3.94 9.44
C GLU C 313 12.78 4.08 8.80
N ILE C 314 12.27 2.96 8.30
CA ILE C 314 10.94 2.90 7.70
C ILE C 314 10.02 2.31 8.77
N ALA C 315 8.96 3.04 9.11
CA ALA C 315 8.05 2.58 10.14
C ALA C 315 7.19 1.41 9.68
N GLU C 316 6.86 0.54 10.62
CA GLU C 316 6.02 -0.60 10.32
C GLU C 316 4.56 -0.17 10.29
N ASN C 317 3.87 -0.47 9.19
CA ASN C 317 2.48 -0.11 9.01
C ASN C 317 1.65 -0.83 10.04
N GLN C 318 0.88 -0.06 10.82
CA GLN C 318 0.07 -0.67 11.87
C GLN C 318 -1.00 -1.60 11.35
N GLN C 319 -1.68 -1.24 10.26
CA GLN C 319 -2.69 -2.10 9.69
C GLN C 319 -2.08 -3.47 9.34
N MET C 320 -0.82 -3.45 8.88
CA MET C 320 -0.12 -4.68 8.50
C MET C 320 0.21 -5.49 9.75
N ILE C 321 0.73 -4.82 10.79
CA ILE C 321 1.04 -5.54 12.03
C ILE C 321 -0.24 -6.22 12.58
N SER C 322 -1.36 -5.52 12.58
CA SER C 322 -2.62 -6.09 13.08
C SER C 322 -3.02 -7.31 12.26
N LEU C 323 -2.81 -7.23 10.96
CA LEU C 323 -3.12 -8.35 10.08
C LEU C 323 -2.22 -9.55 10.35
N LEU C 324 -0.92 -9.28 10.48
CA LEU C 324 0.07 -10.34 10.65
C LEU C 324 0.30 -10.90 12.05
N SER C 325 0.16 -10.07 13.08
CA SER C 325 0.35 -10.52 14.47
C SER C 325 -0.28 -11.89 14.82
N PRO C 326 -1.56 -12.11 14.49
CA PRO C 326 -2.24 -13.37 14.78
C PRO C 326 -1.49 -14.58 14.21
N PHE C 327 -0.97 -14.43 12.99
CA PHE C 327 -0.21 -15.51 12.36
C PHE C 327 1.17 -15.62 13.00
N GLN C 328 1.75 -14.50 13.38
CA GLN C 328 3.07 -14.51 13.98
C GLN C 328 3.07 -15.21 15.35
N ASN C 329 1.98 -15.06 16.10
CA ASN C 329 1.94 -15.68 17.43
C ASN C 329 1.33 -17.08 17.50
N LYS C 330 0.69 -17.55 16.44
CA LYS C 330 0.12 -18.88 16.49
C LYS C 330 1.20 -19.92 16.80
N GLY C 331 0.95 -20.73 17.83
CA GLY C 331 1.88 -21.78 18.23
C GLY C 331 3.29 -21.31 18.51
N LYS C 332 3.45 -20.01 18.77
CA LYS C 332 4.78 -19.46 19.04
C LYS C 332 5.49 -20.23 20.17
N ALA C 333 4.71 -20.71 21.14
CA ALA C 333 5.25 -21.45 22.28
C ALA C 333 5.95 -22.73 21.84
N GLN C 334 5.30 -23.49 20.96
CA GLN C 334 5.85 -24.74 20.45
C GLN C 334 7.12 -24.53 19.59
N LEU C 335 7.21 -23.36 18.95
CA LEU C 335 8.36 -23.06 18.08
C LEU C 335 9.61 -22.62 18.82
N GLU C 336 9.45 -21.77 19.83
CA GLU C 336 10.59 -21.23 20.56
C GLU C 336 11.05 -22.01 21.78
N VAL C 337 10.40 -23.13 22.05
CA VAL C 337 10.77 -23.94 23.20
C VAL C 337 12.11 -24.64 22.97
N LYS C 338 13.03 -24.52 23.94
CA LYS C 338 14.34 -25.15 23.86
C LYS C 338 14.16 -26.67 23.84
N ILE C 339 14.78 -27.34 22.89
CA ILE C 339 14.66 -28.79 22.80
C ILE C 339 15.99 -29.45 23.02
N GLY C 340 17.02 -28.64 23.23
CA GLY C 340 18.34 -29.19 23.46
C GLY C 340 19.38 -28.11 23.22
N GLU C 341 20.65 -28.52 23.19
CA GLU C 341 21.72 -27.57 22.94
C GLU C 341 22.86 -28.26 22.21
N THR C 342 23.76 -27.46 21.67
CA THR C 342 24.87 -28.04 20.96
C THR C 342 26.21 -27.41 21.25
N ASN C 343 27.19 -28.30 21.28
CA ASN C 343 28.60 -28.08 21.52
C ASN C 343 29.19 -27.02 20.59
N GLY C 344 28.82 -27.08 19.32
CA GLY C 344 29.34 -26.13 18.36
C GLY C 344 28.42 -26.00 17.16
N ARG C 345 28.82 -25.20 16.18
CA ARG C 345 27.98 -24.99 14.99
C ARG C 345 27.67 -26.27 14.21
N LEU C 346 26.42 -26.41 13.77
CA LEU C 346 26.03 -27.55 12.96
C LEU C 346 25.92 -26.92 11.56
N GLU C 347 26.90 -27.28 10.72
CA GLU C 347 27.06 -26.74 9.36
C GLU C 347 26.02 -27.09 8.31
N GLY C 348 25.16 -26.13 8.04
CA GLY C 348 24.14 -26.31 7.03
C GLY C 348 24.22 -25.34 5.88
N ASP C 349 25.29 -24.54 5.80
CA ASP C 349 25.44 -23.56 4.70
C ASP C 349 25.40 -24.25 3.31
N ARG C 350 24.70 -23.64 2.37
CA ARG C 350 24.57 -24.15 1.00
C ARG C 350 25.94 -24.49 0.37
N ASP C 351 26.90 -23.59 0.52
CA ASP C 351 28.24 -23.77 -0.04
C ASP C 351 29.04 -24.89 0.63
N LYS C 352 28.45 -25.51 1.65
CA LYS C 352 29.10 -26.63 2.32
C LYS C 352 28.32 -27.92 2.13
N VAL C 353 27.02 -27.91 2.41
CA VAL C 353 26.26 -29.15 2.30
C VAL C 353 26.11 -29.67 0.89
N ARG C 354 26.37 -28.81 -0.10
CA ARG C 354 26.27 -29.25 -1.50
C ARG C 354 27.64 -29.54 -2.10
N PHE C 355 28.67 -29.53 -1.25
CA PHE C 355 30.04 -29.78 -1.72
C PHE C 355 30.81 -30.81 -0.90
N VAL C 356 30.53 -30.91 0.39
CA VAL C 356 31.26 -31.86 1.23
C VAL C 356 30.32 -32.40 2.29
N GLN C 357 30.73 -33.47 2.96
CA GLN C 357 29.93 -34.05 4.03
C GLN C 357 29.98 -33.08 5.21
N THR C 358 28.86 -32.84 5.89
CA THR C 358 28.90 -31.94 7.07
C THR C 358 28.26 -32.59 8.31
N ASN C 359 28.55 -32.02 9.48
CA ASN C 359 27.96 -32.58 10.71
C ASN C 359 26.43 -32.44 10.75
N MET C 360 25.88 -31.44 10.07
CA MET C 360 24.42 -31.28 10.04
C MET C 360 23.85 -32.52 9.32
N GLY C 361 24.48 -32.90 8.20
CA GLY C 361 24.05 -34.09 7.48
C GLY C 361 24.10 -35.34 8.37
N ARG C 362 25.19 -35.50 9.10
CA ARG C 362 25.35 -36.66 9.99
C ARG C 362 24.31 -36.67 11.11
N LEU C 363 24.04 -35.51 11.70
CA LEU C 363 23.04 -35.39 12.77
C LEU C 363 21.68 -35.79 12.24
N ILE C 364 21.23 -35.12 11.16
CA ILE C 364 19.93 -35.45 10.59
C ILE C 364 19.83 -36.93 10.28
N LEU C 365 20.83 -37.48 9.62
CA LEU C 365 20.79 -38.91 9.28
C LEU C 365 20.89 -39.80 10.54
N ALA C 366 21.60 -39.33 11.55
CA ALA C 366 21.70 -40.09 12.79
C ALA C 366 20.27 -40.24 13.33
N ALA C 367 19.51 -39.15 13.29
CA ALA C 367 18.14 -39.14 13.79
C ALA C 367 17.23 -40.06 12.99
N GLN C 368 17.44 -40.12 11.68
CA GLN C 368 16.62 -40.98 10.86
C GLN C 368 16.99 -42.44 11.05
N MET C 369 18.28 -42.74 11.19
CA MET C 369 18.68 -44.12 11.37
C MET C 369 18.18 -44.65 12.72
N ASP C 370 18.17 -43.77 13.72
CA ASP C 370 17.73 -44.11 15.07
C ASP C 370 16.22 -44.39 15.13
N ARG C 371 15.44 -43.65 14.35
CA ARG C 371 14.00 -43.87 14.35
C ARG C 371 13.65 -45.14 13.57
N THR C 372 14.40 -45.43 12.52
CA THR C 372 14.14 -46.59 11.68
C THR C 372 15.02 -47.81 11.98
N GLY C 373 16.03 -47.64 12.81
CA GLY C 373 16.93 -48.75 13.10
C GLY C 373 17.73 -49.15 11.85
N ALA C 374 18.01 -48.17 10.98
CA ALA C 374 18.76 -48.45 9.77
C ALA C 374 20.27 -48.60 10.03
N ASP C 375 20.97 -49.18 9.07
CA ASP C 375 22.43 -49.38 9.15
C ASP C 375 23.18 -48.18 8.58
N PHE C 376 22.57 -47.55 7.59
CA PHE C 376 23.16 -46.38 6.96
C PHE C 376 22.04 -45.52 6.42
N ALA C 377 22.39 -44.37 5.85
CA ALA C 377 21.39 -43.45 5.35
C ALA C 377 22.00 -42.43 4.38
N VAL C 378 21.15 -41.74 3.63
CA VAL C 378 21.61 -40.72 2.70
C VAL C 378 20.49 -39.73 2.55
N MET C 379 20.82 -38.51 2.14
CA MET C 379 19.83 -37.47 1.88
C MET C 379 20.51 -36.46 0.96
N SER C 380 19.73 -35.62 0.27
CA SER C 380 20.35 -34.62 -0.60
C SER C 380 20.83 -33.44 0.22
N GLY C 381 21.97 -32.87 -0.16
CA GLY C 381 22.46 -31.70 0.52
C GLY C 381 21.44 -30.60 0.30
N GLY C 382 20.78 -30.59 -0.86
CA GLY C 382 19.77 -29.58 -1.13
C GLY C 382 18.60 -29.63 -0.15
N GLY C 383 18.48 -30.72 0.62
CA GLY C 383 17.41 -30.83 1.60
C GLY C 383 17.77 -30.16 2.92
N ILE C 384 19.00 -29.68 3.05
CA ILE C 384 19.44 -29.01 4.27
C ILE C 384 19.44 -27.51 3.96
N ARG C 385 18.54 -26.79 4.63
CA ARG C 385 18.34 -25.38 4.38
C ARG C 385 18.84 -24.35 5.36
N ASP C 386 19.50 -24.79 6.42
CA ASP C 386 20.04 -23.79 7.34
C ASP C 386 21.00 -24.49 8.27
N SER C 387 21.70 -23.69 9.06
CA SER C 387 22.65 -24.21 10.06
C SER C 387 22.08 -24.00 11.47
N ILE C 388 22.69 -24.67 12.45
CA ILE C 388 22.25 -24.47 13.83
C ILE C 388 23.48 -24.00 14.62
N GLU C 389 23.44 -22.76 15.09
CA GLU C 389 24.55 -22.18 15.85
C GLU C 389 24.82 -22.90 17.17
N ALA C 390 26.04 -22.74 17.68
CA ALA C 390 26.43 -23.34 18.95
C ALA C 390 25.52 -22.77 20.04
N GLY C 391 25.06 -23.63 20.94
CA GLY C 391 24.18 -23.15 21.99
C GLY C 391 22.83 -23.81 22.02
N ASP C 392 21.81 -23.08 22.47
CA ASP C 392 20.47 -23.63 22.57
C ASP C 392 19.77 -23.85 21.24
N ILE C 393 19.05 -24.96 21.15
CA ILE C 393 18.35 -25.28 19.92
C ILE C 393 16.83 -25.23 20.16
N SER C 394 16.12 -24.46 19.35
CA SER C 394 14.66 -24.37 19.45
C SER C 394 14.04 -25.26 18.37
N TYR C 395 12.75 -25.53 18.48
CA TYR C 395 12.12 -26.35 17.44
C TYR C 395 12.11 -25.50 16.17
N LYS C 396 12.04 -24.19 16.34
CA LYS C 396 12.02 -23.28 15.22
C LYS C 396 13.30 -23.50 14.38
N ASN C 397 14.41 -23.75 15.07
CA ASN C 397 15.71 -23.99 14.41
C ASN C 397 15.62 -25.20 13.49
N VAL C 398 15.00 -26.25 13.99
CA VAL C 398 14.85 -27.49 13.26
C VAL C 398 14.00 -27.31 12.04
N LEU C 399 12.91 -26.56 12.15
CA LEU C 399 12.03 -26.36 11.01
C LEU C 399 12.66 -25.43 9.97
N LYS C 400 13.74 -24.77 10.36
CA LYS C 400 14.49 -23.87 9.50
C LYS C 400 15.40 -24.76 8.64
N VAL C 401 16.05 -25.73 9.29
CA VAL C 401 16.95 -26.67 8.62
C VAL C 401 16.19 -27.61 7.68
N GLN C 402 15.05 -28.10 8.13
CA GLN C 402 14.22 -29.01 7.34
C GLN C 402 12.77 -28.50 7.28
N PRO C 403 12.46 -27.72 6.24
CA PRO C 403 11.13 -27.14 6.04
C PRO C 403 10.19 -27.77 5.02
N PHE C 404 10.62 -28.83 4.34
CA PHE C 404 9.80 -29.44 3.30
C PHE C 404 8.74 -30.43 3.77
N GLY C 405 8.74 -30.80 5.04
CA GLY C 405 7.73 -31.74 5.49
C GLY C 405 7.85 -33.13 4.90
N ASN C 406 9.07 -33.55 4.57
CA ASN C 406 9.29 -34.90 4.02
C ASN C 406 9.05 -35.89 5.15
N VAL C 407 8.80 -37.15 4.81
CA VAL C 407 8.62 -38.17 5.84
C VAL C 407 9.75 -39.18 5.74
N VAL C 408 10.16 -39.69 6.90
CA VAL C 408 11.24 -40.65 6.98
C VAL C 408 10.80 -42.01 6.52
N VAL C 409 11.64 -42.65 5.72
CA VAL C 409 11.35 -43.97 5.19
C VAL C 409 12.61 -44.83 5.28
N TYR C 410 12.47 -46.13 5.02
CA TYR C 410 13.65 -46.99 5.02
C TYR C 410 13.40 -48.10 4.03
N ALA C 411 14.45 -48.82 3.68
CA ALA C 411 14.31 -49.91 2.75
C ALA C 411 15.31 -50.97 3.14
N ASP C 412 14.85 -52.21 3.23
CA ASP C 412 15.72 -53.33 3.56
C ASP C 412 16.20 -53.87 2.24
N MET C 413 17.51 -53.94 2.06
CA MET C 413 18.04 -54.43 0.80
C MET C 413 19.25 -55.32 0.93
N THR C 414 19.57 -55.97 -0.18
CA THR C 414 20.70 -56.88 -0.26
C THR C 414 21.98 -56.09 -0.43
N GLY C 415 23.09 -56.72 -0.06
CA GLY C 415 24.39 -56.08 -0.18
C GLY C 415 24.66 -55.65 -1.61
N LYS C 416 24.18 -56.42 -2.57
CA LYS C 416 24.41 -56.07 -3.96
C LYS C 416 23.64 -54.83 -4.33
N GLU C 417 22.43 -54.73 -3.81
CA GLU C 417 21.60 -53.59 -4.10
C GLU C 417 22.20 -52.37 -3.41
N VAL C 418 22.78 -52.58 -2.23
CA VAL C 418 23.43 -51.50 -1.51
C VAL C 418 24.55 -50.95 -2.38
N ILE C 419 25.34 -51.86 -2.96
CA ILE C 419 26.45 -51.46 -3.81
C ILE C 419 26.03 -50.68 -5.05
N ASP C 420 25.02 -51.19 -5.73
CA ASP C 420 24.54 -50.55 -6.94
C ASP C 420 23.81 -49.23 -6.65
N TYR C 421 23.08 -49.17 -5.54
CA TYR C 421 22.39 -47.95 -5.17
C TYR C 421 23.38 -46.84 -4.78
N LEU C 422 24.34 -47.17 -3.92
CA LEU C 422 25.32 -46.18 -3.49
C LEU C 422 26.24 -45.77 -4.63
N THR C 423 26.48 -46.69 -5.57
CA THR C 423 27.34 -46.35 -6.70
C THR C 423 26.65 -45.26 -7.50
N ALA C 424 25.35 -45.40 -7.68
CA ALA C 424 24.57 -44.40 -8.42
C ALA C 424 24.50 -43.08 -7.65
N VAL C 425 24.21 -43.14 -6.36
CA VAL C 425 24.14 -41.91 -5.58
C VAL C 425 25.49 -41.19 -5.54
N ALA C 426 26.59 -41.95 -5.51
CA ALA C 426 27.92 -41.35 -5.47
C ALA C 426 28.26 -40.66 -6.77
N GLN C 427 27.42 -40.83 -7.78
CA GLN C 427 27.69 -40.14 -9.03
C GLN C 427 27.10 -38.72 -9.05
N MET C 428 26.29 -38.37 -8.05
CA MET C 428 25.74 -37.02 -7.98
C MET C 428 26.91 -36.08 -7.67
N LYS C 429 27.04 -35.00 -8.44
CA LYS C 429 28.18 -34.14 -8.25
C LYS C 429 28.04 -32.99 -7.29
N PRO C 430 29.17 -32.48 -6.76
CA PRO C 430 29.07 -31.36 -5.83
C PRO C 430 28.54 -30.18 -6.63
N ASP C 431 28.19 -29.11 -5.92
CA ASP C 431 27.66 -27.90 -6.54
C ASP C 431 26.28 -28.10 -7.17
N SER C 432 25.48 -28.96 -6.54
CA SER C 432 24.11 -29.19 -6.97
C SER C 432 23.34 -29.64 -5.73
N GLY C 433 22.05 -29.42 -5.75
CA GLY C 433 21.25 -29.82 -4.61
C GLY C 433 21.26 -31.33 -4.37
N ALA C 434 21.51 -32.09 -5.43
CA ALA C 434 21.51 -33.54 -5.34
C ALA C 434 22.77 -34.14 -4.70
N TYR C 435 23.79 -33.33 -4.46
CA TYR C 435 25.01 -33.87 -3.83
C TYR C 435 24.56 -34.62 -2.58
N PRO C 436 25.03 -35.86 -2.41
CA PRO C 436 24.64 -36.66 -1.25
C PRO C 436 25.36 -36.49 0.09
N GLN C 437 24.58 -36.49 1.18
CA GLN C 437 25.10 -36.49 2.53
C GLN C 437 24.91 -37.96 2.92
N PHE C 438 25.99 -38.60 3.38
CA PHE C 438 25.95 -40.02 3.77
C PHE C 438 26.19 -40.18 5.27
N ALA C 439 25.74 -41.31 5.80
CA ALA C 439 25.94 -41.66 7.21
C ALA C 439 26.24 -43.15 7.28
N ASN C 440 27.33 -43.50 7.98
CA ASN C 440 27.72 -44.91 8.13
C ASN C 440 28.17 -45.56 6.82
N VAL C 441 28.56 -44.75 5.86
CA VAL C 441 29.02 -45.25 4.58
C VAL C 441 30.49 -44.86 4.40
N SER C 442 31.29 -45.74 3.82
CA SER C 442 32.69 -45.38 3.55
C SER C 442 33.07 -46.00 2.19
N PHE C 443 33.84 -45.26 1.40
CA PHE C 443 34.28 -45.71 0.09
C PHE C 443 35.19 -44.69 -0.53
N VAL C 444 35.86 -45.12 -1.61
CA VAL C 444 36.70 -44.23 -2.40
C VAL C 444 36.11 -44.42 -3.82
N ALA C 445 35.55 -43.35 -4.36
CA ALA C 445 34.91 -43.38 -5.68
C ALA C 445 35.86 -42.92 -6.79
N LYS C 446 35.83 -43.63 -7.90
CA LYS C 446 36.67 -43.26 -9.04
C LYS C 446 36.11 -43.89 -10.31
N ASP C 447 36.03 -43.08 -11.37
CA ASP C 447 35.52 -43.54 -12.66
C ASP C 447 34.17 -44.28 -12.55
N GLY C 448 33.25 -43.70 -11.78
CA GLY C 448 31.92 -44.26 -11.59
C GLY C 448 31.79 -45.54 -10.80
N LYS C 449 32.88 -45.97 -10.21
CA LYS C 449 32.90 -47.20 -9.45
C LYS C 449 33.32 -46.90 -8.01
N LEU C 450 32.77 -47.67 -7.07
CA LEU C 450 33.12 -47.49 -5.66
C LEU C 450 34.18 -48.51 -5.30
N ASN C 451 35.13 -48.10 -4.45
CA ASN C 451 36.19 -48.99 -4.01
C ASN C 451 36.14 -49.09 -2.49
N ASP C 452 36.32 -50.31 -2.00
CA ASP C 452 36.36 -50.59 -0.57
C ASP C 452 35.14 -50.03 0.17
N LEU C 453 33.95 -50.34 -0.34
CA LEU C 453 32.73 -49.87 0.27
C LEU C 453 32.49 -50.56 1.60
N LYS C 454 32.14 -49.78 2.62
CA LYS C 454 31.87 -50.34 3.93
C LYS C 454 30.65 -49.68 4.57
N ILE C 455 29.96 -50.44 5.40
CA ILE C 455 28.80 -49.95 6.12
C ILE C 455 29.18 -50.11 7.60
N LYS C 456 29.16 -49.01 8.35
CA LYS C 456 29.54 -49.03 9.76
C LYS C 456 30.95 -49.60 9.97
N GLY C 457 31.85 -49.34 9.02
CA GLY C 457 33.21 -49.83 9.14
C GLY C 457 33.44 -51.27 8.68
N GLU C 458 32.39 -51.94 8.24
CA GLU C 458 32.52 -53.32 7.77
C GLU C 458 32.26 -53.42 6.28
N PRO C 459 33.15 -54.10 5.55
CA PRO C 459 32.97 -54.25 4.11
C PRO C 459 31.59 -54.80 3.83
N VAL C 460 30.99 -54.35 2.75
CA VAL C 460 29.65 -54.79 2.37
C VAL C 460 29.73 -56.21 1.85
N ASP C 461 28.78 -57.04 2.27
CA ASP C 461 28.72 -58.44 1.82
C ASP C 461 27.53 -58.55 0.87
N PRO C 462 27.79 -58.77 -0.43
CA PRO C 462 26.75 -58.89 -1.45
C PRO C 462 25.59 -59.79 -1.05
N ALA C 463 25.84 -60.67 -0.09
CA ALA C 463 24.84 -61.64 0.37
C ALA C 463 23.98 -61.22 1.57
N LYS C 464 24.54 -60.42 2.47
CA LYS C 464 23.82 -59.96 3.66
C LYS C 464 22.70 -58.96 3.34
N THR C 465 21.88 -58.68 4.34
CA THR C 465 20.77 -57.72 4.19
C THR C 465 21.10 -56.47 4.97
N TYR C 466 20.83 -55.31 4.37
CA TYR C 466 21.09 -54.04 5.03
C TYR C 466 19.87 -53.15 4.99
N ARG C 467 19.75 -52.27 5.98
CA ARG C 467 18.62 -51.33 6.02
C ARG C 467 19.14 -49.92 5.91
N MET C 468 18.56 -49.17 4.99
CA MET C 468 18.93 -47.77 4.77
C MET C 468 17.75 -46.83 5.06
N ALA C 469 18.05 -45.66 5.61
CA ALA C 469 17.03 -44.66 5.91
C ALA C 469 17.26 -43.45 5.01
N THR C 470 16.17 -42.78 4.66
CA THR C 470 16.23 -41.58 3.84
C THR C 470 14.86 -40.90 3.89
N LEU C 471 14.61 -39.96 3.00
CA LEU C 471 13.32 -39.28 3.00
C LEU C 471 12.49 -39.77 1.83
N ASN C 472 11.17 -39.65 1.95
CA ASN C 472 10.31 -40.10 0.86
C ASN C 472 10.66 -39.33 -0.40
N PHE C 473 11.16 -38.11 -0.24
CA PHE C 473 11.56 -37.30 -1.39
C PHE C 473 12.59 -38.08 -2.21
N ASN C 474 13.66 -38.49 -1.56
CA ASN C 474 14.69 -39.23 -2.28
C ASN C 474 14.23 -40.63 -2.66
N ALA C 475 13.52 -41.30 -1.76
CA ALA C 475 13.07 -42.66 -2.02
C ALA C 475 12.21 -42.75 -3.26
N THR C 476 11.47 -41.67 -3.57
CA THR C 476 10.59 -41.65 -4.74
C THR C 476 11.23 -41.12 -6.01
N GLY C 477 12.53 -40.88 -5.98
CA GLY C 477 13.19 -40.39 -7.18
C GLY C 477 13.58 -38.92 -7.13
N GLY C 478 13.38 -38.28 -5.97
CA GLY C 478 13.74 -36.87 -5.84
C GLY C 478 15.21 -36.72 -6.17
N ASP C 479 15.57 -35.60 -6.82
CA ASP C 479 16.95 -35.33 -7.22
C ASP C 479 17.58 -36.42 -8.08
N GLY C 480 16.74 -37.25 -8.67
CA GLY C 480 17.26 -38.31 -9.53
C GLY C 480 17.79 -39.53 -8.81
N TYR C 481 17.57 -39.61 -7.50
CA TYR C 481 18.05 -40.77 -6.76
C TYR C 481 17.29 -42.01 -7.23
N PRO C 482 17.93 -43.18 -7.22
CA PRO C 482 17.26 -44.41 -7.65
C PRO C 482 15.97 -44.65 -6.87
N ARG C 483 14.87 -44.96 -7.54
CA ARG C 483 13.62 -45.21 -6.84
C ARG C 483 13.73 -46.43 -5.92
N LEU C 484 13.21 -46.30 -4.71
CA LEU C 484 13.19 -47.37 -3.69
C LEU C 484 11.77 -47.65 -3.24
N ASP C 485 10.88 -46.68 -3.45
CA ASP C 485 9.50 -46.81 -3.04
C ASP C 485 8.78 -47.94 -3.77
N ASN C 486 9.24 -48.29 -4.96
CA ASN C 486 8.63 -49.37 -5.74
C ASN C 486 9.48 -50.64 -5.71
N LYS C 487 10.25 -50.80 -4.65
CA LYS C 487 11.09 -51.99 -4.49
C LYS C 487 10.68 -52.70 -3.21
N PRO C 488 10.90 -54.02 -3.14
CA PRO C 488 10.55 -54.82 -1.98
C PRO C 488 11.31 -54.38 -0.73
N GLY C 489 10.67 -54.47 0.42
CA GLY C 489 11.33 -54.08 1.66
C GLY C 489 11.27 -52.60 1.95
N TYR C 490 10.47 -51.87 1.17
CA TYR C 490 10.33 -50.44 1.36
C TYR C 490 9.26 -50.16 2.40
N VAL C 491 9.54 -49.22 3.29
CA VAL C 491 8.58 -48.87 4.33
C VAL C 491 8.54 -47.37 4.57
N ASN C 492 7.34 -46.81 4.49
CA ASN C 492 7.12 -45.40 4.74
C ASN C 492 6.65 -45.33 6.18
N THR C 493 7.49 -44.83 7.07
CA THR C 493 7.09 -44.76 8.49
C THR C 493 6.05 -43.68 8.77
N GLY C 494 5.96 -42.70 7.88
CA GLY C 494 4.99 -41.64 8.08
C GLY C 494 5.44 -40.56 9.06
N PHE C 495 6.60 -40.74 9.69
CA PHE C 495 7.06 -39.74 10.63
C PHE C 495 7.65 -38.56 9.89
N ILE C 496 7.25 -37.36 10.29
CA ILE C 496 7.73 -36.13 9.65
C ILE C 496 9.20 -35.90 9.95
N ASP C 497 9.95 -35.52 8.92
CA ASP C 497 11.39 -35.29 9.07
C ASP C 497 11.75 -34.45 10.29
N ALA C 498 11.19 -33.25 10.39
CA ALA C 498 11.48 -32.33 11.49
C ALA C 498 11.10 -32.89 12.85
N GLU C 499 10.01 -33.65 12.90
CA GLU C 499 9.53 -34.24 14.16
C GLU C 499 10.56 -35.24 14.65
N VAL C 500 11.05 -36.08 13.74
CA VAL C 500 12.04 -37.09 14.06
C VAL C 500 13.33 -36.45 14.58
N LEU C 501 13.80 -35.43 13.88
CA LEU C 501 15.01 -34.73 14.30
C LEU C 501 14.80 -34.08 15.66
N LYS C 502 13.64 -33.47 15.86
CA LYS C 502 13.34 -32.80 17.13
C LYS C 502 13.38 -33.82 18.27
N ALA C 503 12.73 -34.96 18.06
CA ALA C 503 12.69 -36.00 19.10
C ALA C 503 14.08 -36.56 19.34
N TYR C 504 14.85 -36.73 18.26
CA TYR C 504 16.21 -37.25 18.41
C TYR C 504 17.10 -36.27 19.18
N ILE C 505 16.95 -34.97 18.94
CA ILE C 505 17.75 -33.97 19.64
C ILE C 505 17.35 -33.92 21.13
N GLN C 506 16.05 -33.99 21.38
CA GLN C 506 15.55 -33.96 22.76
C GLN C 506 16.18 -35.04 23.62
N LYS C 507 16.08 -36.29 23.18
CA LYS C 507 16.64 -37.40 23.93
C LYS C 507 18.16 -37.52 23.85
N SER C 508 18.77 -36.85 22.88
CA SER C 508 20.23 -36.93 22.71
C SER C 508 20.98 -35.72 23.27
N SER C 509 20.26 -34.65 23.61
CA SER C 509 20.93 -33.45 24.13
C SER C 509 21.61 -33.74 25.47
N PRO C 510 22.72 -33.04 25.78
CA PRO C 510 23.34 -32.02 24.92
C PRO C 510 24.09 -32.70 23.78
N LEU C 511 24.23 -32.01 22.65
CA LEU C 511 24.94 -32.57 21.51
C LEU C 511 26.41 -32.18 21.50
N ASP C 512 27.26 -33.16 21.24
CA ASP C 512 28.69 -32.94 21.15
C ASP C 512 29.00 -33.12 19.65
N VAL C 513 29.26 -32.02 18.95
CA VAL C 513 29.49 -32.11 17.51
C VAL C 513 30.58 -33.08 17.06
N SER C 514 31.62 -33.26 17.88
CA SER C 514 32.72 -34.17 17.54
C SER C 514 32.19 -35.56 17.18
N VAL C 515 31.04 -35.94 17.75
CA VAL C 515 30.43 -37.24 17.49
C VAL C 515 29.83 -37.28 16.07
N TYR C 516 29.55 -36.10 15.52
CA TYR C 516 28.94 -35.97 14.20
C TYR C 516 29.88 -35.45 13.12
N GLU C 517 31.16 -35.33 13.43
CA GLU C 517 32.13 -34.81 12.46
C GLU C 517 32.62 -35.80 11.42
N PRO C 518 32.42 -35.47 10.13
CA PRO C 518 32.85 -36.33 9.02
C PRO C 518 34.36 -36.42 9.07
N LYS C 519 34.92 -37.59 8.78
CA LYS C 519 36.38 -37.78 8.79
C LYS C 519 36.92 -38.34 7.47
N GLY C 520 36.24 -38.06 6.38
CA GLY C 520 36.74 -38.54 5.10
C GLY C 520 36.33 -39.96 4.76
N GLU C 521 35.32 -40.46 5.46
CA GLU C 521 34.83 -41.81 5.20
C GLU C 521 34.49 -41.99 3.70
N VAL C 522 33.92 -40.98 3.07
CA VAL C 522 33.63 -41.05 1.63
C VAL C 522 34.53 -40.05 0.95
N SER C 523 35.08 -40.44 -0.19
CA SER C 523 35.95 -39.56 -0.94
C SER C 523 35.83 -39.89 -2.43
N TRP C 524 36.27 -38.96 -3.25
CA TRP C 524 36.20 -39.08 -4.69
C TRP C 524 37.53 -38.76 -5.35
N GLN C 525 37.94 -39.65 -6.27
CA GLN C 525 39.17 -39.48 -7.02
C GLN C 525 38.87 -39.43 -8.54
N TYR D 1 -34.90 -52.63 -50.37
CA TYR D 1 -34.61 -53.40 -49.13
C TYR D 1 -35.06 -54.84 -49.26
N GLU D 2 -34.35 -55.74 -48.58
CA GLU D 2 -34.67 -57.16 -48.59
C GLU D 2 -35.97 -57.46 -47.84
N GLN D 3 -36.90 -58.12 -48.52
CA GLN D 3 -38.19 -58.47 -47.94
C GLN D 3 -38.03 -59.19 -46.61
N ASP D 4 -38.92 -58.91 -45.67
CA ASP D 4 -38.91 -59.52 -44.34
C ASP D 4 -37.62 -59.43 -43.52
N LYS D 5 -36.65 -58.63 -43.97
CA LYS D 5 -35.42 -58.50 -43.21
C LYS D 5 -35.63 -57.40 -42.18
N THR D 6 -35.05 -57.58 -40.99
CA THR D 6 -35.17 -56.57 -39.95
C THR D 6 -33.87 -55.76 -39.91
N TYR D 7 -33.95 -54.48 -40.24
CA TYR D 7 -32.76 -53.61 -40.23
C TYR D 7 -32.71 -52.81 -38.94
N LYS D 8 -31.54 -52.76 -38.30
CA LYS D 8 -31.42 -51.99 -37.07
C LYS D 8 -30.74 -50.66 -37.38
N ILE D 9 -31.40 -49.56 -37.03
CA ILE D 9 -30.86 -48.22 -37.26
C ILE D 9 -30.95 -47.42 -35.97
N THR D 10 -29.82 -46.83 -35.58
CA THR D 10 -29.75 -46.01 -34.38
C THR D 10 -29.52 -44.55 -34.78
N VAL D 11 -30.41 -43.67 -34.36
CA VAL D 11 -30.25 -42.26 -34.67
C VAL D 11 -29.85 -41.55 -33.38
N LEU D 12 -28.68 -40.90 -33.43
CA LEU D 12 -28.16 -40.15 -32.30
C LEU D 12 -28.38 -38.68 -32.60
N HIS D 13 -28.60 -37.86 -31.59
CA HIS D 13 -28.82 -36.44 -31.90
C HIS D 13 -28.53 -35.49 -30.75
N THR D 14 -28.21 -34.25 -31.10
CA THR D 14 -27.95 -33.21 -30.13
C THR D 14 -28.48 -31.95 -30.76
N ASN D 15 -28.48 -30.86 -30.03
CA ASN D 15 -28.95 -29.59 -30.57
C ASN D 15 -28.56 -28.47 -29.64
N ASP D 16 -28.56 -27.24 -30.18
CA ASP D 16 -28.26 -26.04 -29.40
C ASP D 16 -27.01 -26.18 -28.54
N HIS D 17 -25.94 -26.57 -29.23
CA HIS D 17 -24.62 -26.75 -28.66
C HIS D 17 -24.06 -25.43 -28.10
N HIS D 18 -24.34 -24.33 -28.78
CA HIS D 18 -23.94 -22.99 -28.33
C HIS D 18 -22.54 -22.80 -27.76
N GLY D 19 -21.55 -23.22 -28.55
CA GLY D 19 -20.15 -23.03 -28.19
C GLY D 19 -19.58 -23.88 -27.08
N HIS D 20 -20.31 -24.89 -26.60
CA HIS D 20 -19.77 -25.68 -25.50
C HIS D 20 -18.84 -26.85 -25.89
N PHE D 21 -17.78 -26.53 -26.63
CA PHE D 21 -16.83 -27.56 -27.06
C PHE D 21 -16.05 -28.15 -25.87
N TRP D 22 -15.82 -27.33 -24.85
CA TRP D 22 -15.07 -27.79 -23.67
C TRP D 22 -16.01 -28.17 -22.52
N ARG D 23 -15.57 -29.05 -21.62
CA ARG D 23 -16.41 -29.44 -20.48
C ARG D 23 -16.57 -28.19 -19.63
N ASN D 24 -17.56 -28.17 -18.72
CA ASN D 24 -17.72 -26.97 -17.92
C ASN D 24 -16.88 -27.02 -16.65
N GLU D 25 -17.07 -26.02 -15.80
CA GLU D 25 -16.27 -25.92 -14.58
C GLU D 25 -16.46 -27.09 -13.62
N TYR D 26 -17.55 -27.84 -13.78
CA TYR D 26 -17.82 -29.00 -12.94
C TYR D 26 -17.45 -30.31 -13.63
N GLY D 27 -16.80 -30.22 -14.79
CA GLY D 27 -16.42 -31.43 -15.49
C GLY D 27 -17.54 -32.06 -16.30
N GLU D 28 -18.61 -31.29 -16.55
CA GLU D 28 -19.74 -31.82 -17.29
C GLU D 28 -19.64 -31.56 -18.80
N TYR D 29 -20.24 -32.46 -19.55
CA TYR D 29 -20.27 -32.40 -21.01
C TYR D 29 -18.98 -32.06 -21.76
N GLY D 30 -19.09 -31.37 -22.89
CA GLY D 30 -17.91 -31.10 -23.69
C GLY D 30 -17.85 -32.14 -24.81
N LEU D 31 -17.21 -31.79 -25.94
CA LEU D 31 -17.13 -32.71 -27.08
C LEU D 31 -16.19 -33.90 -26.93
N ALA D 32 -15.19 -33.81 -26.06
CA ALA D 32 -14.27 -34.93 -25.87
C ALA D 32 -14.99 -36.11 -25.26
N ALA D 33 -15.85 -35.86 -24.27
CA ALA D 33 -16.59 -36.94 -23.67
C ALA D 33 -17.65 -37.38 -24.71
N GLN D 34 -18.18 -36.42 -25.47
CA GLN D 34 -19.20 -36.76 -26.45
C GLN D 34 -18.61 -37.74 -27.50
N LYS D 35 -17.37 -37.46 -27.93
CA LYS D 35 -16.65 -38.30 -28.88
C LYS D 35 -16.55 -39.75 -28.35
N THR D 36 -16.11 -39.90 -27.09
CA THR D 36 -15.98 -41.22 -26.50
C THR D 36 -17.30 -41.97 -26.48
N LEU D 37 -18.35 -41.30 -26.06
CA LEU D 37 -19.68 -41.89 -26.00
C LEU D 37 -20.14 -42.34 -27.39
N VAL D 38 -20.07 -41.44 -28.37
CA VAL D 38 -20.49 -41.77 -29.73
C VAL D 38 -19.64 -42.90 -30.33
N ASP D 39 -18.33 -42.85 -30.12
CA ASP D 39 -17.43 -43.90 -30.61
C ASP D 39 -17.92 -45.25 -30.07
N GLY D 40 -18.15 -45.31 -28.76
CA GLY D 40 -18.61 -46.55 -28.14
C GLY D 40 -19.91 -47.05 -28.73
N ILE D 41 -20.86 -46.14 -28.92
CA ILE D 41 -22.13 -46.52 -29.49
C ILE D 41 -21.95 -47.09 -30.92
N ARG D 42 -21.09 -46.45 -31.73
CA ARG D 42 -20.88 -46.98 -33.09
C ARG D 42 -20.30 -48.40 -33.03
N LYS D 43 -19.37 -48.61 -32.12
CA LYS D 43 -18.75 -49.92 -31.99
C LYS D 43 -19.83 -50.96 -31.61
N GLU D 44 -20.69 -50.62 -30.65
CA GLU D 44 -21.75 -51.54 -30.25
C GLU D 44 -22.76 -51.84 -31.37
N VAL D 45 -23.25 -50.79 -32.02
CA VAL D 45 -24.22 -50.94 -33.09
C VAL D 45 -23.62 -51.71 -34.24
N ALA D 46 -22.34 -51.48 -34.51
CA ALA D 46 -21.67 -52.18 -35.60
C ALA D 46 -21.63 -53.68 -35.29
N ALA D 47 -21.31 -54.02 -34.04
CA ALA D 47 -21.25 -55.44 -33.65
C ALA D 47 -22.62 -56.11 -33.77
N GLU D 48 -23.68 -55.34 -33.58
CA GLU D 48 -25.02 -55.88 -33.70
C GLU D 48 -25.49 -55.80 -35.17
N GLY D 49 -24.59 -55.44 -36.07
CA GLY D 49 -24.91 -55.33 -37.49
C GLY D 49 -25.82 -54.17 -37.88
N GLY D 50 -25.90 -53.16 -37.04
CA GLY D 50 -26.76 -52.03 -37.34
C GLY D 50 -26.05 -50.86 -37.99
N SER D 51 -26.80 -49.76 -38.16
CA SER D 51 -26.29 -48.53 -38.76
C SER D 51 -26.48 -47.38 -37.77
N VAL D 52 -25.64 -46.37 -37.87
CA VAL D 52 -25.75 -45.22 -37.00
C VAL D 52 -25.85 -43.94 -37.82
N LEU D 53 -26.70 -43.02 -37.39
CA LEU D 53 -26.85 -41.73 -38.03
C LEU D 53 -26.82 -40.73 -36.88
N LEU D 54 -25.95 -39.71 -36.96
CA LEU D 54 -25.85 -38.70 -35.90
C LEU D 54 -26.23 -37.35 -36.49
N LEU D 55 -27.26 -36.72 -35.93
CA LEU D 55 -27.77 -35.45 -36.44
C LEU D 55 -27.79 -34.35 -35.43
N SER D 56 -27.65 -33.11 -35.90
CA SER D 56 -27.70 -31.95 -35.02
C SER D 56 -28.87 -31.02 -35.37
N GLY D 57 -29.50 -30.47 -34.33
CA GLY D 57 -30.62 -29.57 -34.52
C GLY D 57 -30.18 -28.12 -34.67
N GLY D 58 -28.88 -27.86 -34.75
CA GLY D 58 -28.47 -26.48 -34.95
C GLY D 58 -28.18 -25.62 -33.74
N ASP D 59 -27.87 -24.36 -34.01
CA ASP D 59 -27.49 -23.37 -33.00
C ASP D 59 -26.20 -23.81 -32.33
N ILE D 60 -25.18 -23.94 -33.17
CA ILE D 60 -23.86 -24.32 -32.74
C ILE D 60 -23.13 -23.07 -32.24
N ASN D 61 -23.39 -21.97 -32.93
CA ASN D 61 -22.77 -20.68 -32.63
C ASN D 61 -23.34 -19.98 -31.40
N THR D 62 -22.46 -19.23 -30.74
CA THR D 62 -22.76 -18.31 -29.65
C THR D 62 -23.19 -18.85 -28.30
N GLY D 63 -22.48 -18.45 -27.26
CA GLY D 63 -22.84 -18.94 -25.94
C GLY D 63 -21.69 -19.23 -25.02
N VAL D 64 -20.47 -19.31 -25.55
CA VAL D 64 -19.27 -19.51 -24.71
C VAL D 64 -18.24 -18.57 -25.31
N PRO D 65 -17.75 -17.57 -24.54
CA PRO D 65 -16.77 -16.62 -25.08
C PRO D 65 -15.60 -17.19 -25.85
N GLU D 66 -14.97 -18.25 -25.30
CA GLU D 66 -13.82 -18.88 -25.96
C GLU D 66 -14.19 -19.38 -27.34
N SER D 67 -15.42 -19.88 -27.48
CA SER D 67 -15.91 -20.36 -28.76
C SER D 67 -16.26 -19.18 -29.66
N ASP D 68 -17.08 -18.25 -29.13
CA ASP D 68 -17.51 -17.06 -29.90
C ASP D 68 -16.32 -16.29 -30.50
N LEU D 69 -15.28 -16.17 -29.70
CA LEU D 69 -14.07 -15.45 -30.07
C LEU D 69 -13.47 -16.03 -31.34
N GLN D 70 -13.61 -17.33 -31.50
CA GLN D 70 -13.00 -18.04 -32.61
C GLN D 70 -14.02 -18.55 -33.63
N ASP D 71 -15.16 -17.87 -33.67
CA ASP D 71 -16.23 -18.20 -34.62
C ASP D 71 -16.60 -19.67 -34.63
N ALA D 72 -16.60 -20.27 -33.45
CA ALA D 72 -16.98 -21.66 -33.26
C ALA D 72 -16.15 -22.66 -34.06
N GLU D 73 -14.94 -22.25 -34.45
CA GLU D 73 -14.06 -23.19 -35.17
C GLU D 73 -13.87 -24.47 -34.36
N PRO D 74 -13.53 -24.36 -33.06
CA PRO D 74 -13.37 -25.59 -32.27
C PRO D 74 -14.60 -26.49 -32.29
N ASP D 75 -15.77 -25.85 -32.25
CA ASP D 75 -17.01 -26.61 -32.22
C ASP D 75 -17.28 -27.37 -33.51
N PHE D 76 -17.17 -26.69 -34.65
CA PHE D 76 -17.43 -27.35 -35.91
C PHE D 76 -16.38 -28.41 -36.17
N ARG D 77 -15.11 -28.10 -35.89
CA ARG D 77 -14.07 -29.12 -36.10
C ARG D 77 -14.26 -30.29 -35.15
N GLY D 78 -14.68 -29.99 -33.92
CA GLY D 78 -14.93 -31.07 -32.98
C GLY D 78 -16.09 -31.92 -33.48
N MET D 79 -17.10 -31.27 -34.05
CA MET D 79 -18.23 -32.04 -34.56
C MET D 79 -17.80 -33.01 -35.66
N ASN D 80 -16.81 -32.60 -36.46
CA ASN D 80 -16.29 -33.50 -37.51
C ASN D 80 -15.73 -34.76 -36.85
N LEU D 81 -14.96 -34.55 -35.79
CA LEU D 81 -14.36 -35.67 -35.07
C LEU D 81 -15.39 -36.58 -34.41
N VAL D 82 -16.45 -36.03 -33.82
CA VAL D 82 -17.49 -36.87 -33.23
C VAL D 82 -18.17 -37.68 -34.34
N GLY D 83 -18.21 -37.08 -35.51
CA GLY D 83 -18.77 -37.74 -36.68
C GLY D 83 -20.18 -37.40 -37.05
N TYR D 84 -20.59 -36.16 -36.88
CA TYR D 84 -21.94 -35.79 -37.28
C TYR D 84 -22.18 -36.06 -38.77
N ASP D 85 -23.39 -36.52 -39.10
CA ASP D 85 -23.75 -36.77 -40.49
C ASP D 85 -24.46 -35.60 -41.16
N ALA D 86 -25.10 -34.76 -40.35
CA ALA D 86 -25.79 -33.61 -40.89
C ALA D 86 -26.31 -32.75 -39.77
N MET D 87 -26.60 -31.50 -40.11
CA MET D 87 -27.09 -30.52 -39.15
C MET D 87 -28.10 -29.57 -39.79
N ALA D 88 -29.14 -29.26 -39.02
CA ALA D 88 -30.11 -28.27 -39.48
C ALA D 88 -29.49 -26.94 -39.09
N ILE D 89 -29.58 -25.94 -39.97
CA ILE D 89 -29.05 -24.62 -39.65
C ILE D 89 -29.97 -23.94 -38.62
N GLY D 90 -29.36 -23.41 -37.55
CA GLY D 90 -30.14 -22.71 -36.53
C GLY D 90 -30.11 -21.20 -36.73
N ASN D 91 -30.98 -20.48 -36.02
CA ASN D 91 -30.99 -19.04 -36.20
C ASN D 91 -29.67 -18.41 -35.76
N HIS D 92 -28.99 -19.00 -34.78
CA HIS D 92 -27.72 -18.41 -34.36
C HIS D 92 -26.59 -18.60 -35.36
N GLU D 93 -26.82 -19.40 -36.40
CA GLU D 93 -25.78 -19.53 -37.42
C GLU D 93 -25.78 -18.20 -38.19
N PHE D 94 -26.77 -17.34 -37.91
CA PHE D 94 -26.81 -16.02 -38.53
C PHE D 94 -26.43 -14.88 -37.58
N ASP D 95 -25.70 -15.22 -36.51
CA ASP D 95 -25.24 -14.17 -35.59
C ASP D 95 -24.04 -13.49 -36.21
N ASN D 96 -23.41 -14.18 -37.15
CA ASN D 96 -22.24 -13.63 -37.83
C ASN D 96 -22.58 -13.40 -39.29
N PRO D 97 -21.74 -12.63 -40.00
CA PRO D 97 -21.98 -12.36 -41.43
C PRO D 97 -22.05 -13.68 -42.17
N LEU D 98 -22.71 -13.69 -43.33
CA LEU D 98 -22.85 -14.92 -44.09
C LEU D 98 -21.49 -15.52 -44.47
N THR D 99 -20.47 -14.70 -44.63
CA THR D 99 -19.14 -15.24 -44.97
C THR D 99 -18.64 -16.17 -43.86
N VAL D 100 -19.02 -15.89 -42.63
CA VAL D 100 -18.57 -16.73 -41.52
C VAL D 100 -19.29 -18.07 -41.58
N LEU D 101 -20.58 -18.04 -41.92
CA LEU D 101 -21.34 -19.28 -41.99
C LEU D 101 -20.79 -20.10 -43.16
N ARG D 102 -20.43 -19.44 -44.26
CA ARG D 102 -19.85 -20.19 -45.39
C ARG D 102 -18.52 -20.83 -44.96
N GLN D 103 -17.74 -20.12 -44.15
CA GLN D 103 -16.47 -20.67 -43.66
C GLN D 103 -16.76 -21.87 -42.76
N GLN D 104 -17.82 -21.77 -41.97
CA GLN D 104 -18.18 -22.89 -41.10
C GLN D 104 -18.58 -24.09 -41.94
N GLU D 105 -19.21 -23.87 -43.10
CA GLU D 105 -19.58 -24.98 -43.99
C GLU D 105 -18.32 -25.64 -44.55
N LYS D 106 -17.28 -24.83 -44.72
CA LYS D 106 -16.01 -25.32 -45.24
C LYS D 106 -15.37 -26.19 -44.16
N TRP D 107 -15.41 -25.74 -42.90
CA TRP D 107 -14.85 -26.53 -41.81
C TRP D 107 -15.62 -27.84 -41.64
N ALA D 108 -16.94 -27.76 -41.61
CA ALA D 108 -17.79 -28.93 -41.44
C ALA D 108 -17.73 -29.89 -42.60
N LYS D 109 -17.40 -31.15 -42.31
CA LYS D 109 -17.33 -32.18 -43.34
C LYS D 109 -18.69 -32.89 -43.43
N PHE D 110 -19.69 -32.30 -42.81
CA PHE D 110 -21.05 -32.84 -42.86
C PHE D 110 -21.89 -31.67 -43.36
N PRO D 111 -22.97 -31.94 -44.11
CA PRO D 111 -23.78 -30.83 -44.61
C PRO D 111 -24.57 -30.02 -43.58
N LEU D 112 -24.62 -28.71 -43.82
CA LEU D 112 -25.40 -27.79 -43.01
C LEU D 112 -26.65 -27.61 -43.87
N LEU D 113 -27.74 -28.21 -43.45
CA LEU D 113 -28.99 -28.21 -44.20
C LEU D 113 -30.09 -27.25 -43.81
N SER D 114 -30.82 -26.76 -44.82
CA SER D 114 -32.01 -25.95 -44.61
C SER D 114 -32.76 -25.80 -45.92
N ALA D 115 -33.95 -26.36 -45.97
CA ALA D 115 -34.73 -26.28 -47.21
C ALA D 115 -35.55 -25.00 -47.37
N ASN D 116 -35.80 -24.28 -46.29
CA ASN D 116 -36.66 -23.09 -46.38
C ASN D 116 -36.03 -21.69 -46.38
N ILE D 117 -34.71 -21.60 -46.53
CA ILE D 117 -34.05 -20.31 -46.55
C ILE D 117 -33.73 -19.99 -48.00
N TYR D 118 -34.30 -18.90 -48.50
CA TYR D 118 -34.12 -18.53 -49.90
C TYR D 118 -33.52 -17.15 -50.10
N GLN D 119 -32.85 -16.97 -51.23
CA GLN D 119 -32.30 -15.67 -51.57
C GLN D 119 -33.45 -14.97 -52.30
N LYS D 120 -33.90 -13.83 -51.77
CA LYS D 120 -35.03 -13.10 -52.34
C LYS D 120 -34.90 -12.75 -53.82
N SER D 121 -33.78 -12.13 -54.17
CA SER D 121 -33.52 -11.69 -55.54
C SER D 121 -33.43 -12.78 -56.61
N THR D 122 -33.31 -14.04 -56.20
CA THR D 122 -33.20 -15.13 -57.17
C THR D 122 -34.23 -16.25 -56.99
N GLY D 123 -34.81 -16.34 -55.80
CA GLY D 123 -35.77 -17.39 -55.55
C GLY D 123 -35.06 -18.73 -55.41
N GLU D 124 -33.75 -18.68 -55.20
CA GLU D 124 -32.97 -19.91 -55.04
C GLU D 124 -32.57 -20.15 -53.57
N ARG D 125 -32.51 -21.42 -53.19
CA ARG D 125 -32.15 -21.82 -51.83
C ARG D 125 -30.69 -21.47 -51.55
N LEU D 126 -30.38 -21.07 -50.32
CA LEU D 126 -28.99 -20.74 -49.97
C LEU D 126 -28.21 -21.97 -49.52
N PHE D 127 -28.93 -23.00 -49.12
CA PHE D 127 -28.34 -24.25 -48.64
C PHE D 127 -29.03 -25.47 -49.23
N LYS D 128 -28.40 -26.63 -49.10
CA LYS D 128 -29.01 -27.83 -49.60
C LYS D 128 -30.18 -28.16 -48.69
N PRO D 129 -31.30 -28.59 -49.29
CA PRO D 129 -32.52 -28.93 -48.55
C PRO D 129 -32.49 -30.26 -47.81
N TRP D 130 -31.67 -31.19 -48.27
CA TRP D 130 -31.59 -32.50 -47.65
C TRP D 130 -30.30 -33.19 -47.99
N ALA D 131 -30.05 -34.31 -47.33
CA ALA D 131 -28.86 -35.10 -47.61
C ALA D 131 -29.31 -36.56 -47.60
N LEU D 132 -28.67 -37.37 -48.44
CA LEU D 132 -28.99 -38.78 -48.54
C LEU D 132 -27.84 -39.63 -47.99
N PHE D 133 -28.22 -40.70 -47.31
CA PHE D 133 -27.26 -41.61 -46.72
C PHE D 133 -27.61 -43.02 -47.10
N LYS D 134 -26.58 -43.81 -47.30
CA LYS D 134 -26.73 -45.21 -47.62
C LYS D 134 -26.34 -45.93 -46.35
N ARG D 135 -27.25 -46.75 -45.87
CA ARG D 135 -27.03 -47.55 -44.68
C ARG D 135 -27.55 -48.94 -45.05
N GLN D 136 -26.61 -49.87 -45.25
CA GLN D 136 -26.97 -51.22 -45.66
C GLN D 136 -27.64 -51.05 -47.03
N ASP D 137 -28.86 -51.55 -47.19
CA ASP D 137 -29.57 -51.42 -48.48
C ASP D 137 -30.64 -50.34 -48.43
N LEU D 138 -30.67 -49.57 -47.35
CA LEU D 138 -31.69 -48.55 -47.19
C LEU D 138 -31.17 -47.18 -47.60
N LYS D 139 -32.07 -46.38 -48.14
CA LYS D 139 -31.75 -45.03 -48.54
C LYS D 139 -32.48 -44.15 -47.54
N ILE D 140 -31.71 -43.39 -46.75
CA ILE D 140 -32.28 -42.52 -45.73
C ILE D 140 -32.06 -41.08 -46.11
N ALA D 141 -33.14 -40.31 -46.15
CA ALA D 141 -33.04 -38.91 -46.48
C ALA D 141 -33.24 -38.08 -45.23
N VAL D 142 -32.43 -37.04 -45.08
CA VAL D 142 -32.56 -36.16 -43.94
C VAL D 142 -32.80 -34.76 -44.48
N ILE D 143 -33.92 -34.17 -44.09
CA ILE D 143 -34.28 -32.82 -44.51
C ILE D 143 -33.95 -31.83 -43.41
N GLY D 144 -33.53 -30.63 -43.78
CA GLY D 144 -33.22 -29.60 -42.80
C GLY D 144 -34.23 -28.45 -42.87
N LEU D 145 -34.66 -27.93 -41.73
CA LEU D 145 -35.62 -26.81 -41.70
C LEU D 145 -35.19 -25.84 -40.62
N THR D 146 -35.33 -24.55 -40.89
CA THR D 146 -34.94 -23.53 -39.94
C THR D 146 -36.14 -22.65 -39.57
N THR D 147 -36.30 -22.33 -38.29
CA THR D 147 -37.45 -21.50 -37.89
C THR D 147 -37.59 -20.22 -38.68
N ASP D 148 -38.81 -19.90 -39.11
CA ASP D 148 -38.99 -18.66 -39.85
C ASP D 148 -39.08 -17.42 -38.95
N ASP D 149 -38.75 -17.57 -37.66
CA ASP D 149 -38.68 -16.40 -36.77
C ASP D 149 -37.26 -15.83 -36.91
N THR D 150 -36.37 -16.56 -37.57
CA THR D 150 -34.98 -16.12 -37.68
C THR D 150 -34.73 -14.68 -38.09
N ALA D 151 -35.36 -14.25 -39.18
CA ALA D 151 -35.17 -12.87 -39.66
C ALA D 151 -35.89 -11.92 -38.72
N LYS D 152 -37.03 -12.37 -38.21
CA LYS D 152 -37.84 -11.57 -37.30
C LYS D 152 -37.09 -11.18 -36.03
N ILE D 153 -36.28 -12.10 -35.51
CA ILE D 153 -35.55 -11.87 -34.28
C ILE D 153 -34.05 -11.71 -34.42
N GLY D 154 -33.53 -11.77 -35.65
CA GLY D 154 -32.10 -11.62 -35.84
C GLY D 154 -31.72 -10.25 -36.36
N ASN D 155 -30.43 -10.06 -36.63
CA ASN D 155 -29.91 -8.79 -37.12
C ASN D 155 -30.39 -8.44 -38.53
N PRO D 156 -31.20 -7.38 -38.66
CA PRO D 156 -31.78 -6.93 -39.95
C PRO D 156 -30.85 -6.84 -41.16
N GLU D 157 -29.68 -6.24 -40.99
CA GLU D 157 -28.75 -6.08 -42.10
C GLU D 157 -28.34 -7.39 -42.77
N TYR D 158 -28.38 -8.50 -42.02
CA TYR D 158 -28.01 -9.80 -42.58
C TYR D 158 -29.11 -10.41 -43.42
N PHE D 159 -30.33 -9.89 -43.36
CA PHE D 159 -31.41 -10.50 -44.13
C PHE D 159 -32.02 -9.64 -45.23
N THR D 160 -31.32 -8.60 -45.66
CA THR D 160 -31.85 -7.74 -46.71
C THR D 160 -32.26 -8.53 -47.96
N ASP D 161 -31.56 -9.62 -48.26
CA ASP D 161 -31.88 -10.42 -49.44
C ASP D 161 -32.07 -11.91 -49.13
N ILE D 162 -32.50 -12.21 -47.90
CA ILE D 162 -32.71 -13.58 -47.47
C ILE D 162 -34.09 -13.67 -46.82
N GLU D 163 -34.87 -14.67 -47.19
CA GLU D 163 -36.17 -14.84 -46.56
C GLU D 163 -36.30 -16.26 -46.05
N PHE D 164 -37.05 -16.45 -44.97
CA PHE D 164 -37.29 -17.77 -44.38
C PHE D 164 -38.73 -18.10 -44.65
N ARG D 165 -38.96 -19.06 -45.54
CA ARG D 165 -40.31 -19.46 -45.89
C ARG D 165 -40.85 -20.41 -44.83
N LYS D 166 -42.17 -20.47 -44.68
CA LYS D 166 -42.79 -21.36 -43.69
C LYS D 166 -42.17 -22.74 -43.80
N PRO D 167 -41.54 -23.23 -42.72
CA PRO D 167 -40.91 -24.55 -42.72
C PRO D 167 -41.88 -25.71 -42.99
N ALA D 168 -43.05 -25.69 -42.33
CA ALA D 168 -44.02 -26.76 -42.52
C ALA D 168 -44.39 -26.89 -44.00
N ASP D 169 -44.64 -25.76 -44.66
CA ASP D 169 -44.99 -25.80 -46.08
C ASP D 169 -43.83 -26.36 -46.90
N GLU D 170 -42.61 -25.94 -46.56
CA GLU D 170 -41.46 -26.40 -47.31
C GLU D 170 -41.30 -27.89 -47.13
N ALA D 171 -41.59 -28.37 -45.94
CA ALA D 171 -41.49 -29.80 -45.62
C ALA D 171 -42.41 -30.61 -46.53
N LYS D 172 -43.67 -30.19 -46.63
CA LYS D 172 -44.63 -30.87 -47.49
C LYS D 172 -44.07 -31.00 -48.90
N LEU D 173 -43.51 -29.90 -49.42
CA LEU D 173 -42.96 -29.87 -50.77
C LEU D 173 -41.75 -30.77 -50.94
N VAL D 174 -40.80 -30.69 -50.01
CA VAL D 174 -39.59 -31.49 -50.08
C VAL D 174 -39.85 -32.99 -49.97
N ILE D 175 -40.73 -33.37 -49.05
CA ILE D 175 -41.07 -34.77 -48.84
C ILE D 175 -41.66 -35.37 -50.13
N GLN D 176 -42.66 -34.70 -50.67
CA GLN D 176 -43.30 -35.15 -51.90
C GLN D 176 -42.24 -35.30 -52.98
N GLU D 177 -41.37 -34.30 -53.08
CA GLU D 177 -40.30 -34.30 -54.06
C GLU D 177 -39.34 -35.47 -53.91
N LEU D 178 -38.97 -35.77 -52.66
CA LEU D 178 -38.05 -36.87 -52.39
C LEU D 178 -38.74 -38.20 -52.75
N GLN D 179 -40.02 -38.30 -52.41
CA GLN D 179 -40.81 -39.50 -52.67
C GLN D 179 -40.91 -39.87 -54.15
N GLN D 180 -40.98 -38.83 -55.00
CA GLN D 180 -41.12 -39.04 -56.44
C GLN D 180 -39.81 -39.24 -57.16
N THR D 181 -38.74 -38.69 -56.62
CA THR D 181 -37.43 -38.81 -57.26
C THR D 181 -36.55 -39.89 -56.63
N GLU D 182 -36.01 -39.60 -55.45
CA GLU D 182 -35.12 -40.51 -54.73
C GLU D 182 -35.80 -41.75 -54.15
N LYS D 183 -37.06 -41.60 -53.77
CA LYS D 183 -37.83 -42.70 -53.18
C LYS D 183 -37.04 -43.29 -52.01
N PRO D 184 -36.72 -42.45 -51.00
CA PRO D 184 -35.97 -42.99 -49.87
C PRO D 184 -36.84 -43.90 -49.04
N ASP D 185 -36.22 -44.85 -48.36
CA ASP D 185 -36.92 -45.81 -47.51
C ASP D 185 -37.37 -45.17 -46.21
N ILE D 186 -36.60 -44.18 -45.77
CA ILE D 186 -36.85 -43.47 -44.53
C ILE D 186 -36.54 -42.01 -44.73
N ILE D 187 -37.38 -41.13 -44.19
CA ILE D 187 -37.15 -39.69 -44.28
C ILE D 187 -37.20 -39.14 -42.86
N ILE D 188 -36.15 -38.44 -42.48
CA ILE D 188 -36.04 -37.83 -41.16
C ILE D 188 -35.83 -36.32 -41.36
N ALA D 189 -36.39 -35.50 -40.49
CA ALA D 189 -36.15 -34.06 -40.61
C ALA D 189 -35.38 -33.59 -39.38
N ALA D 190 -34.32 -32.82 -39.62
CA ALA D 190 -33.50 -32.19 -38.58
C ALA D 190 -34.02 -30.75 -38.67
N THR D 191 -34.57 -30.23 -37.57
CA THR D 191 -35.17 -28.91 -37.60
C THR D 191 -34.76 -27.99 -36.45
N HIS D 192 -34.73 -26.70 -36.71
CA HIS D 192 -34.44 -25.76 -35.62
C HIS D 192 -35.72 -24.93 -35.53
N MET D 193 -36.77 -25.56 -35.00
CA MET D 193 -38.10 -24.93 -34.95
C MET D 193 -38.73 -24.84 -33.56
N GLY D 194 -38.43 -25.79 -32.69
CA GLY D 194 -38.98 -25.74 -31.34
C GLY D 194 -40.11 -26.70 -31.04
N HIS D 195 -40.11 -27.24 -29.82
CA HIS D 195 -41.18 -28.14 -29.39
C HIS D 195 -42.05 -27.37 -28.40
N TYR D 196 -43.33 -27.27 -28.73
CA TYR D 196 -44.29 -26.60 -27.85
C TYR D 196 -45.42 -27.57 -27.57
N ASP D 197 -45.67 -27.82 -26.29
CA ASP D 197 -46.74 -28.72 -25.88
C ASP D 197 -48.01 -28.51 -26.69
N ASN D 198 -48.51 -29.59 -27.28
CA ASN D 198 -49.75 -29.53 -28.04
C ASN D 198 -49.77 -28.44 -29.12
N GLY D 199 -48.60 -28.11 -29.67
CA GLY D 199 -48.58 -27.08 -30.71
C GLY D 199 -48.89 -25.68 -30.21
N GLU D 200 -48.84 -25.45 -28.90
CA GLU D 200 -49.10 -24.13 -28.35
C GLU D 200 -47.86 -23.23 -28.40
N HIS D 201 -47.52 -22.79 -29.61
CA HIS D 201 -46.36 -21.96 -29.83
C HIS D 201 -46.53 -20.52 -29.37
N GLY D 202 -47.77 -20.12 -29.13
CA GLY D 202 -47.99 -18.75 -28.71
C GLY D 202 -47.41 -17.78 -29.72
N SER D 203 -46.69 -16.79 -29.22
CA SER D 203 -46.07 -15.75 -30.05
C SER D 203 -44.88 -16.25 -30.90
N ASN D 204 -44.39 -17.45 -30.59
CA ASN D 204 -43.28 -17.99 -31.35
C ASN D 204 -43.83 -18.52 -32.67
N ALA D 205 -42.96 -18.64 -33.66
CA ALA D 205 -43.40 -19.18 -34.94
C ALA D 205 -43.70 -20.64 -34.67
N PRO D 206 -44.67 -21.22 -35.40
CA PRO D 206 -45.08 -22.63 -35.28
C PRO D 206 -43.85 -23.54 -35.39
N GLY D 207 -43.84 -24.60 -34.58
CA GLY D 207 -42.73 -25.53 -34.54
C GLY D 207 -43.01 -26.96 -34.96
N ASP D 208 -42.23 -27.89 -34.41
CA ASP D 208 -42.35 -29.30 -34.73
C ASP D 208 -43.71 -29.95 -34.56
N VAL D 209 -44.38 -29.67 -33.45
CA VAL D 209 -45.67 -30.29 -33.23
C VAL D 209 -46.67 -29.91 -34.31
N GLU D 210 -46.85 -28.60 -34.53
CA GLU D 210 -47.80 -28.15 -35.54
C GLU D 210 -47.41 -28.66 -36.93
N MET D 211 -46.10 -28.74 -37.22
CA MET D 211 -45.69 -29.25 -38.52
C MET D 211 -46.01 -30.73 -38.70
N ALA D 212 -45.74 -31.54 -37.68
CA ALA D 212 -46.01 -32.98 -37.77
C ALA D 212 -47.50 -33.24 -38.03
N ARG D 213 -48.34 -32.43 -37.41
CA ARG D 213 -49.79 -32.55 -37.54
C ARG D 213 -50.25 -32.17 -38.97
N ALA D 214 -49.56 -31.22 -39.61
CA ALA D 214 -49.92 -30.78 -40.96
C ALA D 214 -49.35 -31.66 -42.09
N LEU D 215 -48.39 -32.53 -41.79
CA LEU D 215 -47.81 -33.38 -42.81
C LEU D 215 -48.59 -34.67 -42.98
N PRO D 216 -48.31 -35.41 -44.07
CA PRO D 216 -49.03 -36.68 -44.28
C PRO D 216 -48.70 -37.56 -43.07
N ALA D 217 -49.67 -38.33 -42.59
CA ALA D 217 -49.45 -39.18 -41.44
C ALA D 217 -48.26 -40.11 -41.69
N GLY D 218 -47.25 -40.03 -40.83
CA GLY D 218 -46.09 -40.90 -40.96
C GLY D 218 -45.17 -40.61 -42.12
N SER D 219 -45.26 -39.42 -42.70
CA SER D 219 -44.38 -39.09 -43.81
C SER D 219 -42.93 -38.92 -43.35
N LEU D 220 -42.73 -38.73 -42.05
CA LEU D 220 -41.36 -38.61 -41.53
C LEU D 220 -41.26 -39.63 -40.41
N ALA D 221 -40.17 -40.39 -40.35
CA ALA D 221 -40.05 -41.35 -39.25
C ALA D 221 -39.95 -40.54 -37.95
N MET D 222 -39.19 -39.45 -38.01
CA MET D 222 -39.00 -38.63 -36.82
C MET D 222 -38.50 -37.25 -37.15
N ILE D 223 -38.74 -36.34 -36.22
CA ILE D 223 -38.28 -34.98 -36.33
C ILE D 223 -37.24 -34.78 -35.21
N VAL D 224 -35.99 -34.50 -35.58
CA VAL D 224 -34.91 -34.21 -34.61
C VAL D 224 -34.87 -32.70 -34.46
N GLY D 225 -35.36 -32.20 -33.33
CA GLY D 225 -35.47 -30.76 -33.15
C GLY D 225 -34.43 -30.02 -32.33
N GLY D 226 -34.78 -28.80 -31.97
CA GLY D 226 -33.92 -27.92 -31.20
C GLY D 226 -34.61 -26.57 -31.06
N HIS D 227 -33.82 -25.52 -30.86
CA HIS D 227 -34.32 -24.15 -30.73
C HIS D 227 -35.05 -23.90 -29.41
N SER D 228 -36.06 -24.68 -29.09
CA SER D 228 -36.75 -24.40 -27.84
C SER D 228 -35.88 -24.74 -26.64
N GLN D 229 -34.88 -25.60 -26.90
CA GLN D 229 -33.91 -26.06 -25.89
C GLN D 229 -34.60 -26.80 -24.74
N ASP D 230 -35.22 -27.91 -25.12
CA ASP D 230 -35.95 -28.79 -24.21
C ASP D 230 -35.55 -30.23 -24.37
N PRO D 231 -35.58 -30.99 -23.26
CA PRO D 231 -35.28 -32.42 -23.36
C PRO D 231 -36.76 -32.80 -23.65
N VAL D 232 -37.07 -33.31 -24.83
CA VAL D 232 -38.47 -33.64 -25.13
C VAL D 232 -38.78 -35.02 -24.57
N CYS D 233 -39.27 -35.00 -23.33
CA CYS D 233 -39.63 -36.21 -22.61
C CYS D 233 -41.03 -35.92 -22.05
N MET D 234 -42.01 -36.59 -22.62
CA MET D 234 -43.41 -36.37 -22.26
C MET D 234 -43.81 -36.95 -20.91
N ALA D 235 -44.59 -36.15 -20.16
CA ALA D 235 -45.08 -36.55 -18.84
C ALA D 235 -46.52 -37.08 -18.97
N ALA D 236 -47.20 -36.59 -20.00
CA ALA D 236 -48.57 -36.97 -20.28
C ALA D 236 -48.76 -36.63 -21.75
N GLU D 237 -49.86 -37.06 -22.34
CA GLU D 237 -50.08 -36.75 -23.74
C GLU D 237 -50.03 -35.23 -23.91
N ASN D 238 -49.25 -34.78 -24.88
CA ASN D 238 -49.07 -33.36 -25.18
C ASN D 238 -48.56 -32.46 -24.06
N LYS D 239 -47.84 -33.04 -23.10
CA LYS D 239 -47.25 -32.26 -22.01
C LYS D 239 -45.85 -32.78 -21.70
N LYS D 240 -44.84 -31.92 -21.92
CA LYS D 240 -43.45 -32.29 -21.63
C LYS D 240 -43.22 -32.28 -20.14
N GLN D 241 -42.32 -33.13 -19.67
CA GLN D 241 -41.98 -33.12 -18.25
C GLN D 241 -41.38 -31.75 -17.92
N VAL D 242 -41.63 -31.26 -16.72
CA VAL D 242 -41.04 -30.02 -16.25
C VAL D 242 -39.91 -30.56 -15.38
N ASP D 243 -38.76 -29.90 -15.37
CA ASP D 243 -37.64 -30.39 -14.54
C ASP D 243 -37.26 -31.87 -14.78
N TYR D 244 -37.06 -32.25 -16.04
CA TYR D 244 -36.65 -33.60 -16.35
C TYR D 244 -35.36 -33.95 -15.59
N VAL D 245 -35.23 -35.16 -15.10
CA VAL D 245 -34.02 -35.57 -14.38
C VAL D 245 -33.08 -36.43 -15.21
N PRO D 246 -31.79 -36.04 -15.32
CA PRO D 246 -30.83 -36.83 -16.10
C PRO D 246 -30.81 -38.27 -15.65
N GLY D 247 -30.73 -39.20 -16.59
CA GLY D 247 -30.69 -40.59 -16.23
C GLY D 247 -32.05 -41.25 -16.02
N THR D 248 -33.14 -40.49 -16.17
CA THR D 248 -34.48 -41.07 -16.02
C THR D 248 -35.08 -41.29 -17.42
N PRO D 249 -36.11 -42.13 -17.51
CA PRO D 249 -36.73 -42.40 -18.81
C PRO D 249 -37.19 -41.15 -19.56
N CYS D 250 -37.08 -41.21 -20.87
CA CYS D 250 -37.50 -40.10 -21.70
C CYS D 250 -38.39 -40.66 -22.79
N LYS D 251 -39.66 -40.28 -22.77
CA LYS D 251 -40.60 -40.75 -23.80
C LYS D 251 -40.73 -39.62 -24.81
N PRO D 252 -40.22 -39.80 -26.02
CA PRO D 252 -40.32 -38.73 -27.00
C PRO D 252 -41.77 -38.47 -27.38
N ASP D 253 -42.03 -37.34 -28.01
CA ASP D 253 -43.39 -37.00 -28.42
C ASP D 253 -43.67 -37.73 -29.73
N GLN D 254 -44.94 -37.93 -30.03
CA GLN D 254 -45.33 -38.57 -31.27
C GLN D 254 -46.63 -37.90 -31.67
N GLN D 255 -46.62 -37.30 -32.85
CA GLN D 255 -47.77 -36.59 -33.35
C GLN D 255 -48.01 -37.00 -34.79
N ASN D 256 -49.24 -37.43 -35.08
CA ASN D 256 -49.62 -37.84 -36.42
C ASN D 256 -48.62 -38.87 -36.99
N GLY D 257 -48.32 -39.86 -36.17
CA GLY D 257 -47.42 -40.92 -36.55
C GLY D 257 -45.95 -40.54 -36.68
N ILE D 258 -45.61 -39.31 -36.30
CA ILE D 258 -44.23 -38.83 -36.41
C ILE D 258 -43.60 -38.62 -35.03
N TRP D 259 -42.45 -39.24 -34.77
CA TRP D 259 -41.78 -39.05 -33.49
C TRP D 259 -41.09 -37.69 -33.48
N ILE D 260 -41.12 -37.00 -32.33
CA ILE D 260 -40.45 -35.70 -32.20
C ILE D 260 -39.52 -35.76 -30.99
N VAL D 261 -38.25 -35.49 -31.22
CA VAL D 261 -37.26 -35.54 -30.13
C VAL D 261 -36.45 -34.25 -30.01
N GLN D 262 -35.79 -34.08 -28.86
CA GLN D 262 -34.89 -32.94 -28.66
C GLN D 262 -34.02 -33.29 -27.45
N ALA D 263 -32.76 -32.89 -27.47
CA ALA D 263 -31.82 -33.25 -26.40
C ALA D 263 -31.34 -32.09 -25.58
N HIS D 264 -32.26 -31.21 -25.30
CA HIS D 264 -32.00 -30.02 -24.51
C HIS D 264 -31.01 -29.00 -25.06
N GLU D 265 -29.76 -29.05 -24.63
CA GLU D 265 -28.81 -28.03 -25.08
C GLU D 265 -27.38 -28.32 -24.63
N TRP D 266 -26.45 -27.59 -25.22
CA TRP D 266 -25.04 -27.61 -24.83
C TRP D 266 -24.29 -28.92 -24.75
N GLY D 267 -24.78 -29.94 -25.42
CA GLY D 267 -24.07 -31.22 -25.36
C GLY D 267 -24.33 -31.90 -24.02
N LYS D 268 -25.37 -31.47 -23.32
CA LYS D 268 -25.67 -32.11 -22.02
C LYS D 268 -26.06 -33.56 -22.21
N TYR D 269 -26.70 -33.85 -23.34
CA TYR D 269 -27.12 -35.22 -23.67
C TYR D 269 -26.89 -35.59 -25.14
N VAL D 270 -26.80 -36.89 -25.38
CA VAL D 270 -26.80 -37.36 -26.74
C VAL D 270 -28.10 -38.18 -26.72
N GLY D 271 -29.09 -37.80 -27.52
CA GLY D 271 -30.32 -38.59 -27.56
C GLY D 271 -30.06 -39.84 -28.38
N ARG D 272 -30.69 -40.96 -28.01
CA ARG D 272 -30.47 -42.18 -28.75
C ARG D 272 -31.79 -42.86 -29.10
N ALA D 273 -32.17 -42.81 -30.38
CA ALA D 273 -33.40 -43.47 -30.83
C ALA D 273 -33.02 -44.74 -31.57
N ASP D 274 -33.38 -45.90 -31.03
CA ASP D 274 -33.07 -47.15 -31.71
C ASP D 274 -34.30 -47.61 -32.48
N PHE D 275 -34.15 -47.67 -33.80
CA PHE D 275 -35.23 -48.09 -34.68
C PHE D 275 -34.93 -49.44 -35.28
N GLU D 276 -35.99 -50.08 -35.77
CA GLU D 276 -35.87 -51.33 -36.49
C GLU D 276 -36.79 -51.09 -37.69
N PHE D 277 -36.27 -51.36 -38.88
CA PHE D 277 -37.02 -51.17 -40.13
C PHE D 277 -37.28 -52.55 -40.72
N ARG D 278 -38.52 -52.79 -41.12
CA ARG D 278 -38.89 -54.08 -41.71
C ARG D 278 -40.08 -53.91 -42.65
N ASN D 279 -39.88 -54.24 -43.91
CA ASN D 279 -40.93 -54.12 -44.91
C ASN D 279 -41.64 -52.77 -44.85
N GLY D 280 -40.86 -51.68 -44.84
CA GLY D 280 -41.43 -50.35 -44.80
C GLY D 280 -41.95 -49.83 -43.47
N GLU D 281 -42.08 -50.71 -42.48
CA GLU D 281 -42.56 -50.31 -41.15
C GLU D 281 -41.32 -49.92 -40.35
N MET D 282 -41.37 -48.72 -39.77
CA MET D 282 -40.28 -48.19 -38.95
C MET D 282 -40.77 -48.21 -37.51
N LYS D 283 -40.11 -48.97 -36.66
CA LYS D 283 -40.50 -49.06 -35.27
C LYS D 283 -39.36 -48.58 -34.39
N MET D 284 -39.68 -47.71 -33.43
CA MET D 284 -38.68 -47.23 -32.49
C MET D 284 -38.79 -48.21 -31.35
N VAL D 285 -37.78 -49.06 -31.20
CA VAL D 285 -37.79 -50.06 -30.14
C VAL D 285 -37.21 -49.60 -28.80
N ASN D 286 -36.51 -48.46 -28.81
CA ASN D 286 -35.92 -47.90 -27.58
C ASN D 286 -35.55 -46.45 -27.80
N TYR D 287 -35.66 -45.66 -26.75
CA TYR D 287 -35.26 -44.25 -26.82
C TYR D 287 -34.73 -43.83 -25.46
N GLN D 288 -33.73 -42.96 -25.46
CA GLN D 288 -33.19 -42.45 -24.21
C GLN D 288 -32.33 -41.20 -24.45
N LEU D 289 -32.20 -40.39 -23.43
CA LEU D 289 -31.33 -39.22 -23.48
C LEU D 289 -30.12 -39.71 -22.65
N ILE D 290 -28.93 -39.74 -23.25
CA ILE D 290 -27.72 -40.19 -22.54
C ILE D 290 -26.98 -38.98 -21.97
N PRO D 291 -26.89 -38.87 -20.63
CA PRO D 291 -26.19 -37.73 -20.04
C PRO D 291 -24.71 -37.80 -20.36
N VAL D 292 -24.11 -36.66 -20.69
CA VAL D 292 -22.67 -36.62 -20.98
C VAL D 292 -21.98 -36.05 -19.74
N ASN D 293 -21.66 -36.93 -18.79
CA ASN D 293 -21.00 -36.52 -17.53
C ASN D 293 -21.76 -35.45 -16.75
N LEU D 294 -23.08 -35.52 -16.76
CA LEU D 294 -23.86 -34.56 -16.00
C LEU D 294 -23.73 -34.96 -14.52
N LYS D 295 -23.80 -33.96 -13.65
CA LYS D 295 -23.67 -34.20 -12.22
C LYS D 295 -24.78 -33.58 -11.40
N LYS D 296 -25.07 -34.22 -10.27
CA LYS D 296 -26.08 -33.73 -9.34
C LYS D 296 -25.32 -33.35 -8.07
N LYS D 297 -25.90 -32.48 -7.27
CA LYS D 297 -25.22 -32.04 -6.07
C LYS D 297 -25.66 -32.87 -4.87
N VAL D 298 -24.70 -33.20 -4.00
CA VAL D 298 -24.98 -33.93 -2.76
C VAL D 298 -24.32 -33.18 -1.61
N THR D 299 -24.90 -33.28 -0.43
CA THR D 299 -24.37 -32.60 0.75
C THR D 299 -24.21 -33.49 2.00
N TRP D 300 -23.03 -33.38 2.61
CA TRP D 300 -22.73 -34.17 3.80
C TRP D 300 -23.09 -33.35 5.05
N GLU D 301 -23.36 -34.04 6.15
CA GLU D 301 -23.74 -33.39 7.39
C GLU D 301 -22.94 -32.11 7.66
N ASP D 302 -21.61 -32.21 7.69
CA ASP D 302 -20.80 -31.02 7.95
C ASP D 302 -20.87 -29.91 6.88
N GLY D 303 -22.00 -29.84 6.18
CA GLY D 303 -22.16 -28.82 5.16
C GLY D 303 -21.30 -28.98 3.92
N LYS D 304 -20.59 -30.10 3.82
CA LYS D 304 -19.74 -30.36 2.65
C LYS D 304 -20.66 -30.60 1.46
N SER D 305 -20.27 -30.06 0.31
CA SER D 305 -21.04 -30.23 -0.91
C SER D 305 -20.11 -30.62 -2.05
N GLU D 306 -20.56 -31.58 -2.87
CA GLU D 306 -19.79 -32.03 -4.00
C GLU D 306 -20.75 -32.52 -5.08
N ARG D 307 -20.27 -32.50 -6.32
CA ARG D 307 -21.08 -32.92 -7.45
C ARG D 307 -20.79 -34.40 -7.72
N VAL D 308 -21.86 -35.18 -7.93
CA VAL D 308 -21.75 -36.62 -8.21
C VAL D 308 -22.34 -36.92 -9.58
N LEU D 309 -21.64 -37.73 -10.35
CA LEU D 309 -22.10 -38.10 -11.69
C LEU D 309 -23.41 -38.89 -11.63
N TYR D 310 -24.33 -38.63 -12.55
CA TYR D 310 -25.55 -39.42 -12.62
C TYR D 310 -25.20 -40.82 -13.14
N THR D 311 -24.21 -40.90 -14.02
CA THR D 311 -23.85 -42.17 -14.61
C THR D 311 -22.32 -42.32 -14.65
N PRO D 312 -21.82 -43.55 -14.91
CA PRO D 312 -20.37 -43.73 -14.96
C PRO D 312 -19.68 -42.71 -15.85
N GLU D 313 -18.55 -42.23 -15.38
CA GLU D 313 -17.80 -41.23 -16.10
C GLU D 313 -17.40 -41.66 -17.50
N ILE D 314 -17.59 -40.74 -18.46
CA ILE D 314 -17.19 -41.00 -19.83
C ILE D 314 -15.83 -40.33 -20.00
N ALA D 315 -14.79 -41.08 -20.35
CA ALA D 315 -13.46 -40.48 -20.50
C ALA D 315 -13.40 -39.50 -21.67
N GLU D 316 -12.55 -38.50 -21.55
CA GLU D 316 -12.43 -37.55 -22.64
C GLU D 316 -11.49 -38.13 -23.69
N ASN D 317 -11.97 -38.17 -24.91
CA ASN D 317 -11.18 -38.70 -26.01
C ASN D 317 -9.91 -37.85 -26.20
N GLN D 318 -8.77 -38.53 -26.26
CA GLN D 318 -7.51 -37.82 -26.38
C GLN D 318 -7.34 -37.08 -27.66
N GLN D 319 -7.77 -37.68 -28.77
CA GLN D 319 -7.64 -37.01 -30.06
C GLN D 319 -8.45 -35.68 -30.00
N MET D 320 -9.62 -35.72 -29.38
CA MET D 320 -10.42 -34.49 -29.29
C MET D 320 -9.75 -33.46 -28.38
N ILE D 321 -9.19 -33.89 -27.26
CA ILE D 321 -8.54 -32.92 -26.39
C ILE D 321 -7.38 -32.28 -27.15
N SER D 322 -6.69 -33.06 -27.96
CA SER D 322 -5.56 -32.52 -28.71
C SER D 322 -6.03 -31.46 -29.70
N LEU D 323 -7.21 -31.67 -30.29
CA LEU D 323 -7.79 -30.73 -31.26
C LEU D 323 -8.26 -29.45 -30.60
N LEU D 324 -8.93 -29.61 -29.47
CA LEU D 324 -9.52 -28.47 -28.78
C LEU D 324 -8.66 -27.66 -27.81
N SER D 325 -7.66 -28.28 -27.21
CA SER D 325 -6.88 -27.55 -26.23
C SER D 325 -6.20 -26.28 -26.75
N PRO D 326 -5.75 -26.24 -28.03
CA PRO D 326 -5.12 -24.97 -28.48
C PRO D 326 -6.17 -23.84 -28.44
N PHE D 327 -7.41 -24.14 -28.87
CA PHE D 327 -8.49 -23.12 -28.85
C PHE D 327 -8.85 -22.71 -27.42
N GLN D 328 -8.88 -23.69 -26.53
CA GLN D 328 -9.22 -23.44 -25.12
C GLN D 328 -8.17 -22.52 -24.48
N ASN D 329 -6.89 -22.88 -24.63
CA ASN D 329 -5.83 -22.04 -24.06
C ASN D 329 -5.82 -20.65 -24.63
N LYS D 330 -6.03 -20.53 -25.94
CA LYS D 330 -6.00 -19.23 -26.59
C LYS D 330 -7.14 -18.37 -26.08
N GLY D 331 -8.31 -18.96 -26.03
CA GLY D 331 -9.48 -18.24 -25.57
C GLY D 331 -9.34 -17.79 -24.14
N LYS D 332 -8.85 -18.67 -23.26
CA LYS D 332 -8.69 -18.32 -21.85
C LYS D 332 -7.66 -17.22 -21.63
N ALA D 333 -6.53 -17.34 -22.33
CA ALA D 333 -5.47 -16.35 -22.18
C ALA D 333 -5.93 -14.96 -22.65
N GLN D 334 -6.75 -14.92 -23.68
CA GLN D 334 -7.15 -13.62 -24.18
C GLN D 334 -8.30 -13.00 -23.38
N LEU D 335 -9.16 -13.87 -22.84
CA LEU D 335 -10.37 -13.42 -22.15
C LEU D 335 -10.40 -13.41 -20.63
N GLU D 336 -9.60 -14.26 -19.99
CA GLU D 336 -9.56 -14.33 -18.53
C GLU D 336 -8.59 -13.30 -18.00
N VAL D 337 -8.98 -12.06 -18.16
CA VAL D 337 -8.18 -10.94 -17.73
C VAL D 337 -9.14 -10.09 -16.91
N LYS D 338 -8.77 -9.76 -15.67
CA LYS D 338 -9.64 -8.93 -14.83
C LYS D 338 -9.75 -7.50 -15.37
N ILE D 339 -10.97 -6.97 -15.49
CA ILE D 339 -11.14 -5.59 -15.97
C ILE D 339 -11.76 -4.65 -14.92
N GLY D 340 -12.18 -5.22 -13.80
CA GLY D 340 -12.75 -4.41 -12.74
C GLY D 340 -13.43 -5.28 -11.70
N GLU D 341 -14.23 -4.66 -10.85
CA GLU D 341 -14.96 -5.40 -9.85
C GLU D 341 -16.26 -4.68 -9.59
N THR D 342 -17.19 -5.42 -9.01
CA THR D 342 -18.51 -4.90 -8.70
C THR D 342 -18.84 -5.36 -7.28
N ASN D 343 -19.46 -4.49 -6.49
CA ASN D 343 -19.79 -4.84 -5.12
C ASN D 343 -21.06 -5.67 -5.03
N GLY D 344 -21.73 -5.84 -6.16
CA GLY D 344 -22.95 -6.62 -6.16
C GLY D 344 -23.24 -7.31 -7.47
N ARG D 345 -24.14 -8.28 -7.42
CA ARG D 345 -24.55 -9.04 -8.59
C ARG D 345 -25.30 -8.18 -9.60
N LEU D 346 -24.92 -8.33 -10.88
CA LEU D 346 -25.52 -7.62 -12.00
C LEU D 346 -26.47 -8.63 -12.66
N GLU D 347 -27.76 -8.38 -12.48
CA GLU D 347 -28.83 -9.23 -12.95
C GLU D 347 -29.06 -9.25 -14.45
N GLY D 348 -28.69 -10.38 -15.06
CA GLY D 348 -28.85 -10.55 -16.49
C GLY D 348 -29.62 -11.82 -16.84
N ASP D 349 -30.21 -12.49 -15.86
CA ASP D 349 -30.95 -13.71 -16.17
C ASP D 349 -32.13 -13.43 -17.11
N ARG D 350 -32.38 -14.40 -17.99
CA ARG D 350 -33.45 -14.34 -18.97
C ARG D 350 -34.81 -14.08 -18.33
N ASP D 351 -35.08 -14.76 -17.22
CA ASP D 351 -36.36 -14.64 -16.54
C ASP D 351 -36.58 -13.25 -15.91
N LYS D 352 -35.54 -12.42 -15.93
CA LYS D 352 -35.62 -11.06 -15.40
C LYS D 352 -35.47 -9.99 -16.49
N VAL D 353 -34.42 -10.08 -17.30
CA VAL D 353 -34.19 -9.06 -18.32
C VAL D 353 -35.25 -8.99 -19.39
N ARG D 354 -36.05 -10.04 -19.56
CA ARG D 354 -37.11 -10.02 -20.56
C ARG D 354 -38.47 -9.75 -19.88
N PHE D 355 -38.44 -9.35 -18.61
CA PHE D 355 -39.66 -9.08 -17.86
C PHE D 355 -39.68 -7.76 -17.11
N VAL D 356 -38.52 -7.36 -16.59
CA VAL D 356 -38.44 -6.10 -15.83
C VAL D 356 -37.10 -5.41 -16.06
N GLN D 357 -37.03 -4.15 -15.67
CA GLN D 357 -35.79 -3.40 -15.79
C GLN D 357 -34.79 -4.01 -14.82
N THR D 358 -33.52 -4.13 -15.23
CA THR D 358 -32.50 -4.70 -14.34
C THR D 358 -31.25 -3.83 -14.32
N ASN D 359 -30.43 -4.00 -13.29
CA ASN D 359 -29.22 -3.19 -13.18
C ASN D 359 -28.18 -3.51 -14.26
N MET D 360 -28.26 -4.68 -14.90
CA MET D 360 -27.31 -5.01 -15.97
C MET D 360 -27.72 -4.15 -17.15
N GLY D 361 -29.03 -4.04 -17.38
CA GLY D 361 -29.51 -3.20 -18.45
C GLY D 361 -29.01 -1.77 -18.21
N ARG D 362 -29.14 -1.28 -16.98
CA ARG D 362 -28.68 0.08 -16.70
C ARG D 362 -27.17 0.24 -16.84
N LEU D 363 -26.43 -0.80 -16.50
CA LEU D 363 -24.97 -0.74 -16.59
C LEU D 363 -24.55 -0.67 -18.07
N ILE D 364 -25.08 -1.57 -18.88
CA ILE D 364 -24.76 -1.61 -20.31
C ILE D 364 -25.18 -0.30 -20.94
N LEU D 365 -26.38 0.16 -20.62
CA LEU D 365 -26.84 1.41 -21.18
C LEU D 365 -26.03 2.62 -20.66
N ALA D 366 -25.59 2.59 -19.41
CA ALA D 366 -24.74 3.70 -18.94
C ALA D 366 -23.43 3.74 -19.77
N ALA D 367 -22.88 2.56 -20.11
CA ALA D 367 -21.64 2.52 -20.88
C ALA D 367 -21.87 3.10 -22.28
N GLN D 368 -23.01 2.76 -22.87
CA GLN D 368 -23.30 3.27 -24.20
C GLN D 368 -23.53 4.78 -24.20
N MET D 369 -24.22 5.28 -23.18
CA MET D 369 -24.43 6.73 -23.11
C MET D 369 -23.10 7.46 -22.89
N ASP D 370 -22.26 6.91 -22.00
CA ASP D 370 -20.98 7.53 -21.72
C ASP D 370 -20.15 7.64 -22.98
N ARG D 371 -20.09 6.56 -23.77
CA ARG D 371 -19.29 6.55 -25.00
C ARG D 371 -19.83 7.49 -26.08
N THR D 372 -21.14 7.67 -26.11
CA THR D 372 -21.78 8.49 -27.12
C THR D 372 -22.26 9.89 -26.71
N GLY D 373 -22.11 10.24 -25.44
CA GLY D 373 -22.57 11.54 -24.98
C GLY D 373 -24.10 11.64 -25.07
N ALA D 374 -24.77 10.50 -25.11
CA ALA D 374 -26.23 10.45 -25.22
C ALA D 374 -26.98 10.84 -23.94
N ASP D 375 -28.26 11.21 -24.10
CA ASP D 375 -29.13 11.61 -23.00
C ASP D 375 -29.92 10.45 -22.43
N PHE D 376 -30.28 9.49 -23.27
CA PHE D 376 -31.00 8.32 -22.79
C PHE D 376 -30.64 7.14 -23.70
N ALA D 377 -31.13 5.95 -23.38
CA ALA D 377 -30.78 4.80 -24.20
C ALA D 377 -31.77 3.65 -24.01
N VAL D 378 -31.75 2.73 -24.97
CA VAL D 378 -32.62 1.55 -24.92
C VAL D 378 -31.91 0.39 -25.63
N MET D 379 -32.31 -0.83 -25.30
CA MET D 379 -31.77 -2.03 -25.96
C MET D 379 -32.76 -3.13 -25.61
N SER D 380 -32.74 -4.23 -26.36
CA SER D 380 -33.63 -5.36 -26.09
C SER D 380 -33.13 -6.20 -24.93
N GLY D 381 -34.05 -6.67 -24.09
CA GLY D 381 -33.65 -7.51 -22.96
C GLY D 381 -33.02 -8.77 -23.54
N GLY D 382 -33.49 -9.18 -24.73
CA GLY D 382 -32.96 -10.35 -25.39
C GLY D 382 -31.49 -10.22 -25.76
N GLY D 383 -30.95 -9.00 -25.73
CA GLY D 383 -29.55 -8.81 -26.05
C GLY D 383 -28.67 -9.02 -24.83
N ILE D 384 -29.29 -9.23 -23.67
CA ILE D 384 -28.55 -9.46 -22.44
C ILE D 384 -28.60 -10.96 -22.21
N ARG D 385 -27.43 -11.58 -22.27
CA ARG D 385 -27.33 -13.04 -22.18
C ARG D 385 -26.77 -13.69 -20.94
N ASP D 386 -26.39 -12.90 -19.95
CA ASP D 386 -25.90 -13.49 -18.72
C ASP D 386 -25.78 -12.44 -17.63
N SER D 387 -25.56 -12.92 -16.42
CA SER D 387 -25.40 -12.07 -15.25
C SER D 387 -23.91 -11.99 -14.91
N ILE D 388 -23.55 -11.05 -14.04
CA ILE D 388 -22.17 -10.92 -13.58
C ILE D 388 -22.22 -10.96 -12.04
N GLU D 389 -21.59 -11.98 -11.45
CA GLU D 389 -21.57 -12.14 -9.99
C GLU D 389 -20.79 -11.04 -9.28
N ALA D 390 -21.09 -10.86 -7.99
CA ALA D 390 -20.41 -9.88 -7.19
C ALA D 390 -18.94 -10.31 -7.16
N GLY D 391 -18.01 -9.36 -7.16
CA GLY D 391 -16.61 -9.72 -7.14
C GLY D 391 -15.84 -9.21 -8.36
N ASP D 392 -14.74 -9.88 -8.71
CA ASP D 392 -13.95 -9.46 -9.86
C ASP D 392 -14.73 -9.66 -11.16
N ILE D 393 -14.50 -8.79 -12.14
CA ILE D 393 -15.17 -8.92 -13.45
C ILE D 393 -14.06 -9.10 -14.47
N SER D 394 -14.20 -10.11 -15.32
CA SER D 394 -13.23 -10.41 -16.35
C SER D 394 -13.77 -10.00 -17.71
N TYR D 395 -12.86 -9.86 -18.67
CA TYR D 395 -13.28 -9.51 -20.01
C TYR D 395 -14.23 -10.63 -20.46
N LYS D 396 -13.89 -11.87 -20.12
CA LYS D 396 -14.74 -13.02 -20.49
C LYS D 396 -16.19 -12.84 -20.00
N ASN D 397 -16.36 -12.33 -18.77
CA ASN D 397 -17.69 -12.11 -18.20
C ASN D 397 -18.52 -11.18 -19.08
N VAL D 398 -17.86 -10.13 -19.56
CA VAL D 398 -18.53 -9.15 -20.41
C VAL D 398 -18.98 -9.80 -21.71
N LEU D 399 -18.10 -10.58 -22.33
CA LEU D 399 -18.45 -11.24 -23.58
C LEU D 399 -19.54 -12.30 -23.40
N LYS D 400 -19.69 -12.81 -22.18
CA LYS D 400 -20.75 -13.77 -21.91
C LYS D 400 -22.09 -12.98 -21.90
N VAL D 401 -22.05 -11.76 -21.36
CA VAL D 401 -23.26 -10.92 -21.27
C VAL D 401 -23.72 -10.39 -22.66
N GLN D 402 -22.77 -9.89 -23.44
CA GLN D 402 -23.06 -9.37 -24.78
C GLN D 402 -22.17 -10.12 -25.79
N PRO D 403 -22.68 -11.22 -26.35
CA PRO D 403 -21.94 -12.05 -27.30
C PRO D 403 -22.22 -11.87 -28.77
N PHE D 404 -23.12 -10.95 -29.14
CA PHE D 404 -23.48 -10.79 -30.55
C PHE D 404 -22.60 -9.90 -31.41
N GLY D 405 -21.65 -9.22 -30.81
CA GLY D 405 -20.80 -8.36 -31.62
C GLY D 405 -21.53 -7.17 -32.22
N ASN D 406 -22.59 -6.69 -31.56
CA ASN D 406 -23.30 -5.50 -32.06
C ASN D 406 -22.41 -4.27 -31.94
N VAL D 407 -22.74 -3.22 -32.69
CA VAL D 407 -21.98 -1.97 -32.67
C VAL D 407 -22.83 -0.90 -31.99
N VAL D 408 -22.21 -0.06 -31.15
CA VAL D 408 -22.95 0.98 -30.43
C VAL D 408 -23.22 2.13 -31.39
N VAL D 409 -24.45 2.63 -31.39
CA VAL D 409 -24.84 3.70 -32.29
C VAL D 409 -25.62 4.75 -31.50
N TYR D 410 -25.90 5.89 -32.13
CA TYR D 410 -26.69 6.93 -31.48
C TYR D 410 -27.40 7.77 -32.52
N ALA D 411 -28.43 8.48 -32.08
CA ALA D 411 -29.18 9.30 -33.01
C ALA D 411 -29.65 10.55 -32.32
N ASP D 412 -29.47 11.67 -33.01
CA ASP D 412 -29.93 12.93 -32.48
C ASP D 412 -31.33 13.12 -33.06
N MET D 413 -32.29 13.39 -32.19
CA MET D 413 -33.67 13.58 -32.64
C MET D 413 -34.37 14.65 -31.81
N THR D 414 -35.47 15.17 -32.34
CA THR D 414 -36.24 16.20 -31.64
C THR D 414 -37.08 15.52 -30.56
N GLY D 415 -37.58 16.31 -29.62
CA GLY D 415 -38.41 15.73 -28.57
C GLY D 415 -39.64 15.02 -29.15
N LYS D 416 -40.24 15.58 -30.20
CA LYS D 416 -41.41 14.93 -30.77
C LYS D 416 -41.03 13.52 -31.20
N GLU D 417 -39.89 13.39 -31.87
CA GLU D 417 -39.44 12.08 -32.30
C GLU D 417 -39.20 11.17 -31.09
N VAL D 418 -38.56 11.70 -30.05
CA VAL D 418 -38.30 10.91 -28.84
C VAL D 418 -39.62 10.35 -28.34
N ILE D 419 -40.62 11.21 -28.22
CA ILE D 419 -41.93 10.73 -27.77
C ILE D 419 -42.51 9.65 -28.68
N ASP D 420 -42.41 9.84 -29.99
CA ASP D 420 -42.93 8.84 -30.93
C ASP D 420 -42.18 7.52 -30.75
N TYR D 421 -40.85 7.63 -30.66
CA TYR D 421 -40.02 6.45 -30.53
C TYR D 421 -40.29 5.66 -29.26
N LEU D 422 -40.18 6.33 -28.10
CA LEU D 422 -40.38 5.66 -26.82
C LEU D 422 -41.77 5.10 -26.70
N THR D 423 -42.75 5.76 -27.31
CA THR D 423 -44.11 5.25 -27.24
C THR D 423 -44.17 3.90 -27.96
N ALA D 424 -43.55 3.84 -29.13
CA ALA D 424 -43.51 2.61 -29.90
C ALA D 424 -42.77 1.51 -29.17
N VAL D 425 -41.58 1.85 -28.67
CA VAL D 425 -40.78 0.87 -27.96
C VAL D 425 -41.44 0.37 -26.71
N ALA D 426 -42.16 1.25 -26.01
CA ALA D 426 -42.83 0.90 -24.76
C ALA D 426 -43.96 -0.11 -24.89
N GLN D 427 -44.35 -0.44 -26.11
CA GLN D 427 -45.41 -1.41 -26.28
C GLN D 427 -44.89 -2.84 -26.46
N MET D 428 -43.56 -3.01 -26.47
CA MET D 428 -43.00 -4.35 -26.61
C MET D 428 -43.33 -5.07 -25.30
N LYS D 429 -43.97 -6.22 -25.42
CA LYS D 429 -44.39 -6.96 -24.23
C LYS D 429 -43.31 -7.72 -23.50
N PRO D 430 -43.53 -7.97 -22.19
CA PRO D 430 -42.57 -8.72 -21.39
C PRO D 430 -42.62 -10.14 -21.95
N ASP D 431 -41.76 -11.00 -21.43
CA ASP D 431 -41.69 -12.40 -21.87
C ASP D 431 -41.42 -12.47 -23.37
N SER D 432 -40.51 -11.63 -23.81
CA SER D 432 -40.13 -11.57 -25.21
C SER D 432 -38.72 -10.98 -25.24
N GLY D 433 -37.93 -11.35 -26.24
CA GLY D 433 -36.60 -10.80 -26.34
C GLY D 433 -36.69 -9.32 -26.66
N ALA D 434 -37.83 -8.89 -27.21
CA ALA D 434 -38.02 -7.49 -27.58
C ALA D 434 -38.29 -6.56 -26.38
N TYR D 435 -38.56 -7.14 -25.23
CA TYR D 435 -38.84 -6.33 -24.04
C TYR D 435 -37.73 -5.31 -23.87
N PRO D 436 -38.07 -4.02 -23.77
CA PRO D 436 -37.05 -2.99 -23.62
C PRO D 436 -36.47 -2.69 -22.24
N GLN D 437 -35.17 -2.39 -22.24
CA GLN D 437 -34.44 -2.00 -21.07
C GLN D 437 -34.17 -0.52 -21.37
N PHE D 438 -34.52 0.38 -20.43
CA PHE D 438 -34.30 1.80 -20.64
C PHE D 438 -33.28 2.35 -19.65
N ALA D 439 -32.70 3.49 -20.01
CA ALA D 439 -31.82 4.22 -19.11
C ALA D 439 -32.15 5.71 -19.28
N ASN D 440 -32.21 6.43 -18.16
CA ASN D 440 -32.50 7.85 -18.12
C ASN D 440 -33.89 8.21 -18.63
N VAL D 441 -34.78 7.21 -18.65
CA VAL D 441 -36.17 7.41 -19.07
C VAL D 441 -37.14 7.14 -17.93
N SER D 442 -38.17 7.98 -17.80
CA SER D 442 -39.19 7.74 -16.80
C SER D 442 -40.56 8.01 -17.41
N PHE D 443 -41.52 7.14 -17.11
CA PHE D 443 -42.88 7.28 -17.61
C PHE D 443 -43.75 6.23 -16.98
N VAL D 444 -45.07 6.42 -17.13
CA VAL D 444 -46.04 5.45 -16.66
C VAL D 444 -46.83 5.16 -17.93
N ALA D 445 -46.75 3.92 -18.41
CA ALA D 445 -47.45 3.53 -19.62
C ALA D 445 -48.81 2.92 -19.29
N LYS D 446 -49.79 3.24 -20.13
CA LYS D 446 -51.14 2.71 -19.99
C LYS D 446 -51.88 2.91 -21.30
N ASP D 447 -52.62 1.87 -21.70
CA ASP D 447 -53.39 1.85 -22.95
C ASP D 447 -52.57 2.37 -24.13
N GLY D 448 -51.33 1.90 -24.21
CA GLY D 448 -50.46 2.27 -25.30
C GLY D 448 -49.96 3.69 -25.33
N LYS D 449 -50.14 4.43 -24.24
CA LYS D 449 -49.69 5.81 -24.22
C LYS D 449 -48.78 6.09 -23.01
N LEU D 450 -47.81 6.98 -23.18
CA LEU D 450 -46.89 7.31 -22.09
C LEU D 450 -47.34 8.55 -21.31
N ASN D 451 -47.32 8.43 -19.98
CA ASN D 451 -47.73 9.52 -19.10
C ASN D 451 -46.53 10.01 -18.31
N ASP D 452 -46.49 11.33 -18.08
CA ASP D 452 -45.43 11.96 -17.31
C ASP D 452 -44.05 11.54 -17.85
N LEU D 453 -43.89 11.54 -19.18
CA LEU D 453 -42.63 11.15 -19.81
C LEU D 453 -41.51 12.12 -19.46
N LYS D 454 -40.38 11.60 -18.98
CA LYS D 454 -39.23 12.46 -18.67
C LYS D 454 -37.90 11.79 -19.08
N ILE D 455 -36.93 12.63 -19.45
CA ILE D 455 -35.58 12.18 -19.78
C ILE D 455 -34.70 12.90 -18.76
N LYS D 456 -33.92 12.13 -18.01
CA LYS D 456 -33.05 12.69 -16.96
C LYS D 456 -33.85 13.63 -16.04
N GLY D 457 -35.05 13.22 -15.67
CA GLY D 457 -35.86 14.04 -14.78
C GLY D 457 -36.58 15.27 -15.31
N GLU D 458 -36.44 15.59 -16.60
CA GLU D 458 -37.12 16.77 -17.12
C GLU D 458 -38.12 16.32 -18.16
N PRO D 459 -39.29 16.99 -18.26
CA PRO D 459 -40.27 16.56 -19.25
C PRO D 459 -39.68 16.74 -20.65
N VAL D 460 -40.06 15.88 -21.58
CA VAL D 460 -39.52 15.95 -22.93
C VAL D 460 -40.11 17.11 -23.70
N ASP D 461 -39.26 18.04 -24.11
CA ASP D 461 -39.68 19.22 -24.86
C ASP D 461 -39.72 18.85 -26.36
N PRO D 462 -40.93 18.83 -26.97
CA PRO D 462 -41.06 18.48 -28.40
C PRO D 462 -40.17 19.26 -29.36
N ALA D 463 -39.71 20.43 -28.94
CA ALA D 463 -38.89 21.29 -29.78
C ALA D 463 -37.38 21.16 -29.63
N LYS D 464 -36.92 20.55 -28.53
CA LYS D 464 -35.49 20.39 -28.30
C LYS D 464 -34.94 19.12 -28.96
N THR D 465 -33.62 19.02 -29.04
CA THR D 465 -33.04 17.81 -29.63
C THR D 465 -32.41 16.98 -28.51
N TYR D 466 -32.62 15.67 -28.58
CA TYR D 466 -32.08 14.73 -27.59
C TYR D 466 -31.26 13.67 -28.31
N ARG D 467 -30.27 13.12 -27.63
CA ARG D 467 -29.45 12.07 -28.22
C ARG D 467 -29.71 10.74 -27.52
N MET D 468 -30.05 9.74 -28.32
CA MET D 468 -30.28 8.39 -27.82
C MET D 468 -29.16 7.45 -28.25
N ALA D 469 -28.77 6.54 -27.35
CA ALA D 469 -27.75 5.56 -27.67
C ALA D 469 -28.44 4.21 -27.68
N THR D 470 -27.95 3.30 -28.52
CA THR D 470 -28.47 1.95 -28.58
C THR D 470 -27.52 1.10 -29.44
N LEU D 471 -27.97 -0.07 -29.88
CA LEU D 471 -27.14 -0.95 -30.73
C LEU D 471 -27.63 -0.90 -32.17
N ASN D 472 -26.73 -1.19 -33.12
CA ASN D 472 -27.09 -1.17 -34.54
C ASN D 472 -28.20 -2.17 -34.75
N PHE D 473 -28.21 -3.25 -33.95
CA PHE D 473 -29.26 -4.26 -34.05
C PHE D 473 -30.64 -3.58 -33.91
N ASN D 474 -30.86 -2.84 -32.84
CA ASN D 474 -32.16 -2.19 -32.69
C ASN D 474 -32.35 -0.99 -33.62
N ALA D 475 -31.30 -0.20 -33.81
CA ALA D 475 -31.41 0.99 -34.66
C ALA D 475 -31.84 0.66 -36.07
N THR D 476 -31.47 -0.54 -36.52
CA THR D 476 -31.81 -0.96 -37.87
C THR D 476 -33.13 -1.70 -37.93
N GLY D 477 -33.82 -1.78 -36.81
CA GLY D 477 -35.11 -2.44 -36.79
C GLY D 477 -35.19 -3.80 -36.13
N GLY D 478 -34.13 -4.20 -35.44
CA GLY D 478 -34.15 -5.50 -34.79
C GLY D 478 -35.24 -5.57 -33.74
N ASP D 479 -35.81 -6.75 -33.57
CA ASP D 479 -36.91 -6.95 -32.62
C ASP D 479 -38.13 -6.04 -32.86
N GLY D 480 -38.22 -5.46 -34.06
CA GLY D 480 -39.38 -4.61 -34.36
C GLY D 480 -39.26 -3.16 -33.93
N TYR D 481 -38.09 -2.75 -33.47
CA TYR D 481 -37.90 -1.38 -33.04
C TYR D 481 -37.95 -0.41 -34.21
N PRO D 482 -38.43 0.82 -33.96
CA PRO D 482 -38.49 1.77 -35.08
C PRO D 482 -37.11 2.03 -35.67
N ARG D 483 -36.99 1.98 -37.00
CA ARG D 483 -35.71 2.23 -37.63
C ARG D 483 -35.22 3.64 -37.35
N LEU D 484 -33.94 3.78 -37.05
CA LEU D 484 -33.32 5.09 -36.79
C LEU D 484 -32.15 5.31 -37.74
N ASP D 485 -31.69 4.22 -38.36
CA ASP D 485 -30.55 4.26 -39.27
C ASP D 485 -30.78 5.06 -40.56
N ASN D 486 -32.05 5.21 -40.95
CA ASN D 486 -32.40 5.97 -42.14
C ASN D 486 -32.89 7.38 -41.77
N LYS D 487 -32.76 7.73 -40.50
CA LYS D 487 -33.18 9.04 -40.02
C LYS D 487 -31.97 9.96 -39.98
N PRO D 488 -32.20 11.26 -40.04
CA PRO D 488 -31.21 12.34 -40.03
C PRO D 488 -29.97 12.32 -39.13
N GLY D 489 -30.15 12.37 -37.81
CA GLY D 489 -28.98 12.44 -36.94
C GLY D 489 -28.30 11.15 -36.50
N TYR D 490 -28.44 10.10 -37.31
CA TYR D 490 -27.86 8.80 -37.01
C TYR D 490 -26.35 8.69 -37.19
N VAL D 491 -25.69 8.06 -36.24
CA VAL D 491 -24.25 7.86 -36.30
C VAL D 491 -23.92 6.45 -35.78
N ASN D 492 -23.33 5.62 -36.63
CA ASN D 492 -22.91 4.28 -36.23
C ASN D 492 -21.46 4.53 -35.79
N THR D 493 -21.16 4.36 -34.50
CA THR D 493 -19.83 4.66 -34.01
C THR D 493 -18.72 3.68 -34.38
N GLY D 494 -19.11 2.47 -34.77
CA GLY D 494 -18.13 1.43 -35.09
C GLY D 494 -17.66 0.65 -33.84
N PHE D 495 -17.84 1.23 -32.66
CA PHE D 495 -17.41 0.58 -31.42
C PHE D 495 -18.27 -0.63 -31.08
N ILE D 496 -17.62 -1.75 -30.77
CA ILE D 496 -18.30 -2.99 -30.48
C ILE D 496 -18.88 -2.98 -29.07
N ASP D 497 -20.10 -3.48 -28.93
CA ASP D 497 -20.79 -3.50 -27.63
C ASP D 497 -19.95 -3.91 -26.45
N ALA D 498 -19.39 -5.11 -26.52
CA ALA D 498 -18.57 -5.64 -25.46
C ALA D 498 -17.34 -4.81 -25.15
N GLU D 499 -16.77 -4.16 -26.17
CA GLU D 499 -15.58 -3.32 -25.97
C GLU D 499 -15.94 -2.04 -25.23
N VAL D 500 -17.10 -1.47 -25.56
CA VAL D 500 -17.57 -0.26 -24.89
C VAL D 500 -17.88 -0.56 -23.43
N LEU D 501 -18.50 -1.71 -23.18
CA LEU D 501 -18.80 -2.07 -21.81
C LEU D 501 -17.50 -2.33 -21.05
N LYS D 502 -16.58 -3.09 -21.66
CA LYS D 502 -15.32 -3.37 -20.98
C LYS D 502 -14.59 -2.09 -20.57
N ALA D 503 -14.46 -1.14 -21.48
CA ALA D 503 -13.74 0.10 -21.18
C ALA D 503 -14.47 0.94 -20.14
N TYR D 504 -15.81 0.94 -20.21
CA TYR D 504 -16.57 1.70 -19.23
C TYR D 504 -16.31 1.12 -17.85
N ILE D 505 -16.34 -0.21 -17.75
CA ILE D 505 -16.08 -0.87 -16.47
C ILE D 505 -14.65 -0.59 -15.96
N GLN D 506 -13.65 -0.64 -16.85
CA GLN D 506 -12.27 -0.39 -16.43
C GLN D 506 -12.11 0.97 -15.75
N LYS D 507 -12.67 2.01 -16.35
CA LYS D 507 -12.53 3.34 -15.78
C LYS D 507 -13.52 3.65 -14.66
N SER D 508 -14.58 2.86 -14.52
CA SER D 508 -15.58 3.09 -13.48
C SER D 508 -15.37 2.24 -12.24
N SER D 509 -14.58 1.19 -12.37
CA SER D 509 -14.33 0.26 -11.27
C SER D 509 -13.70 0.95 -10.06
N PRO D 510 -14.07 0.54 -8.85
CA PRO D 510 -15.06 -0.52 -8.58
C PRO D 510 -16.50 -0.04 -8.74
N LEU D 511 -17.35 -0.90 -9.31
CA LEU D 511 -18.75 -0.56 -9.50
C LEU D 511 -19.58 -0.71 -8.23
N ASP D 512 -20.44 0.29 -7.99
CA ASP D 512 -21.35 0.27 -6.86
C ASP D 512 -22.71 -0.01 -7.52
N VAL D 513 -23.29 -1.17 -7.29
CA VAL D 513 -24.56 -1.48 -7.96
C VAL D 513 -25.73 -0.60 -7.60
N SER D 514 -25.66 0.06 -6.45
CA SER D 514 -26.75 0.94 -6.02
C SER D 514 -26.95 2.01 -7.09
N VAL D 515 -25.87 2.37 -7.76
CA VAL D 515 -25.91 3.39 -8.80
C VAL D 515 -26.73 2.94 -10.02
N TYR D 516 -26.78 1.63 -10.25
CA TYR D 516 -27.48 1.09 -11.42
C TYR D 516 -28.81 0.42 -11.07
N GLU D 517 -29.23 0.56 -9.81
CA GLU D 517 -30.48 -0.06 -9.36
C GLU D 517 -31.73 0.62 -9.92
N PRO D 518 -32.57 -0.15 -10.63
CA PRO D 518 -33.78 0.46 -11.18
C PRO D 518 -34.70 0.70 -10.00
N LYS D 519 -35.47 1.77 -10.04
CA LYS D 519 -36.38 2.08 -8.96
C LYS D 519 -37.77 2.47 -9.43
N GLY D 520 -38.25 1.80 -10.48
CA GLY D 520 -39.58 2.08 -11.00
C GLY D 520 -39.69 3.30 -11.90
N GLU D 521 -38.56 3.81 -12.37
CA GLU D 521 -38.61 4.95 -13.27
C GLU D 521 -39.61 4.70 -14.40
N VAL D 522 -39.63 3.49 -14.96
CA VAL D 522 -40.62 3.16 -16.00
C VAL D 522 -41.53 2.10 -15.43
N SER D 523 -42.81 2.16 -15.79
CA SER D 523 -43.78 1.18 -15.30
C SER D 523 -44.92 1.09 -16.30
N TRP D 524 -45.69 0.02 -16.19
CA TRP D 524 -46.82 -0.22 -17.08
C TRP D 524 -48.07 -0.47 -16.25
N GLN D 525 -49.17 0.17 -16.67
CA GLN D 525 -50.46 -0.01 -16.01
C GLN D 525 -51.50 -0.47 -17.02
MN MN E . -16.39 9.11 39.22
MN MN F . -16.08 9.71 35.82
PB A12 G . -19.35 7.58 38.13
O1B A12 G . -18.08 7.77 38.91
O2B A12 G . -19.37 8.46 36.92
O3B A12 G . -19.48 6.17 37.67
PA A12 G . -22.33 7.66 38.35
O1A A12 G . -22.36 8.33 37.01
O2A A12 G . -23.41 8.16 39.23
C3A A12 G . -20.76 7.98 39.12
O5' A12 G . -22.49 6.09 38.11
C5' A12 G . -22.42 5.25 39.24
C4' A12 G . -23.18 3.97 38.98
O4' A12 G . -22.49 3.17 37.99
C3' A12 G . -23.27 3.09 40.21
O3' A12 G . -24.39 3.51 40.98
C2' A12 G . -23.44 1.70 39.60
O2' A12 G . -24.75 1.49 39.15
C1' A12 G . -22.52 1.80 38.36
N9 A12 G . -21.15 1.34 38.61
C8 A12 G . -20.05 2.12 38.79
N7 A12 G . -18.94 1.45 39.00
C5 A12 G . -19.36 0.12 38.93
C6 A12 G . -18.65 -1.08 39.04
N6 A12 G . -17.34 -1.15 39.24
N1 A12 G . -19.35 -2.23 38.94
C2 A12 G . -20.67 -2.16 38.72
N3 A12 G . -21.44 -1.08 38.57
C4 A12 G . -20.72 0.04 38.69
MN MN H . 34.97 32.10 -1.19
MN MN I . 32.27 30.93 -2.93
PB A12 J . 35.84 33.13 -4.44
O1B A12 J . 35.67 33.15 -2.95
O2B A12 J . 35.01 32.06 -5.07
O3B A12 J . 35.46 34.42 -5.05
PA A12 J . 37.92 32.79 -6.57
O1A A12 J . 37.02 31.90 -7.34
O2A A12 J . 39.32 32.34 -6.67
C3A A12 J . 37.51 32.78 -4.84
O5' A12 J . 37.77 34.29 -7.08
C5' A12 J . 38.59 35.27 -6.48
C4' A12 J . 38.82 36.40 -7.44
O4' A12 J . 37.54 37.06 -7.65
C3' A12 J . 39.73 37.50 -6.92
O3' A12 J . 41.09 37.20 -7.19
C2' A12 J . 39.24 38.72 -7.69
O2' A12 J . 39.76 38.79 -9.01
C1' A12 J . 37.74 38.45 -7.72
N9 A12 J . 36.99 39.06 -6.62
C8 A12 J . 36.44 38.46 -5.52
N7 A12 J . 35.80 39.28 -4.72
C5 A12 J . 35.94 40.51 -5.35
C6 A12 J . 35.47 41.80 -5.02
N6 A12 J . 34.74 42.06 -3.93
N1 A12 J . 35.79 42.81 -5.86
C2 A12 J . 36.52 42.54 -6.94
N3 A12 J . 37.02 41.38 -7.36
C4 A12 J . 36.68 40.39 -6.50
MN MN K . 13.42 -20.75 -6.71
MN MN L . 14.02 -18.84 -3.88
PB A12 M . 15.65 -22.89 -5.00
O1B A12 M . 14.46 -22.41 -5.76
O2B A12 M . 16.50 -21.76 -4.61
O3B A12 M . 15.20 -23.63 -3.77
PA A12 M . 17.82 -25.01 -5.07
O1A A12 M . 18.50 -24.18 -4.06
O2A A12 M . 18.81 -25.54 -6.04
C3A A12 M . 16.64 -24.00 -5.97
O5' A12 M . 17.04 -26.18 -4.34
C5' A12 M . 16.72 -27.37 -5.02
C4' A12 M . 16.96 -28.55 -4.11
O4' A12 M . 16.04 -28.49 -2.98
C3' A12 M . 16.65 -29.88 -4.76
O3' A12 M . 17.79 -30.30 -5.52
C2' A12 M . 16.38 -30.78 -3.54
O2' A12 M . 17.59 -31.24 -2.95
C1' A12 M . 15.66 -29.79 -2.60
N9 A12 M . 14.20 -29.89 -2.61
C8 A12 M . 13.33 -29.19 -3.42
N7 A12 M . 12.06 -29.46 -3.19
C5 A12 M . 12.10 -30.39 -2.16
C6 A12 M . 11.07 -31.09 -1.46
N6 A12 M . 9.76 -30.92 -1.69
N1 A12 M . 11.45 -31.97 -0.52
C2 A12 M . 12.75 -32.15 -0.29
N3 A12 M . 13.80 -31.57 -0.87
C4 A12 M . 13.40 -30.69 -1.81
MN MN N . -32.45 -20.95 -31.73
MN MN O . -30.51 -22.14 -29.20
PB A12 P . -32.85 -18.23 -29.48
O1B A12 P . -32.61 -18.89 -30.82
O2B A12 P . -32.93 -19.24 -28.42
O3B A12 P . -31.80 -17.26 -29.18
PA A12 P . -34.66 -16.16 -28.23
O1A A12 P . -34.41 -16.85 -26.93
O2A A12 P . -36.06 -15.73 -28.32
C3A A12 P . -34.38 -17.34 -29.54
O5' A12 P . -33.69 -14.93 -28.43
C5' A12 P . -34.03 -14.00 -29.44
C4' A12 P . -33.68 -12.60 -29.01
O4' A12 P . -32.24 -12.50 -28.92
C3' A12 P . -34.06 -11.54 -30.02
O3' A12 P . -35.42 -11.13 -29.85
C2' A12 P . -33.07 -10.43 -29.71
O2' A12 P . -33.44 -9.66 -28.58
C1' A12 P . -31.82 -11.23 -29.36
N9 A12 P . -30.92 -11.40 -30.50
C8 A12 P . -30.86 -12.45 -31.39
N7 A12 P . -29.94 -12.30 -32.32
C5 A12 P . -29.36 -11.08 -32.02
C6 A12 P . -28.33 -10.34 -32.65
N6 A12 P . -27.69 -10.73 -33.76
N1 A12 P . -27.97 -9.17 -32.08
C2 A12 P . -28.65 -8.75 -31.00
N3 A12 P . -29.64 -9.34 -30.34
C4 A12 P . -29.96 -10.51 -30.91
#